data_3B05
#
_entry.id   3B05
#
_cell.length_a   101.617
_cell.length_b   101.617
_cell.length_c   333.078
_cell.angle_alpha   90.00
_cell.angle_beta   90.00
_cell.angle_gamma   90.00
#
_symmetry.space_group_name_H-M   'P 43 21 2'
#
loop_
_entity.id
_entity.type
_entity.pdbx_description
1 polymer 'Isopentenyl-diphosphate delta-isomerase'
2 non-polymer 1-DEOXY-1-(7,8-DIMETHYL-2,4-DIOXO-3,4-DIHYDRO-2H-BENZO[G]PTERIDIN-1-ID-10(5H)-YL)-5-O-PHOSPHONATO-D-RIBITOL
3 non-polymer '3-METHYLBUT-3-ENYL TRIHYDROGEN DIPHOSPHATE'
4 non-polymer 'MAGNESIUM ION'
5 water water
#
_entity_poly.entity_id   1
_entity_poly.type   'polypeptide(L)'
_entity_poly.pdbx_seq_one_letter_code
;MPDIVNRKVEHVEIAAFENVDGLSSSTFLNDVILVHQGFPGISFSEINTKTKFFRKEISVPVMVTGMTGGRNELGRINKI
IAEVAEKFGIPMGVGSQRVAIEKAEARESFAIVRKVAPTIPIIANLGMPQLVKGYGLKEFQDAIQMIEADAIAVHLNPAQ
EVFQPEGEPEYQIYALEKLRDISKELSVPIIVKESGNGISMETAKLLYSYGIKNFDTSGQGGTNWIAIEMIRDIRRGNWK
AESAKNFLDWGVPTAASIMEVRYSVPDSFLVGSGGIRSGLDAAKAIALGADIAGMALPVLKSAIEGKESLEQFFRKIIFE
LKAAMMLTGSKDVDALKKTSIVILGKLKEWAEYRGINLSIYEKVRKRE
;
_entity_poly.pdbx_strand_id   A,B,C,D
#
# COMPACT_ATOMS: atom_id res chain seq x y z
N ASP A 3 46.57 3.57 9.34
CA ASP A 3 45.54 4.64 9.28
C ASP A 3 44.59 4.51 8.08
N ILE A 4 44.94 5.09 6.94
CA ILE A 4 44.16 4.87 5.70
C ILE A 4 44.11 3.37 5.38
N VAL A 5 45.23 2.65 5.59
CA VAL A 5 45.20 1.19 5.37
C VAL A 5 44.26 0.41 6.31
N ASN A 6 44.21 0.80 7.61
CA ASN A 6 43.30 0.24 8.60
C ASN A 6 41.84 0.44 8.17
N ARG A 7 41.54 1.62 7.58
CA ARG A 7 40.22 1.92 7.13
C ARG A 7 39.87 0.95 5.99
N LYS A 8 40.78 0.77 5.06
CA LYS A 8 40.60 -0.13 3.95
C LYS A 8 40.31 -1.53 4.48
N VAL A 9 41.09 -2.03 5.46
CA VAL A 9 40.74 -3.37 6.00
C VAL A 9 39.39 -3.42 6.74
N GLU A 10 39.10 -2.40 7.54
CA GLU A 10 37.87 -2.34 8.29
C GLU A 10 36.65 -2.29 7.34
N HIS A 11 36.79 -1.55 6.23
CA HIS A 11 35.73 -1.53 5.22
C HIS A 11 35.37 -2.95 4.70
N VAL A 12 36.39 -3.70 4.31
CA VAL A 12 36.19 -5.07 3.84
C VAL A 12 35.54 -5.93 4.92
N GLU A 13 36.08 -5.85 6.12
CA GLU A 13 35.57 -6.70 7.18
C GLU A 13 34.14 -6.41 7.62
N ILE A 14 33.78 -5.14 7.61
CA ILE A 14 32.45 -4.78 7.99
C ILE A 14 31.51 -5.18 6.86
N ALA A 15 31.91 -4.90 5.62
CA ALA A 15 31.07 -5.18 4.42
C ALA A 15 30.84 -6.67 4.34
N ALA A 16 31.93 -7.39 4.51
CA ALA A 16 31.88 -8.84 4.38
C ALA A 16 31.10 -9.51 5.50
N PHE A 17 31.20 -8.98 6.73
CA PHE A 17 30.73 -9.74 7.90
C PHE A 17 29.68 -9.11 8.80
N GLU A 18 29.42 -7.80 8.67
CA GLU A 18 28.33 -7.16 9.44
C GLU A 18 27.05 -7.07 8.58
N ASN A 19 25.98 -6.59 9.20
CA ASN A 19 24.72 -6.61 8.52
C ASN A 19 24.51 -5.23 7.87
N VAL A 20 25.05 -5.02 6.67
CA VAL A 20 24.97 -3.68 5.99
C VAL A 20 24.34 -3.76 4.57
N ASP A 21 24.10 -4.97 4.09
CA ASP A 21 23.58 -5.14 2.77
C ASP A 21 22.07 -4.83 2.77
N GLY A 22 21.68 -3.70 2.16
CA GLY A 22 20.26 -3.35 2.09
C GLY A 22 19.65 -2.97 3.45
N LEU A 23 20.51 -2.58 4.40
CA LEU A 23 20.09 -2.17 5.79
C LEU A 23 19.21 -0.93 5.78
N SER A 24 17.90 -1.15 6.08
CA SER A 24 16.88 -0.10 6.07
C SER A 24 16.78 0.67 4.73
N SER A 25 17.22 0.05 3.65
CA SER A 25 17.21 0.70 2.34
C SER A 25 16.54 -0.18 1.32
N SER A 26 16.37 0.32 0.10
CA SER A 26 15.66 -0.44 -0.93
C SER A 26 16.10 -0.01 -2.34
N THR A 27 16.22 -0.98 -3.24
CA THR A 27 16.60 -0.68 -4.62
C THR A 27 15.43 -0.21 -5.45
N PHE A 28 14.20 -0.48 -4.99
CA PHE A 28 12.95 -0.27 -5.70
C PHE A 28 12.78 -1.30 -6.85
N LEU A 29 13.76 -2.17 -7.08
CA LEU A 29 13.66 -3.25 -8.13
C LEU A 29 12.48 -4.20 -7.98
N ASN A 30 11.89 -4.27 -6.79
CA ASN A 30 10.67 -5.01 -6.59
C ASN A 30 9.46 -4.34 -7.22
N ASP A 31 9.61 -3.06 -7.59
CA ASP A 31 8.55 -2.36 -8.31
C ASP A 31 8.76 -2.51 -9.81
N VAL A 32 9.72 -3.33 -10.21
CA VAL A 32 9.97 -3.50 -11.62
C VAL A 32 9.69 -4.93 -11.94
N ILE A 33 8.85 -5.13 -12.95
CA ILE A 33 8.49 -6.47 -13.40
C ILE A 33 8.81 -6.69 -14.89
N LEU A 34 9.50 -7.78 -15.20
CA LEU A 34 9.81 -8.11 -16.60
C LEU A 34 8.64 -8.96 -17.08
N VAL A 35 8.05 -8.64 -18.24
CA VAL A 35 6.83 -9.36 -18.68
C VAL A 35 7.23 -10.69 -19.30
N HIS A 36 6.71 -11.76 -18.72
CA HIS A 36 6.96 -13.12 -19.18
C HIS A 36 6.35 -13.32 -20.56
N GLN A 37 7.05 -14.07 -21.38
CA GLN A 37 6.59 -14.41 -22.70
C GLN A 37 6.52 -15.91 -22.85
N GLY A 38 5.31 -16.49 -22.78
CA GLY A 38 5.24 -17.97 -22.82
C GLY A 38 5.69 -18.57 -24.14
N PHE A 39 5.66 -17.77 -25.23
CA PHE A 39 6.30 -18.14 -26.45
C PHE A 39 7.51 -17.23 -26.72
N PRO A 40 8.69 -17.63 -26.23
CA PRO A 40 9.90 -16.78 -26.39
C PRO A 40 10.30 -16.51 -27.84
N GLY A 41 10.15 -17.49 -28.75
CA GLY A 41 10.56 -17.29 -30.17
C GLY A 41 12.07 -17.58 -30.36
N ILE A 42 12.69 -18.20 -29.35
CA ILE A 42 14.09 -18.47 -29.37
C ILE A 42 14.38 -19.74 -28.60
N SER A 43 15.59 -20.22 -28.77
CA SER A 43 16.09 -21.29 -27.98
C SER A 43 17.14 -20.76 -26.99
N PHE A 44 17.22 -21.40 -25.83
CA PHE A 44 18.16 -21.02 -24.77
C PHE A 44 19.60 -20.92 -25.26
N SER A 45 20.01 -21.91 -26.06
CA SER A 45 21.36 -22.04 -26.59
C SER A 45 21.75 -20.93 -27.59
N GLU A 46 20.76 -20.23 -28.15
CA GLU A 46 21.07 -19.17 -29.09
C GLU A 46 21.19 -17.75 -28.41
N ILE A 47 20.93 -17.67 -27.11
CA ILE A 47 21.03 -16.41 -26.41
C ILE A 47 22.49 -15.90 -26.34
N ASN A 48 22.64 -14.64 -26.73
CA ASN A 48 23.96 -14.00 -26.87
C ASN A 48 24.06 -12.85 -25.86
N THR A 49 25.05 -12.91 -24.99
CA THR A 49 25.21 -12.01 -23.88
C THR A 49 26.39 -11.05 -24.08
N LYS A 50 27.05 -11.15 -25.20
CA LYS A 50 28.18 -10.26 -25.54
C LYS A 50 27.75 -8.83 -25.67
N THR A 51 28.66 -7.92 -25.32
CA THR A 51 28.38 -6.51 -25.39
C THR A 51 29.66 -5.65 -25.39
N LYS A 52 29.48 -4.36 -25.66
CA LYS A 52 30.56 -3.43 -25.68
C LYS A 52 30.88 -2.87 -24.32
N PHE A 53 32.18 -2.71 -24.04
CA PHE A 53 32.70 -1.98 -22.87
C PHE A 53 33.86 -1.09 -23.38
N PHE A 54 33.48 0.08 -23.80
CA PHE A 54 34.41 0.99 -24.50
C PHE A 54 35.03 0.31 -25.74
N ARG A 55 36.33 0.15 -25.79
CA ARG A 55 36.89 -0.44 -27.02
C ARG A 55 37.02 -1.96 -27.00
N LYS A 56 36.61 -2.57 -25.88
CA LYS A 56 36.66 -4.02 -25.77
C LYS A 56 35.28 -4.65 -25.88
N GLU A 57 35.26 -5.93 -26.08
CA GLU A 57 34.06 -6.72 -26.07
C GLU A 57 34.11 -7.56 -24.84
N ILE A 58 33.01 -7.63 -24.12
CA ILE A 58 32.94 -8.42 -22.90
C ILE A 58 31.89 -9.51 -23.07
N SER A 59 31.99 -10.57 -22.28
CA SER A 59 31.18 -11.76 -22.52
C SER A 59 29.73 -11.68 -22.03
N VAL A 60 29.49 -10.81 -21.05
CA VAL A 60 28.25 -10.74 -20.31
C VAL A 60 28.11 -9.25 -19.90
N PRO A 61 26.87 -8.65 -19.92
CA PRO A 61 26.74 -7.20 -19.62
C PRO A 61 26.75 -6.92 -18.08
N VAL A 62 27.79 -7.44 -17.44
CA VAL A 62 27.96 -7.34 -16.03
C VAL A 62 29.41 -6.91 -15.77
N MET A 63 29.62 -6.04 -14.78
CA MET A 63 30.95 -5.74 -14.28
C MET A 63 31.03 -5.91 -12.73
N VAL A 64 32.25 -6.20 -12.24
CA VAL A 64 32.53 -6.05 -10.81
C VAL A 64 33.03 -4.62 -10.58
N THR A 65 32.33 -3.84 -9.75
CA THR A 65 32.72 -2.46 -9.50
C THR A 65 33.81 -2.43 -8.39
N GLY A 66 34.47 -1.28 -8.25
CA GLY A 66 35.62 -1.12 -7.45
C GLY A 66 35.36 -1.37 -5.98
N MET A 67 36.31 -2.02 -5.29
CA MET A 67 36.20 -2.27 -3.84
C MET A 67 37.46 -1.99 -3.00
N THR A 68 38.55 -2.69 -3.31
CA THR A 68 39.64 -2.78 -2.35
C THR A 68 41.04 -2.74 -2.99
N GLY A 69 42.04 -2.98 -2.13
CA GLY A 69 43.40 -2.64 -2.45
C GLY A 69 43.96 -1.81 -1.32
N GLY A 70 45.22 -1.99 -1.04
CA GLY A 70 45.91 -1.16 -0.02
C GLY A 70 46.92 -1.91 0.81
N ARG A 71 46.80 -3.24 0.85
CA ARG A 71 47.61 -4.09 1.73
C ARG A 71 47.59 -5.46 1.09
N ASN A 72 48.54 -6.31 1.48
CA ASN A 72 48.74 -7.54 0.75
C ASN A 72 47.60 -8.56 0.84
N GLU A 73 46.89 -8.64 1.96
CA GLU A 73 45.73 -9.53 2.01
C GLU A 73 44.54 -8.97 1.16
N LEU A 74 44.56 -7.66 0.88
CA LEU A 74 43.57 -6.99 0.04
C LEU A 74 43.89 -7.26 -1.43
N GLY A 75 45.18 -7.34 -1.75
CA GLY A 75 45.62 -7.75 -3.08
C GLY A 75 45.27 -9.20 -3.39
N ARG A 76 45.36 -10.05 -2.38
CA ARG A 76 45.03 -11.44 -2.59
C ARG A 76 43.53 -11.60 -2.94
N ILE A 77 42.67 -10.81 -2.33
CA ILE A 77 41.25 -10.72 -2.75
C ILE A 77 41.13 -10.15 -4.18
N ASN A 78 41.81 -9.05 -4.47
CA ASN A 78 41.83 -8.51 -5.85
C ASN A 78 42.30 -9.56 -6.91
N LYS A 79 43.27 -10.36 -6.52
CA LYS A 79 43.82 -11.38 -7.39
C LYS A 79 42.79 -12.42 -7.73
N ILE A 80 42.10 -12.92 -6.70
CA ILE A 80 41.00 -13.87 -6.91
C ILE A 80 39.91 -13.28 -7.83
N ILE A 81 39.46 -12.06 -7.54
CA ILE A 81 38.39 -11.49 -8.34
C ILE A 81 38.81 -11.37 -9.78
N ALA A 82 40.01 -10.83 -9.96
CA ALA A 82 40.59 -10.55 -11.25
C ALA A 82 40.79 -11.80 -12.09
N GLU A 83 41.32 -12.87 -11.51
CA GLU A 83 41.50 -14.07 -12.32
C GLU A 83 40.18 -14.76 -12.73
N VAL A 84 39.13 -14.63 -11.91
CA VAL A 84 37.83 -15.17 -12.28
C VAL A 84 37.20 -14.25 -13.33
N ALA A 85 37.37 -12.95 -13.16
CA ALA A 85 36.78 -11.98 -14.10
C ALA A 85 37.34 -12.24 -15.46
N GLU A 86 38.66 -12.50 -15.50
CA GLU A 86 39.41 -12.75 -16.73
C GLU A 86 38.87 -14.03 -17.35
N LYS A 87 38.73 -15.05 -16.53
CA LYS A 87 38.14 -16.30 -17.02
C LYS A 87 36.73 -16.12 -17.65
N PHE A 88 35.88 -15.27 -17.04
CA PHE A 88 34.52 -15.10 -17.55
C PHE A 88 34.38 -13.99 -18.57
N GLY A 89 35.46 -13.23 -18.75
CA GLY A 89 35.43 -12.14 -19.74
C GLY A 89 34.59 -10.98 -19.22
N ILE A 90 34.67 -10.68 -17.94
CA ILE A 90 33.96 -9.52 -17.44
C ILE A 90 34.82 -8.42 -16.84
N PRO A 91 34.42 -7.17 -17.01
CA PRO A 91 35.21 -6.05 -16.57
C PRO A 91 35.31 -6.01 -15.03
N MET A 92 36.43 -5.50 -14.54
CA MET A 92 36.63 -5.31 -13.11
C MET A 92 37.20 -3.93 -12.80
N GLY A 93 36.59 -3.24 -11.83
CA GLY A 93 37.15 -2.03 -11.27
C GLY A 93 37.86 -2.37 -9.98
N VAL A 94 38.88 -1.55 -9.63
CA VAL A 94 39.58 -1.76 -8.37
C VAL A 94 39.05 -0.73 -7.42
N GLY A 95 39.28 -0.94 -6.13
CA GLY A 95 39.00 0.06 -5.12
C GLY A 95 39.85 1.34 -5.22
N SER A 96 39.49 2.36 -4.43
CA SER A 96 40.22 3.60 -4.46
C SER A 96 41.73 3.40 -4.36
N GLN A 97 42.44 3.97 -5.32
CA GLN A 97 43.88 3.89 -5.35
C GLN A 97 44.59 5.01 -4.52
N ARG A 98 43.84 5.88 -3.85
CA ARG A 98 44.42 6.92 -3.04
C ARG A 98 45.51 6.26 -2.18
N VAL A 99 45.13 5.22 -1.45
CA VAL A 99 46.08 4.47 -0.58
C VAL A 99 47.43 4.14 -1.24
N ALA A 100 47.41 3.71 -2.50
CA ALA A 100 48.63 3.49 -3.27
C ALA A 100 49.34 4.75 -3.76
N ILE A 101 48.61 5.82 -4.02
CA ILE A 101 49.26 7.10 -4.26
C ILE A 101 50.02 7.54 -2.98
N GLU A 102 49.45 7.32 -1.81
CA GLU A 102 50.05 7.82 -0.57
C GLU A 102 51.23 6.91 -0.09
N LYS A 103 51.19 5.62 -0.47
CA LYS A 103 52.07 4.59 0.11
C LYS A 103 52.47 3.60 -1.00
N ALA A 104 53.70 3.69 -1.45
CA ALA A 104 54.23 2.79 -2.47
C ALA A 104 54.07 1.26 -2.18
N GLU A 105 54.00 0.87 -0.91
CA GLU A 105 53.85 -0.56 -0.57
C GLU A 105 52.46 -1.09 -0.92
N ALA A 106 51.52 -0.19 -1.18
CA ALA A 106 50.14 -0.57 -1.50
C ALA A 106 49.93 -0.80 -3.00
N ARG A 107 50.90 -0.41 -3.82
CA ARG A 107 50.75 -0.48 -5.29
C ARG A 107 50.51 -1.89 -5.83
N GLU A 108 51.30 -2.83 -5.30
CA GLU A 108 51.27 -4.19 -5.73
C GLU A 108 49.89 -4.85 -5.50
N SER A 109 49.18 -4.47 -4.43
CA SER A 109 47.83 -5.00 -4.22
C SER A 109 46.84 -4.52 -5.34
N PHE A 110 47.23 -3.51 -6.11
CA PHE A 110 46.48 -3.14 -7.33
C PHE A 110 47.01 -3.74 -8.63
N ALA A 111 48.33 -3.60 -8.83
CA ALA A 111 48.98 -4.03 -10.06
C ALA A 111 48.71 -5.51 -10.31
N ILE A 112 48.53 -6.30 -9.25
CA ILE A 112 48.32 -7.78 -9.37
C ILE A 112 47.12 -8.11 -10.27
N VAL A 113 46.11 -7.23 -10.25
CA VAL A 113 44.93 -7.33 -11.10
C VAL A 113 45.28 -7.51 -12.60
N ARG A 114 46.06 -6.60 -13.15
CA ARG A 114 46.47 -6.67 -14.55
C ARG A 114 47.39 -7.89 -14.85
N LYS A 115 48.19 -8.32 -13.87
CA LYS A 115 49.06 -9.48 -14.14
C LYS A 115 48.20 -10.71 -14.46
N VAL A 116 47.16 -10.91 -13.66
CA VAL A 116 46.34 -12.09 -13.81
C VAL A 116 45.16 -11.89 -14.72
N ALA A 117 44.92 -10.66 -15.14
CA ALA A 117 43.81 -10.39 -16.07
C ALA A 117 44.26 -9.51 -17.20
N PRO A 118 45.06 -10.09 -18.15
CA PRO A 118 45.69 -9.30 -19.20
C PRO A 118 44.72 -8.77 -20.27
N THR A 119 43.56 -9.40 -20.43
CA THR A 119 42.69 -9.00 -21.57
C THR A 119 41.43 -8.21 -21.21
N ILE A 120 40.79 -8.47 -20.06
CA ILE A 120 39.52 -7.75 -19.71
C ILE A 120 39.67 -6.28 -19.46
N PRO A 121 38.56 -5.51 -19.56
CA PRO A 121 38.70 -4.10 -19.18
C PRO A 121 38.96 -4.01 -17.68
N ILE A 122 39.91 -3.15 -17.31
CA ILE A 122 40.19 -2.93 -15.88
C ILE A 122 39.97 -1.45 -15.62
N ILE A 123 39.32 -1.11 -14.53
CA ILE A 123 38.92 0.27 -14.29
C ILE A 123 39.63 0.78 -13.03
N ALA A 124 40.37 1.88 -13.17
CA ALA A 124 41.01 2.58 -12.03
C ALA A 124 39.96 3.28 -11.13
N ASN A 125 40.38 3.79 -9.98
CA ASN A 125 39.46 4.41 -9.05
C ASN A 125 40.15 5.51 -8.27
N LEU A 126 39.54 6.69 -8.22
CA LEU A 126 39.92 7.73 -7.31
C LEU A 126 38.69 8.46 -6.83
N GLY A 127 38.79 9.05 -5.65
CA GLY A 127 37.69 9.75 -5.07
C GLY A 127 37.64 11.22 -5.43
N MET A 128 36.43 11.71 -5.68
CA MET A 128 36.21 13.10 -6.06
C MET A 128 36.84 14.07 -5.04
N PRO A 129 36.72 13.81 -3.72
CA PRO A 129 37.31 14.74 -2.72
C PRO A 129 38.81 15.01 -2.97
N GLN A 130 39.53 14.04 -3.51
CA GLN A 130 40.96 14.16 -3.62
C GLN A 130 41.23 15.21 -4.65
N LEU A 131 40.29 15.36 -5.57
CA LEU A 131 40.36 16.41 -6.60
C LEU A 131 40.28 17.83 -6.07
N VAL A 132 39.47 18.05 -5.04
CA VAL A 132 39.40 19.39 -4.44
C VAL A 132 40.56 19.59 -3.51
N LYS A 133 41.23 18.48 -3.15
CA LYS A 133 42.36 18.48 -2.24
C LYS A 133 43.70 18.19 -2.96
N GLY A 134 43.89 18.69 -4.16
CA GLY A 134 45.26 18.61 -4.69
C GLY A 134 45.62 17.57 -5.75
N TYR A 135 44.80 16.54 -5.96
CA TYR A 135 45.10 15.64 -7.10
C TYR A 135 44.89 16.31 -8.46
N GLY A 136 45.54 15.78 -9.49
CA GLY A 136 45.37 16.32 -10.81
C GLY A 136 45.73 15.26 -11.79
N LEU A 137 46.14 15.69 -12.98
CA LEU A 137 46.52 14.80 -14.05
C LEU A 137 47.44 13.67 -13.64
N LYS A 138 48.52 13.99 -12.94
CA LYS A 138 49.56 13.03 -12.63
C LYS A 138 49.04 11.89 -11.82
N GLU A 139 48.32 12.22 -10.75
CA GLU A 139 47.72 11.19 -9.96
C GLU A 139 46.72 10.34 -10.78
N PHE A 140 46.00 10.97 -11.71
CA PHE A 140 45.09 10.18 -12.55
C PHE A 140 45.87 9.22 -13.42
N GLN A 141 47.01 9.68 -13.98
CA GLN A 141 47.78 8.88 -14.93
C GLN A 141 48.48 7.81 -14.24
N ASP A 142 48.85 8.08 -12.98
CA ASP A 142 49.43 7.05 -12.17
C ASP A 142 48.46 5.95 -11.81
N ALA A 143 47.25 6.33 -11.35
CA ALA A 143 46.22 5.31 -11.03
C ALA A 143 46.00 4.45 -12.27
N ILE A 144 45.96 5.08 -13.42
CA ILE A 144 45.79 4.35 -14.67
C ILE A 144 46.93 3.41 -15.04
N GLN A 145 48.19 3.87 -15.02
CA GLN A 145 49.32 3.02 -15.47
C GLN A 145 49.58 1.87 -14.48
N MET A 146 49.30 2.12 -13.21
CA MET A 146 49.47 1.13 -12.15
C MET A 146 48.83 -0.23 -12.48
N ILE A 147 47.75 -0.21 -13.27
CA ILE A 147 47.02 -1.40 -13.64
C ILE A 147 46.67 -1.39 -15.15
N GLU A 148 47.39 -0.59 -15.92
CA GLU A 148 47.12 -0.38 -17.37
C GLU A 148 45.61 -0.40 -17.64
N ALA A 149 44.93 0.46 -16.91
CA ALA A 149 43.50 0.56 -16.93
C ALA A 149 42.92 0.91 -18.30
N ASP A 150 41.69 0.45 -18.54
CA ASP A 150 41.02 0.87 -19.74
C ASP A 150 40.09 2.06 -19.54
N ALA A 151 39.91 2.48 -18.27
CA ALA A 151 39.06 3.60 -17.87
C ALA A 151 39.41 3.94 -16.44
N ILE A 152 38.99 5.09 -15.96
CA ILE A 152 39.15 5.37 -14.57
C ILE A 152 37.79 5.80 -14.02
N ALA A 153 37.42 5.29 -12.84
CA ALA A 153 36.21 5.75 -12.17
C ALA A 153 36.58 6.78 -11.15
N VAL A 154 35.79 7.85 -11.08
CA VAL A 154 35.88 8.80 -10.02
C VAL A 154 34.63 8.67 -9.15
N HIS A 155 34.80 8.29 -7.89
CA HIS A 155 33.64 8.09 -7.02
C HIS A 155 33.10 9.32 -6.30
N LEU A 156 31.76 9.35 -6.20
CA LEU A 156 31.02 10.30 -5.41
C LEU A 156 30.67 9.59 -4.10
N ASN A 157 31.00 10.20 -2.98
CA ASN A 157 30.69 9.54 -1.72
C ASN A 157 30.51 10.53 -0.60
N PRO A 158 29.78 11.60 -0.88
CA PRO A 158 29.65 12.61 0.17
C PRO A 158 28.86 12.11 1.43
N ALA A 159 27.95 11.18 1.23
CA ALA A 159 27.18 10.67 2.36
C ALA A 159 28.13 9.86 3.20
N GLN A 160 28.90 9.00 2.56
CA GLN A 160 29.95 8.32 3.29
C GLN A 160 30.91 9.27 4.01
N GLU A 161 31.45 10.27 3.31
CA GLU A 161 32.42 11.15 3.95
C GLU A 161 31.76 11.90 5.14
N VAL A 162 30.49 12.34 4.99
CA VAL A 162 29.85 13.06 6.07
C VAL A 162 29.81 12.24 7.38
N PHE A 163 29.74 10.91 7.30
CA PHE A 163 29.57 10.09 8.56
C PHE A 163 30.85 9.35 8.91
N GLN A 164 31.76 9.26 7.96
CA GLN A 164 33.05 8.60 8.13
C GLN A 164 33.74 9.36 9.23
N PRO A 165 34.33 8.65 10.24
CA PRO A 165 35.05 9.32 11.36
C PRO A 165 36.11 10.33 10.88
N GLU A 166 37.01 9.90 9.98
CA GLU A 166 38.04 10.78 9.38
C GLU A 166 37.62 11.29 7.97
N GLY A 167 36.31 11.42 7.74
CA GLY A 167 35.77 11.75 6.42
C GLY A 167 36.13 13.16 6.00
N GLU A 168 35.95 13.40 4.68
CA GLU A 168 36.34 14.63 4.04
C GLU A 168 35.25 15.11 3.07
N PRO A 169 34.21 15.80 3.60
CA PRO A 169 33.06 16.12 2.74
C PRO A 169 33.28 17.44 1.98
N GLU A 170 34.09 17.36 0.94
CA GLU A 170 34.50 18.51 0.13
C GLU A 170 34.11 18.29 -1.33
N TYR A 171 33.11 19.00 -1.80
CA TYR A 171 32.60 18.77 -3.14
C TYR A 171 32.43 20.06 -3.91
N GLN A 172 33.46 20.92 -3.80
CA GLN A 172 33.44 22.22 -4.43
C GLN A 172 33.36 22.04 -5.90
N ILE A 173 32.62 22.95 -6.51
CA ILE A 173 32.37 22.91 -7.93
C ILE A 173 33.64 22.91 -8.79
N TYR A 174 34.70 23.57 -8.31
CA TYR A 174 36.02 23.53 -8.93
C TYR A 174 36.55 22.12 -9.28
N ALA A 175 36.26 21.11 -8.45
CA ALA A 175 36.61 19.73 -8.79
C ALA A 175 36.17 19.28 -10.22
N LEU A 176 34.99 19.71 -10.63
CA LEU A 176 34.52 19.37 -11.96
C LEU A 176 35.24 20.14 -13.05
N GLU A 177 35.62 21.39 -12.76
CA GLU A 177 36.47 22.14 -13.70
C GLU A 177 37.76 21.39 -13.94
N LYS A 178 38.30 20.79 -12.89
CA LYS A 178 39.54 20.06 -12.98
C LYS A 178 39.36 18.75 -13.69
N LEU A 179 38.28 18.04 -13.35
CA LEU A 179 38.04 16.74 -13.94
C LEU A 179 38.00 16.92 -15.44
N ARG A 180 37.30 17.95 -15.87
CA ARG A 180 37.09 18.19 -17.30
C ARG A 180 38.42 18.50 -18.03
N ASP A 181 39.29 19.28 -17.38
CA ASP A 181 40.63 19.55 -17.91
C ASP A 181 41.47 18.30 -17.96
N ILE A 182 41.42 17.49 -16.89
CA ILE A 182 42.14 16.22 -16.87
C ILE A 182 41.70 15.31 -18.01
N SER A 183 40.39 15.30 -18.28
CA SER A 183 39.82 14.36 -19.27
C SER A 183 40.37 14.64 -20.64
N LYS A 184 40.75 15.89 -20.83
CA LYS A 184 41.44 16.35 -22.06
C LYS A 184 42.69 15.60 -22.42
N GLU A 185 43.39 15.17 -21.39
CA GLU A 185 44.74 14.73 -21.48
C GLU A 185 44.84 13.22 -21.24
N LEU A 186 43.78 12.63 -20.69
CA LEU A 186 43.75 11.20 -20.43
C LEU A 186 43.59 10.45 -21.74
N SER A 187 44.13 9.25 -21.83
CA SER A 187 43.91 8.46 -23.04
C SER A 187 42.81 7.36 -22.85
N VAL A 188 42.22 7.31 -21.66
CA VAL A 188 41.08 6.40 -21.41
C VAL A 188 39.90 7.24 -20.91
N PRO A 189 38.65 6.72 -21.05
CA PRO A 189 37.49 7.50 -20.52
C PRO A 189 37.34 7.53 -19.01
N ILE A 190 36.70 8.59 -18.55
CA ILE A 190 36.20 8.68 -17.15
C ILE A 190 34.75 8.22 -16.98
N ILE A 191 34.49 7.55 -15.84
CA ILE A 191 33.18 7.09 -15.42
C ILE A 191 33.02 7.73 -14.07
N VAL A 192 31.88 8.38 -13.85
CA VAL A 192 31.60 8.88 -12.49
C VAL A 192 30.60 7.90 -11.88
N LYS A 193 30.91 7.45 -10.65
CA LYS A 193 30.09 6.44 -9.99
C LYS A 193 29.76 6.93 -8.60
N GLU A 194 28.62 6.49 -8.06
CA GLU A 194 28.31 6.84 -6.65
C GLU A 194 28.78 5.68 -5.78
N SER A 195 28.30 5.65 -4.55
CA SER A 195 28.77 4.65 -3.64
C SER A 195 27.72 4.29 -2.67
N GLY A 196 26.56 3.91 -3.19
CA GLY A 196 25.45 3.37 -2.37
C GLY A 196 24.30 4.32 -2.20
N ASN A 197 24.43 5.56 -2.70
CA ASN A 197 23.41 6.57 -2.45
C ASN A 197 22.83 7.14 -3.75
N GLY A 198 23.29 6.65 -4.89
CA GLY A 198 22.55 6.88 -6.12
C GLY A 198 22.76 8.21 -6.83
N ILE A 199 22.66 8.21 -8.16
CA ILE A 199 22.76 9.43 -8.96
C ILE A 199 21.43 9.97 -9.42
N SER A 200 21.19 11.24 -9.12
CA SER A 200 19.94 11.91 -9.43
C SER A 200 20.07 12.57 -10.81
N MET A 201 18.94 12.96 -11.40
CA MET A 201 18.99 13.81 -12.61
C MET A 201 19.76 15.08 -12.51
N GLU A 202 19.69 15.83 -11.39
CA GLU A 202 20.45 17.08 -11.30
C GLU A 202 21.94 16.82 -11.28
N THR A 203 22.36 15.78 -10.52
CA THR A 203 23.74 15.39 -10.51
C THR A 203 24.21 14.88 -11.88
N ALA A 204 23.43 14.03 -12.52
CA ALA A 204 23.80 13.55 -13.84
C ALA A 204 23.95 14.71 -14.86
N LYS A 205 22.96 15.56 -14.92
CA LYS A 205 23.02 16.72 -15.84
C LYS A 205 24.21 17.64 -15.58
N LEU A 206 24.54 17.83 -14.31
CA LEU A 206 25.62 18.69 -13.95
C LEU A 206 26.96 18.06 -14.43
N LEU A 207 27.17 16.79 -14.10
CA LEU A 207 28.34 16.07 -14.59
C LEU A 207 28.42 16.14 -16.12
N TYR A 208 27.30 15.87 -16.78
CA TYR A 208 27.21 15.90 -18.26
C TYR A 208 27.64 17.25 -18.84
N SER A 209 27.31 18.33 -18.14
CA SER A 209 27.63 19.65 -18.57
C SER A 209 29.14 19.88 -18.50
N TYR A 210 29.81 19.06 -17.70
CA TYR A 210 31.26 19.12 -17.66
C TYR A 210 31.90 18.06 -18.50
N GLY A 211 31.14 17.42 -19.39
CA GLY A 211 31.77 16.43 -20.31
C GLY A 211 31.68 14.96 -19.91
N ILE A 212 31.16 14.65 -18.72
CA ILE A 212 31.06 13.26 -18.29
C ILE A 212 29.87 12.62 -18.98
N LYS A 213 30.10 11.43 -19.58
CA LYS A 213 29.14 10.71 -20.43
C LYS A 213 28.92 9.26 -19.90
N ASN A 214 29.75 8.87 -18.94
CA ASN A 214 29.72 7.51 -18.40
C ASN A 214 29.38 7.57 -16.91
N PHE A 215 28.32 6.84 -16.52
CA PHE A 215 27.80 6.89 -15.16
C PHE A 215 27.64 5.51 -14.57
N ASP A 216 27.73 5.40 -13.23
CA ASP A 216 27.44 4.16 -12.54
C ASP A 216 26.58 4.51 -11.34
N THR A 217 25.30 4.09 -11.38
CA THR A 217 24.30 4.59 -10.45
C THR A 217 24.64 4.38 -8.95
N SER A 218 25.10 3.19 -8.61
CA SER A 218 25.40 2.81 -7.21
C SER A 218 24.35 3.37 -6.27
N GLY A 219 23.12 2.92 -6.46
CA GLY A 219 22.05 3.49 -5.73
C GLY A 219 21.91 2.75 -4.42
N GLN A 220 21.04 3.28 -3.59
CA GLN A 220 20.70 2.63 -2.31
C GLN A 220 19.93 1.35 -2.50
N GLY A 221 20.08 0.45 -1.52
CA GLY A 221 19.39 -0.83 -1.61
C GLY A 221 20.36 -1.99 -1.51
N GLY A 222 21.66 -1.70 -1.74
CA GLY A 222 22.68 -2.70 -1.63
C GLY A 222 23.56 -2.28 -0.53
N THR A 223 24.86 -2.28 -0.74
CA THR A 223 25.74 -1.97 0.34
C THR A 223 25.37 -0.61 0.82
N ASN A 224 25.20 -0.50 2.13
CA ASN A 224 24.92 0.76 2.77
C ASN A 224 26.13 1.33 3.48
N TRP A 225 26.71 2.34 2.82
CA TRP A 225 27.99 2.90 3.21
C TRP A 225 27.82 3.85 4.38
N ILE A 226 26.62 4.42 4.47
CA ILE A 226 26.27 5.14 5.69
C ILE A 226 26.27 4.12 6.88
N ALA A 227 25.76 2.92 6.66
CA ALA A 227 25.76 1.92 7.71
C ALA A 227 27.16 1.47 8.09
N ILE A 228 28.05 1.35 7.10
CA ILE A 228 29.42 0.93 7.35
C ILE A 228 30.16 1.93 8.23
N GLU A 229 30.05 3.20 7.88
CA GLU A 229 30.61 4.26 8.68
C GLU A 229 29.95 4.41 10.04
N MET A 230 28.63 4.20 10.11
CA MET A 230 27.94 4.22 11.36
C MET A 230 28.60 3.22 12.32
N ILE A 231 28.84 2.01 11.79
CA ILE A 231 29.47 0.93 12.53
C ILE A 231 30.87 1.31 12.93
N ARG A 232 31.62 1.98 12.05
CA ARG A 232 32.98 2.44 12.43
C ARG A 232 32.87 3.49 13.57
N ASP A 233 31.92 4.40 13.45
CA ASP A 233 31.61 5.32 14.54
C ASP A 233 31.21 4.64 15.89
N ILE A 234 30.34 3.64 15.87
CA ILE A 234 29.99 2.97 17.10
C ILE A 234 31.27 2.40 17.71
N ARG A 235 32.05 1.72 16.88
CA ARG A 235 33.32 1.17 17.30
C ARG A 235 34.27 2.20 17.97
N ARG A 236 34.33 3.42 17.43
CA ARG A 236 35.19 4.46 18.05
C ARG A 236 34.48 5.24 19.15
N GLY A 237 33.25 4.86 19.48
CA GLY A 237 32.34 5.65 20.32
C GLY A 237 32.19 7.07 19.85
N ASN A 238 32.13 7.29 18.52
CA ASN A 238 32.02 8.64 17.92
C ASN A 238 30.54 8.95 17.85
N TRP A 239 30.13 10.11 18.36
CA TRP A 239 28.67 10.37 18.47
C TRP A 239 27.93 10.43 17.08
N LYS A 240 28.68 10.64 15.99
CA LYS A 240 28.06 10.66 14.66
C LYS A 240 27.23 9.42 14.37
N ALA A 241 27.45 8.35 15.14
CA ALA A 241 26.81 7.07 14.90
C ALA A 241 25.27 7.15 14.98
N GLU A 242 24.77 7.89 15.96
CA GLU A 242 23.33 7.93 16.18
C GLU A 242 22.75 8.76 15.05
N SER A 243 23.49 9.76 14.59
CA SER A 243 23.00 10.56 13.47
C SER A 243 22.95 9.74 12.19
N ALA A 244 23.94 8.87 11.97
CA ALA A 244 24.01 8.08 10.75
C ALA A 244 22.79 7.19 10.72
N LYS A 245 22.42 6.73 11.88
CA LYS A 245 21.26 5.90 11.95
C LYS A 245 20.03 6.59 11.32
N ASN A 246 19.86 7.91 11.53
CA ASN A 246 18.75 8.66 10.95
C ASN A 246 18.85 8.82 9.43
N PHE A 247 20.02 8.50 8.87
CA PHE A 247 20.26 8.61 7.43
C PHE A 247 20.38 7.28 6.70
N LEU A 248 20.09 6.17 7.39
CA LEU A 248 20.22 4.84 6.80
C LEU A 248 19.46 4.66 5.49
N ASP A 249 18.31 5.34 5.35
CA ASP A 249 17.51 5.16 4.15
C ASP A 249 17.67 6.37 3.20
N TRP A 250 18.79 7.07 3.37
CA TRP A 250 19.09 8.27 2.52
C TRP A 250 19.54 7.78 1.15
N GLY A 251 19.06 8.44 0.07
CA GLY A 251 19.67 8.21 -1.26
C GLY A 251 18.67 7.91 -2.35
N VAL A 252 19.15 7.82 -3.60
CA VAL A 252 18.30 7.44 -4.69
C VAL A 252 18.33 5.94 -4.86
N PRO A 253 17.15 5.28 -4.78
CA PRO A 253 17.15 3.86 -4.98
C PRO A 253 17.68 3.50 -6.40
N THR A 254 18.43 2.42 -6.48
CA THR A 254 19.03 2.00 -7.74
C THR A 254 18.08 2.05 -8.95
N ALA A 255 16.87 1.51 -8.81
CA ALA A 255 15.96 1.52 -9.95
C ALA A 255 15.54 2.91 -10.37
N ALA A 256 15.28 3.77 -9.40
CA ALA A 256 14.96 5.17 -9.67
C ALA A 256 16.18 5.94 -10.29
N SER A 257 17.38 5.69 -9.78
CA SER A 257 18.60 6.29 -10.34
C SER A 257 18.85 5.84 -11.78
N ILE A 258 18.62 4.59 -12.09
CA ILE A 258 18.78 4.16 -13.47
C ILE A 258 17.79 4.99 -14.34
N MET A 259 16.53 5.10 -13.92
CA MET A 259 15.55 5.80 -14.75
C MET A 259 16.00 7.27 -14.84
N GLU A 260 16.43 7.84 -13.72
CA GLU A 260 16.79 9.27 -13.75
C GLU A 260 17.94 9.57 -14.71
N VAL A 261 18.97 8.73 -14.69
CA VAL A 261 20.11 9.00 -15.53
C VAL A 261 19.78 8.78 -17.00
N ARG A 262 19.10 7.67 -17.29
CA ARG A 262 18.82 7.34 -18.66
C ARG A 262 17.87 8.44 -19.20
N TYR A 263 17.00 8.95 -18.36
CA TYR A 263 16.05 9.93 -18.79
C TYR A 263 16.70 11.28 -19.02
N SER A 264 17.60 11.68 -18.12
CA SER A 264 18.10 13.05 -18.22
C SER A 264 19.34 13.06 -19.07
N VAL A 265 19.95 11.92 -19.27
CA VAL A 265 21.06 11.87 -20.20
C VAL A 265 21.01 10.67 -21.09
N PRO A 266 20.18 10.79 -22.16
CA PRO A 266 19.71 9.62 -22.95
C PRO A 266 20.83 8.91 -23.66
N ASP A 267 21.91 9.63 -24.02
CA ASP A 267 23.03 9.02 -24.73
C ASP A 267 24.14 8.48 -23.78
N SER A 268 23.86 8.50 -22.48
CA SER A 268 24.90 8.00 -21.54
C SER A 268 25.22 6.55 -21.69
N PHE A 269 26.46 6.19 -21.35
CA PHE A 269 26.79 4.84 -21.12
C PHE A 269 26.62 4.63 -19.60
N LEU A 270 25.80 3.63 -19.23
CA LEU A 270 25.23 3.56 -17.91
C LEU A 270 25.37 2.17 -17.24
N VAL A 271 26.04 2.17 -16.10
CA VAL A 271 26.15 0.98 -15.27
C VAL A 271 25.06 1.11 -14.22
N GLY A 272 24.21 0.11 -14.16
CA GLY A 272 23.19 0.10 -13.15
C GLY A 272 23.68 -0.76 -11.98
N SER A 273 23.87 -0.16 -10.82
CA SER A 273 24.41 -0.93 -9.69
C SER A 273 23.92 -0.38 -8.36
N GLY A 274 24.17 -1.19 -7.33
CA GLY A 274 23.76 -0.89 -5.96
C GLY A 274 22.67 -1.89 -5.71
N GLY A 275 23.03 -3.04 -5.10
CA GLY A 275 22.04 -3.99 -4.68
C GLY A 275 21.71 -4.99 -5.77
N ILE A 276 22.55 -5.08 -6.80
CA ILE A 276 22.36 -6.14 -7.78
C ILE A 276 22.84 -7.50 -7.20
N ARG A 277 21.92 -8.45 -6.96
CA ARG A 277 22.29 -9.68 -6.21
C ARG A 277 22.04 -10.98 -6.97
N SER A 278 21.52 -10.88 -8.19
CA SER A 278 21.12 -12.05 -8.98
C SER A 278 21.07 -11.62 -10.42
N GLY A 279 21.06 -12.57 -11.33
CA GLY A 279 21.02 -12.22 -12.74
C GLY A 279 19.67 -11.69 -13.13
N LEU A 280 18.67 -12.01 -12.32
CA LEU A 280 17.36 -11.34 -12.45
C LEU A 280 17.45 -9.85 -12.15
N ASP A 281 18.09 -9.48 -11.05
CA ASP A 281 18.33 -8.04 -10.79
C ASP A 281 19.11 -7.38 -11.93
N ALA A 282 20.12 -8.08 -12.45
CA ALA A 282 20.90 -7.54 -13.55
C ALA A 282 20.00 -7.31 -14.79
N ALA A 283 19.09 -8.23 -15.06
CA ALA A 283 18.26 -8.13 -16.26
C ALA A 283 17.30 -6.94 -16.11
N LYS A 284 16.75 -6.81 -14.92
CA LYS A 284 15.89 -5.69 -14.60
C LYS A 284 16.62 -4.39 -14.79
N ALA A 285 17.86 -4.30 -14.25
CA ALA A 285 18.64 -3.06 -14.38
C ALA A 285 18.84 -2.64 -15.82
N ILE A 286 19.19 -3.61 -16.64
CA ILE A 286 19.39 -3.42 -18.05
C ILE A 286 18.05 -3.09 -18.76
N ALA A 287 17.03 -3.94 -18.58
CA ALA A 287 15.75 -3.65 -19.22
C ALA A 287 15.30 -2.23 -18.87
N LEU A 288 15.53 -1.81 -17.65
CA LEU A 288 15.09 -0.44 -17.22
C LEU A 288 15.88 0.67 -17.86
N GLY A 289 17.09 0.41 -18.29
CA GLY A 289 17.79 1.51 -18.94
C GLY A 289 19.29 1.42 -18.84
N ALA A 290 19.79 0.52 -18.01
CA ALA A 290 21.25 0.44 -17.89
C ALA A 290 21.82 -0.26 -19.11
N ASP A 291 23.08 0.01 -19.41
CA ASP A 291 23.80 -0.77 -20.45
C ASP A 291 24.44 -1.99 -19.87
N ILE A 292 24.77 -1.87 -18.61
CA ILE A 292 25.40 -2.96 -17.94
C ILE A 292 25.04 -2.97 -16.46
N ALA A 293 25.09 -4.15 -15.89
CA ALA A 293 24.81 -4.27 -14.46
C ALA A 293 26.09 -4.40 -13.66
N GLY A 294 26.25 -3.62 -12.59
CA GLY A 294 27.44 -3.77 -11.73
C GLY A 294 27.18 -4.42 -10.35
N MET A 295 28.20 -5.09 -9.82
CA MET A 295 28.06 -5.77 -8.51
C MET A 295 29.35 -5.60 -7.76
N ALA A 296 29.26 -5.46 -6.44
CA ALA A 296 30.50 -5.43 -5.65
C ALA A 296 30.45 -6.41 -4.48
N LEU A 297 29.64 -6.09 -3.45
CA LEU A 297 29.54 -6.89 -2.21
C LEU A 297 29.43 -8.41 -2.40
N PRO A 298 28.45 -8.92 -3.22
CA PRO A 298 28.36 -10.38 -3.29
C PRO A 298 29.59 -11.01 -3.93
N VAL A 299 30.23 -10.27 -4.81
CA VAL A 299 31.49 -10.75 -5.37
C VAL A 299 32.53 -10.79 -4.25
N LEU A 300 32.58 -9.79 -3.36
CA LEU A 300 33.52 -9.79 -2.29
C LEU A 300 33.34 -10.99 -1.39
N LYS A 301 32.09 -11.25 -0.99
CA LYS A 301 31.81 -12.36 -0.06
C LYS A 301 32.20 -13.70 -0.70
N SER A 302 32.00 -13.86 -2.00
CA SER A 302 32.37 -15.14 -2.63
C SER A 302 33.85 -15.25 -2.80
N ALA A 303 34.50 -14.14 -3.18
CA ALA A 303 35.97 -14.19 -3.32
C ALA A 303 36.64 -14.61 -2.01
N ILE A 304 36.13 -14.10 -0.92
CA ILE A 304 36.64 -14.43 0.40
C ILE A 304 36.50 -15.92 0.66
N GLU A 305 35.38 -16.53 0.26
CA GLU A 305 35.22 -17.97 0.33
C GLU A 305 36.18 -18.76 -0.58
N GLY A 306 36.68 -18.13 -1.65
CA GLY A 306 37.62 -18.77 -2.55
C GLY A 306 37.29 -18.68 -4.03
N LYS A 307 38.29 -19.00 -4.85
CA LYS A 307 38.21 -18.98 -6.31
C LYS A 307 37.02 -19.82 -6.80
N GLU A 308 36.87 -21.04 -6.29
CA GLU A 308 35.80 -21.89 -6.80
C GLU A 308 34.42 -21.38 -6.41
N SER A 309 34.31 -20.85 -5.21
CA SER A 309 33.06 -20.22 -4.78
C SER A 309 32.65 -19.08 -5.71
N LEU A 310 33.63 -18.30 -6.17
CA LEU A 310 33.38 -17.14 -6.97
C LEU A 310 33.02 -17.54 -8.41
N GLU A 311 33.70 -18.57 -8.95
CA GLU A 311 33.38 -19.10 -10.25
C GLU A 311 31.92 -19.60 -10.24
N GLN A 312 31.57 -20.31 -9.18
CA GLN A 312 30.18 -20.74 -9.02
C GLN A 312 29.18 -19.58 -8.96
N PHE A 313 29.57 -18.49 -8.28
CA PHE A 313 28.74 -17.33 -8.13
C PHE A 313 28.42 -16.78 -9.53
N PHE A 314 29.47 -16.64 -10.36
CA PHE A 314 29.31 -16.10 -11.71
C PHE A 314 28.52 -17.00 -12.61
N ARG A 315 28.79 -18.29 -12.56
CA ARG A 315 27.99 -19.22 -13.35
C ARG A 315 26.52 -19.01 -13.06
N LYS A 316 26.20 -18.82 -11.79
CA LYS A 316 24.84 -18.63 -11.34
C LYS A 316 24.24 -17.30 -11.89
N ILE A 317 24.95 -16.20 -11.72
CA ILE A 317 24.49 -14.91 -12.19
C ILE A 317 24.18 -14.93 -13.70
N ILE A 318 25.08 -15.51 -14.45
CA ILE A 318 24.97 -15.61 -15.90
C ILE A 318 23.79 -16.53 -16.24
N PHE A 319 23.69 -17.69 -15.59
CA PHE A 319 22.51 -18.49 -15.80
C PHE A 319 21.22 -17.71 -15.59
N GLU A 320 21.14 -16.96 -14.49
CA GLU A 320 19.98 -16.20 -14.16
C GLU A 320 19.67 -15.16 -15.21
N LEU A 321 20.72 -14.48 -15.65
CA LEU A 321 20.54 -13.46 -16.63
C LEU A 321 19.93 -14.05 -17.84
N LYS A 322 20.48 -15.15 -18.27
CA LYS A 322 20.02 -15.77 -19.51
C LYS A 322 18.63 -16.33 -19.36
N ALA A 323 18.29 -16.81 -18.16
CA ALA A 323 16.92 -17.26 -17.88
C ALA A 323 15.95 -16.12 -18.15
N ALA A 324 16.27 -14.94 -17.59
CA ALA A 324 15.45 -13.74 -17.77
C ALA A 324 15.37 -13.33 -19.22
N MET A 325 16.45 -13.52 -19.98
CA MET A 325 16.39 -13.22 -21.42
C MET A 325 15.51 -14.27 -22.14
N MET A 326 15.67 -15.52 -21.74
CA MET A 326 14.90 -16.56 -22.33
C MET A 326 13.43 -16.25 -22.14
N LEU A 327 13.08 -15.89 -20.91
CA LEU A 327 11.69 -15.82 -20.53
C LEU A 327 11.07 -14.50 -20.93
N THR A 328 11.86 -13.61 -21.54
CA THR A 328 11.32 -12.39 -22.15
C THR A 328 11.42 -12.39 -23.68
N GLY A 329 11.87 -13.50 -24.26
CA GLY A 329 12.10 -13.54 -25.71
C GLY A 329 13.25 -12.65 -26.17
N SER A 330 14.28 -12.46 -25.33
CA SER A 330 15.37 -11.55 -25.68
C SER A 330 16.58 -12.36 -26.16
N LYS A 331 16.85 -12.39 -27.48
CA LYS A 331 18.01 -13.16 -27.99
C LYS A 331 19.37 -12.56 -27.64
N ASP A 332 19.39 -11.30 -27.28
CA ASP A 332 20.65 -10.62 -27.04
C ASP A 332 20.41 -9.41 -26.17
N VAL A 333 21.48 -8.70 -25.83
CA VAL A 333 21.39 -7.62 -24.85
C VAL A 333 20.51 -6.45 -25.39
N ASP A 334 20.62 -6.10 -26.69
CA ASP A 334 19.75 -5.04 -27.26
C ASP A 334 18.30 -5.45 -27.19
N ALA A 335 18.01 -6.71 -27.41
CA ALA A 335 16.61 -7.09 -27.29
C ALA A 335 16.14 -6.90 -25.80
N LEU A 336 17.00 -7.18 -24.82
CA LEU A 336 16.65 -7.09 -23.38
C LEU A 336 16.42 -5.62 -23.00
N LYS A 337 17.21 -4.75 -23.59
CA LYS A 337 17.04 -3.32 -23.38
C LYS A 337 15.67 -2.80 -23.87
N LYS A 338 15.04 -3.48 -24.83
CA LYS A 338 13.72 -3.05 -25.28
C LYS A 338 12.53 -3.94 -24.89
N THR A 339 12.73 -4.85 -23.93
CA THR A 339 11.70 -5.82 -23.64
C THR A 339 10.65 -5.16 -22.79
N SER A 340 9.47 -5.73 -22.83
CA SER A 340 8.31 -5.19 -22.12
C SER A 340 8.48 -5.27 -20.59
N ILE A 341 8.16 -4.16 -19.88
CA ILE A 341 8.21 -4.13 -18.40
C ILE A 341 6.90 -3.61 -17.76
N VAL A 342 6.81 -3.76 -16.47
CA VAL A 342 5.76 -3.08 -15.75
C VAL A 342 6.40 -2.36 -14.58
N ILE A 343 6.04 -1.13 -14.36
CA ILE A 343 6.56 -0.37 -13.24
C ILE A 343 5.36 -0.01 -12.35
N LEU A 344 5.49 -0.34 -11.04
CA LEU A 344 4.45 -0.24 -10.04
C LEU A 344 4.91 0.54 -8.81
N GLY A 345 3.94 0.77 -7.92
CA GLY A 345 4.13 1.21 -6.55
C GLY A 345 4.99 2.46 -6.39
N LYS A 346 5.95 2.38 -5.48
CA LYS A 346 6.72 3.54 -5.10
C LYS A 346 7.61 4.07 -6.22
N LEU A 347 8.15 3.17 -7.07
CA LEU A 347 8.98 3.59 -8.19
C LEU A 347 8.12 4.41 -9.17
N LYS A 348 6.91 3.92 -9.42
CA LYS A 348 5.97 4.60 -10.30
C LYS A 348 5.73 6.02 -9.73
N GLU A 349 5.35 6.11 -8.45
CA GLU A 349 5.18 7.43 -7.77
C GLU A 349 6.41 8.31 -7.78
N TRP A 350 7.58 7.70 -7.61
CA TRP A 350 8.81 8.46 -7.74
C TRP A 350 8.90 9.11 -9.10
N ALA A 351 8.91 8.29 -10.17
CA ALA A 351 9.00 8.76 -11.55
C ALA A 351 7.96 9.86 -11.85
N GLU A 352 6.70 9.67 -11.45
CA GLU A 352 5.60 10.69 -11.67
C GLU A 352 5.96 12.00 -10.96
N TYR A 353 6.39 11.92 -9.69
CA TYR A 353 6.67 13.18 -9.01
C TYR A 353 7.86 13.90 -9.68
N ARG A 354 8.81 13.15 -10.21
CA ARG A 354 10.01 13.75 -10.74
C ARG A 354 9.82 14.19 -12.19
N GLY A 355 8.57 14.17 -12.66
CA GLY A 355 8.23 14.56 -14.01
C GLY A 355 8.75 13.58 -15.04
N ILE A 356 8.96 12.31 -14.67
CA ILE A 356 9.40 11.35 -15.68
C ILE A 356 8.18 10.82 -16.41
N ASN A 357 7.94 11.44 -17.57
CA ASN A 357 6.89 11.05 -18.48
C ASN A 357 7.24 9.66 -18.96
N LEU A 358 6.37 8.70 -18.64
CA LEU A 358 6.57 7.29 -18.96
C LEU A 358 6.64 6.98 -20.47
N SER A 359 5.77 7.63 -21.25
CA SER A 359 5.74 7.48 -22.68
C SER A 359 7.08 7.83 -23.21
N ILE A 360 7.58 9.00 -22.85
CA ILE A 360 8.91 9.33 -23.37
C ILE A 360 10.03 8.44 -22.72
N TYR A 361 9.89 8.08 -21.42
CA TYR A 361 10.87 7.14 -20.78
C TYR A 361 11.16 5.89 -21.65
N GLU A 362 10.07 5.17 -21.95
CA GLU A 362 9.95 4.05 -22.86
C GLU A 362 10.75 4.19 -24.16
N LYS A 363 10.47 5.25 -24.93
CA LYS A 363 11.20 5.47 -26.17
C LYS A 363 12.68 5.60 -25.85
N VAL A 364 13.06 6.41 -24.86
CA VAL A 364 14.49 6.63 -24.54
C VAL A 364 15.25 5.35 -24.06
N ARG A 365 14.64 4.53 -23.18
CA ARG A 365 15.25 3.25 -22.76
C ARG A 365 15.14 2.28 -23.93
N LYS A 366 14.02 2.41 -24.65
CA LYS A 366 13.74 1.80 -25.99
C LYS A 366 12.90 0.54 -25.93
N ASP B 3 -3.87 24.31 41.54
CA ASP B 3 -4.32 22.98 40.91
C ASP B 3 -4.37 22.87 39.34
N ILE B 4 -4.45 24.02 38.66
CA ILE B 4 -3.91 24.10 37.30
C ILE B 4 -2.39 23.74 37.39
N VAL B 5 -1.74 24.16 38.47
CA VAL B 5 -0.35 23.79 38.70
C VAL B 5 -0.11 22.28 38.78
N ASN B 6 -1.05 21.54 39.40
CA ASN B 6 -1.05 20.07 39.26
C ASN B 6 -1.14 19.54 37.82
N ARG B 7 -2.03 20.15 37.03
CA ARG B 7 -2.12 19.84 35.62
C ARG B 7 -0.77 20.08 34.92
N LYS B 8 -0.21 21.25 35.16
CA LYS B 8 1.08 21.58 34.62
C LYS B 8 2.13 20.47 34.95
N VAL B 9 2.21 20.06 36.22
CA VAL B 9 3.16 18.98 36.48
C VAL B 9 2.82 17.63 35.89
N GLU B 10 1.51 17.30 35.86
CA GLU B 10 1.09 16.03 35.27
C GLU B 10 1.47 16.00 33.79
N HIS B 11 1.20 17.12 33.09
CA HIS B 11 1.54 17.23 31.69
C HIS B 11 3.00 16.83 31.45
N VAL B 12 3.92 17.52 32.13
CA VAL B 12 5.36 17.20 31.97
C VAL B 12 5.64 15.71 32.29
N GLU B 13 5.05 15.25 33.38
CA GLU B 13 5.29 13.89 33.85
C GLU B 13 4.85 12.82 32.82
N ILE B 14 3.69 13.02 32.23
CA ILE B 14 3.13 12.06 31.27
C ILE B 14 3.84 12.21 29.96
N ALA B 15 4.06 13.45 29.50
CA ALA B 15 4.79 13.60 28.23
C ALA B 15 6.18 12.97 28.37
N ALA B 16 6.84 13.25 29.49
CA ALA B 16 8.24 12.82 29.62
C ALA B 16 8.34 11.31 29.77
N PHE B 17 7.39 10.72 30.50
CA PHE B 17 7.57 9.33 30.91
C PHE B 17 6.57 8.30 30.43
N GLU B 18 5.43 8.72 29.87
CA GLU B 18 4.48 7.77 29.32
C GLU B 18 4.69 7.64 27.81
N ASN B 19 3.98 6.71 27.20
CA ASN B 19 4.18 6.43 25.81
C ASN B 19 3.14 7.28 24.99
N VAL B 20 3.47 8.55 24.74
CA VAL B 20 2.54 9.44 24.03
C VAL B 20 3.14 10.03 22.77
N ASP B 21 4.37 9.70 22.50
CA ASP B 21 5.03 10.33 21.37
C ASP B 21 4.68 9.59 20.10
N GLY B 22 3.89 10.21 19.24
CA GLY B 22 3.52 9.52 17.98
C GLY B 22 2.52 8.36 18.12
N LEU B 23 1.83 8.30 19.25
CA LEU B 23 0.86 7.24 19.56
C LEU B 23 -0.30 7.15 18.61
N SER B 24 -0.35 6.08 17.81
CA SER B 24 -1.40 5.86 16.81
C SER B 24 -1.52 7.01 15.82
N SER B 25 -0.45 7.73 15.62
CA SER B 25 -0.51 8.93 14.83
C SER B 25 0.69 9.00 13.94
N SER B 26 0.68 9.95 13.00
CA SER B 26 1.76 9.99 12.01
C SER B 26 1.98 11.39 11.50
N THR B 27 3.25 11.73 11.25
CA THR B 27 3.60 13.03 10.68
C THR B 27 3.41 13.09 9.15
N PHE B 28 3.40 11.92 8.49
CA PHE B 28 3.46 11.85 7.06
C PHE B 28 4.81 12.22 6.52
N LEU B 29 5.79 12.51 7.41
CA LEU B 29 7.18 12.80 6.89
C LEU B 29 7.88 11.65 6.21
N ASN B 30 7.50 10.40 6.53
CA ASN B 30 8.00 9.28 5.75
C ASN B 30 7.57 9.29 4.29
N ASP B 31 6.54 10.05 3.94
CA ASP B 31 6.14 10.25 2.52
C ASP B 31 6.91 11.38 1.82
N VAL B 32 7.86 11.98 2.53
CA VAL B 32 8.64 13.05 1.93
C VAL B 32 10.06 12.58 1.84
N ILE B 33 10.60 12.58 0.63
CA ILE B 33 12.00 12.27 0.40
C ILE B 33 12.79 13.52 -0.11
N LEU B 34 13.94 13.78 0.46
CA LEU B 34 14.86 14.81 -0.05
C LEU B 34 15.78 14.11 -1.05
N VAL B 35 15.95 14.69 -2.25
CA VAL B 35 16.70 14.01 -3.31
C VAL B 35 18.20 14.19 -3.06
N HIS B 36 18.91 13.08 -3.04
CA HIS B 36 20.38 13.04 -2.79
C HIS B 36 21.14 13.53 -4.01
N GLN B 37 22.16 14.34 -3.76
CA GLN B 37 22.94 14.93 -4.81
C GLN B 37 24.36 14.46 -4.68
N GLY B 38 24.77 13.54 -5.54
CA GLY B 38 26.09 12.86 -5.33
C GLY B 38 27.21 13.84 -5.54
N PHE B 39 26.91 14.91 -6.28
CA PHE B 39 27.86 16.01 -6.39
C PHE B 39 27.28 17.30 -5.80
N PRO B 40 27.49 17.50 -4.49
CA PRO B 40 26.88 18.63 -3.82
C PRO B 40 27.27 20.03 -4.34
N GLY B 41 28.49 20.24 -4.81
CA GLY B 41 28.86 21.53 -5.29
C GLY B 41 29.25 22.42 -4.13
N ILE B 42 29.46 21.84 -2.95
CA ILE B 42 29.78 22.65 -1.79
C ILE B 42 30.63 21.81 -0.86
N SER B 43 31.24 22.48 0.09
CA SER B 43 31.94 21.82 1.14
C SER B 43 31.10 21.94 2.44
N PHE B 44 31.27 20.98 3.33
CA PHE B 44 30.50 20.89 4.55
C PHE B 44 30.68 22.17 5.37
N SER B 45 31.94 22.63 5.43
CA SER B 45 32.36 23.74 6.26
C SER B 45 31.77 25.06 5.81
N GLU B 46 31.34 25.18 4.55
CA GLU B 46 30.75 26.44 4.07
C GLU B 46 29.22 26.53 4.28
N ILE B 47 28.60 25.45 4.78
CA ILE B 47 27.16 25.43 5.03
C ILE B 47 26.78 26.44 6.12
N ASN B 48 25.82 27.33 5.78
CA ASN B 48 25.40 28.42 6.60
C ASN B 48 23.93 28.20 7.06
N THR B 49 23.77 27.97 8.37
CA THR B 49 22.45 27.70 8.91
C THR B 49 21.71 28.91 9.46
N LYS B 50 22.27 30.09 9.30
CA LYS B 50 21.69 31.29 9.87
C LYS B 50 20.42 31.67 9.17
N THR B 51 19.50 32.27 9.93
CA THR B 51 18.21 32.72 9.39
C THR B 51 17.58 33.86 10.26
N LYS B 52 16.47 34.40 9.80
CA LYS B 52 15.74 35.48 10.43
C LYS B 52 14.65 34.92 11.32
N PHE B 53 14.49 35.49 12.49
CA PHE B 53 13.37 35.23 13.35
C PHE B 53 12.83 36.58 13.79
N PHE B 54 11.85 37.05 13.02
CA PHE B 54 11.35 38.44 13.14
C PHE B 54 12.54 39.43 13.08
N ARG B 55 12.84 40.17 14.14
CA ARG B 55 13.91 41.21 14.03
C ARG B 55 15.27 40.71 14.52
N LYS B 56 15.35 39.45 14.93
CA LYS B 56 16.62 38.88 15.29
C LYS B 56 17.18 37.92 14.25
N GLU B 57 18.47 37.67 14.39
CA GLU B 57 19.09 36.64 13.61
C GLU B 57 19.27 35.45 14.54
N ILE B 58 18.98 34.25 14.02
CA ILE B 58 19.19 33.04 14.81
C ILE B 58 20.24 32.16 14.10
N SER B 59 20.87 31.27 14.88
CA SER B 59 21.97 30.47 14.35
C SER B 59 21.61 29.28 13.45
N VAL B 60 20.39 28.78 13.59
CA VAL B 60 19.94 27.55 12.99
C VAL B 60 18.41 27.73 12.78
N PRO B 61 17.83 27.23 11.67
CA PRO B 61 16.38 27.38 11.51
C PRO B 61 15.52 26.39 12.34
N VAL B 62 15.70 26.42 13.65
CA VAL B 62 15.05 25.52 14.58
C VAL B 62 14.61 26.32 15.78
N MET B 63 13.45 25.99 16.35
CA MET B 63 13.08 26.64 17.62
C MET B 63 12.64 25.61 18.63
N VAL B 64 12.74 25.94 19.91
CA VAL B 64 12.05 25.16 20.94
C VAL B 64 10.67 25.78 21.11
N THR B 65 9.61 24.97 20.92
CA THR B 65 8.28 25.48 21.10
C THR B 65 7.84 25.42 22.57
N GLY B 66 6.77 26.12 22.88
CA GLY B 66 6.40 26.35 24.29
C GLY B 66 6.00 25.06 25.00
N MET B 67 6.30 25.02 26.30
CA MET B 67 5.99 23.79 27.07
C MET B 67 5.48 24.02 28.48
N THR B 68 6.31 24.60 29.33
CA THR B 68 5.96 24.53 30.73
C THR B 68 6.29 25.82 31.48
N GLY B 69 6.24 25.75 32.80
CA GLY B 69 6.20 26.94 33.62
C GLY B 69 5.02 26.70 34.55
N GLY B 70 5.10 27.22 35.77
CA GLY B 70 3.97 27.10 36.69
C GLY B 70 4.36 26.88 38.14
N ARG B 71 5.52 26.28 38.36
CA ARG B 71 5.96 25.94 39.67
C ARG B 71 7.47 25.92 39.57
N ASN B 72 8.16 25.92 40.70
CA ASN B 72 9.60 26.10 40.67
C ASN B 72 10.41 25.00 40.01
N GLU B 73 9.99 23.74 40.09
CA GLU B 73 10.72 22.66 39.42
C GLU B 73 10.50 22.74 37.91
N LEU B 74 9.44 23.44 37.50
CA LEU B 74 9.13 23.62 36.10
C LEU B 74 10.01 24.71 35.59
N GLY B 75 10.21 25.72 36.43
CA GLY B 75 11.17 26.79 36.16
C GLY B 75 12.61 26.30 35.99
N ARG B 76 12.97 25.32 36.78
CA ARG B 76 14.31 24.81 36.69
C ARG B 76 14.52 24.10 35.33
N ILE B 77 13.48 23.42 34.83
CA ILE B 77 13.47 22.90 33.43
C ILE B 77 13.58 24.06 32.42
N ASN B 78 12.73 25.08 32.57
CA ASN B 78 12.78 26.25 31.68
C ASN B 78 14.17 26.88 31.67
N LYS B 79 14.82 26.89 32.83
CA LYS B 79 16.10 27.53 32.97
C LYS B 79 17.14 26.74 32.13
N ILE B 80 17.11 25.41 32.25
CA ILE B 80 18.02 24.56 31.51
C ILE B 80 17.83 24.72 30.02
N ILE B 81 16.58 24.76 29.56
CA ILE B 81 16.30 24.88 28.11
C ILE B 81 16.79 26.20 27.57
N ALA B 82 16.48 27.24 28.34
CA ALA B 82 16.81 28.60 28.03
C ALA B 82 18.30 28.84 27.95
N GLU B 83 19.08 28.30 28.89
CA GLU B 83 20.54 28.60 28.81
C GLU B 83 21.25 27.85 27.67
N VAL B 84 20.77 26.65 27.33
CA VAL B 84 21.28 25.93 26.17
C VAL B 84 20.82 26.62 24.89
N ALA B 85 19.56 27.07 24.84
CA ALA B 85 19.03 27.76 23.65
C ALA B 85 19.81 29.05 23.35
N GLU B 86 20.08 29.78 24.42
CA GLU B 86 20.93 30.97 24.34
C GLU B 86 22.30 30.58 23.83
N LYS B 87 22.87 29.52 24.39
CA LYS B 87 24.20 29.09 23.94
C LYS B 87 24.24 28.83 22.44
N PHE B 88 23.16 28.24 21.89
CA PHE B 88 23.16 27.75 20.51
C PHE B 88 22.56 28.78 19.57
N GLY B 89 22.04 29.87 20.15
CA GLY B 89 21.46 30.94 19.32
C GLY B 89 20.11 30.50 18.76
N ILE B 90 19.37 29.72 19.52
CA ILE B 90 18.03 29.40 19.03
C ILE B 90 16.85 29.90 19.85
N PRO B 91 15.74 30.25 19.14
CA PRO B 91 14.58 30.77 19.82
C PRO B 91 13.96 29.77 20.74
N MET B 92 13.34 30.30 21.81
CA MET B 92 12.60 29.47 22.73
C MET B 92 11.22 30.05 23.13
N GLY B 93 10.18 29.28 22.98
CA GLY B 93 8.89 29.64 23.54
C GLY B 93 8.71 29.00 24.89
N VAL B 94 7.90 29.66 25.73
CA VAL B 94 7.56 29.11 27.02
C VAL B 94 6.17 28.47 26.97
N GLY B 95 5.85 27.69 28.01
CA GLY B 95 4.52 27.14 28.17
C GLY B 95 3.46 28.19 28.45
N SER B 96 2.19 27.78 28.44
CA SER B 96 1.10 28.74 28.62
C SER B 96 1.36 29.47 29.92
N GLN B 97 1.21 30.77 29.91
CA GLN B 97 1.46 31.58 31.10
C GLN B 97 0.16 31.88 31.86
N ARG B 98 -0.96 31.28 31.44
CA ARG B 98 -2.23 31.48 32.14
C ARG B 98 -1.97 31.27 33.63
N VAL B 99 -1.30 30.16 33.97
CA VAL B 99 -0.92 29.78 35.34
C VAL B 99 -0.23 30.87 36.15
N ALA B 100 0.52 31.73 35.45
CA ALA B 100 1.20 32.85 36.09
C ALA B 100 0.34 34.09 36.12
N ILE B 101 -0.59 34.23 35.17
CA ILE B 101 -1.58 35.30 35.29
C ILE B 101 -2.44 35.00 36.56
N GLU B 102 -2.76 33.73 36.78
CA GLU B 102 -3.66 33.33 37.86
C GLU B 102 -2.97 33.29 39.25
N LYS B 103 -1.66 33.02 39.28
CA LYS B 103 -0.93 32.87 40.54
C LYS B 103 0.44 33.53 40.44
N ALA B 104 0.66 34.57 41.22
CA ALA B 104 1.91 35.34 41.16
C ALA B 104 3.17 34.51 41.46
N GLU B 105 3.05 33.49 42.32
CA GLU B 105 4.17 32.58 42.63
C GLU B 105 4.67 31.78 41.41
N ALA B 106 3.89 31.78 40.31
CA ALA B 106 4.28 31.04 39.12
C ALA B 106 5.13 31.87 38.19
N ARG B 107 5.12 33.19 38.37
CA ARG B 107 5.81 34.14 37.46
C ARG B 107 7.31 33.86 37.24
N GLU B 108 7.98 33.54 38.33
CA GLU B 108 9.42 33.38 38.35
C GLU B 108 9.84 32.16 37.52
N SER B 109 9.01 31.13 37.48
CA SER B 109 9.30 29.97 36.64
C SER B 109 9.30 30.30 35.12
N PHE B 110 8.70 31.43 34.74
CA PHE B 110 8.82 31.98 33.39
C PHE B 110 9.89 33.01 33.25
N ALA B 111 9.91 34.02 34.14
CA ALA B 111 10.89 35.10 34.06
C ALA B 111 12.33 34.59 33.95
N ILE B 112 12.60 33.45 34.58
CA ILE B 112 13.97 32.88 34.65
C ILE B 112 14.59 32.67 33.25
N VAL B 113 13.73 32.37 32.29
CA VAL B 113 14.13 32.23 30.90
C VAL B 113 14.92 33.48 30.42
N ARG B 114 14.35 34.67 30.60
CA ARG B 114 14.98 35.87 30.08
C ARG B 114 16.28 36.20 30.82
N LYS B 115 16.32 35.95 32.13
CA LYS B 115 17.53 36.19 32.92
C LYS B 115 18.72 35.46 32.28
N VAL B 116 18.52 34.19 31.94
CA VAL B 116 19.61 33.29 31.54
C VAL B 116 19.79 33.30 30.02
N ALA B 117 18.83 33.90 29.31
CA ALA B 117 18.92 34.01 27.88
C ALA B 117 18.58 35.39 27.43
N PRO B 118 19.51 36.35 27.61
CA PRO B 118 19.32 37.78 27.27
C PRO B 118 19.23 38.12 25.82
N THR B 119 19.64 37.25 24.92
CA THR B 119 19.78 37.69 23.50
C THR B 119 18.82 36.99 22.49
N ILE B 120 18.58 35.70 22.68
CA ILE B 120 17.68 34.97 21.76
C ILE B 120 16.22 35.42 21.71
N PRO B 121 15.52 35.09 20.61
CA PRO B 121 14.09 35.40 20.65
C PRO B 121 13.39 34.57 21.70
N ILE B 122 12.54 35.21 22.51
CA ILE B 122 11.76 34.45 23.51
C ILE B 122 10.28 34.62 23.18
N ILE B 123 9.49 33.56 23.23
CA ILE B 123 8.11 33.66 22.76
C ILE B 123 7.19 33.37 23.91
N ALA B 124 6.35 34.38 24.24
CA ALA B 124 5.25 34.20 25.20
C ALA B 124 4.18 33.20 24.71
N ASN B 125 3.31 32.79 25.62
CA ASN B 125 2.29 31.81 25.29
C ASN B 125 0.99 32.00 26.07
N LEU B 126 -0.14 32.02 25.35
CA LEU B 126 -1.46 32.03 25.99
C LEU B 126 -2.42 31.24 25.15
N GLY B 127 -3.39 30.61 25.80
CA GLY B 127 -4.34 29.82 25.06
C GLY B 127 -5.49 30.66 24.52
N MET B 128 -5.99 30.26 23.34
CA MET B 128 -7.17 30.82 22.71
C MET B 128 -8.36 30.85 23.64
N PRO B 129 -8.62 29.76 24.38
CA PRO B 129 -9.84 29.71 25.22
C PRO B 129 -9.89 30.81 26.30
N GLN B 130 -8.71 31.19 26.81
CA GLN B 130 -8.64 32.30 27.70
C GLN B 130 -9.10 33.62 27.05
N LEU B 131 -8.91 33.78 25.77
CA LEU B 131 -9.43 34.95 25.04
C LEU B 131 -10.95 35.04 24.94
N VAL B 132 -11.57 33.90 24.72
CA VAL B 132 -13.01 33.84 24.58
C VAL B 132 -13.61 34.15 25.96
N LYS B 133 -12.89 33.72 27.01
CA LYS B 133 -13.34 33.82 28.39
C LYS B 133 -12.71 35.03 29.06
N GLY B 134 -12.51 36.13 28.35
CA GLY B 134 -12.19 37.38 29.05
C GLY B 134 -10.82 38.02 29.12
N TYR B 135 -9.76 37.29 28.74
CA TYR B 135 -8.42 37.95 28.62
C TYR B 135 -8.56 39.02 27.60
N GLY B 136 -7.68 40.02 27.69
CA GLY B 136 -7.61 41.09 26.70
C GLY B 136 -6.16 41.57 26.60
N LEU B 137 -6.01 42.76 26.05
CA LEU B 137 -4.75 43.40 25.93
C LEU B 137 -3.77 43.31 27.12
N LYS B 138 -4.27 43.52 28.32
CA LYS B 138 -3.41 43.67 29.48
C LYS B 138 -2.78 42.34 29.82
N GLU B 139 -3.59 41.29 29.75
CA GLU B 139 -3.08 39.94 29.98
C GLU B 139 -2.02 39.59 28.94
N PHE B 140 -2.20 40.03 27.68
CA PHE B 140 -1.21 39.80 26.62
C PHE B 140 0.10 40.51 26.94
N GLN B 141 -0.02 41.77 27.41
CA GLN B 141 1.18 42.59 27.65
C GLN B 141 1.90 42.11 28.87
N ASP B 142 1.15 41.56 29.82
CA ASP B 142 1.77 41.00 30.99
C ASP B 142 2.52 39.68 30.69
N ALA B 143 1.88 38.76 29.98
CA ALA B 143 2.60 37.59 29.44
C ALA B 143 3.91 37.99 28.73
N ILE B 144 3.85 39.03 27.91
CA ILE B 144 5.00 39.54 27.18
C ILE B 144 6.11 40.11 28.07
N GLN B 145 5.78 41.05 28.98
CA GLN B 145 6.77 41.76 29.76
C GLN B 145 7.44 40.81 30.77
N MET B 146 6.66 39.89 31.29
CA MET B 146 7.13 38.86 32.24
C MET B 146 8.46 38.22 31.78
N ILE B 147 8.68 38.15 30.46
CA ILE B 147 9.89 37.48 29.91
C ILE B 147 10.54 38.35 28.84
N GLU B 148 10.18 39.64 28.81
CA GLU B 148 10.56 40.56 27.69
C GLU B 148 10.51 39.82 26.36
N ALA B 149 9.32 39.29 26.04
CA ALA B 149 9.14 38.43 24.85
C ALA B 149 9.35 39.20 23.55
N ASP B 150 9.83 38.50 22.50
CA ASP B 150 9.94 39.10 21.17
C ASP B 150 8.75 38.77 20.32
N ALA B 151 7.85 37.95 20.87
CA ALA B 151 6.58 37.54 20.18
C ALA B 151 5.73 36.81 21.19
N ILE B 152 4.45 36.66 20.90
CA ILE B 152 3.62 35.87 21.76
C ILE B 152 2.92 34.84 20.89
N ALA B 153 2.94 33.59 21.32
CA ALA B 153 2.15 32.55 20.68
C ALA B 153 0.79 32.45 21.33
N VAL B 154 -0.26 32.35 20.53
CA VAL B 154 -1.58 32.00 21.05
C VAL B 154 -1.88 30.58 20.58
N HIS B 155 -2.17 29.65 21.48
CA HIS B 155 -2.30 28.24 21.12
C HIS B 155 -3.75 27.80 20.83
N LEU B 156 -3.90 26.93 19.84
CA LEU B 156 -5.18 26.35 19.48
C LEU B 156 -5.11 24.95 20.08
N ASN B 157 -6.02 24.64 21.01
CA ASN B 157 -6.03 23.28 21.53
C ASN B 157 -7.38 22.64 21.76
N PRO B 158 -8.30 22.89 20.84
CA PRO B 158 -9.66 22.40 21.09
C PRO B 158 -9.73 20.86 21.30
N ALA B 159 -8.86 20.10 20.62
CA ALA B 159 -8.87 18.66 20.75
C ALA B 159 -8.51 18.23 22.14
N GLN B 160 -7.43 18.78 22.62
CA GLN B 160 -7.06 18.67 24.01
C GLN B 160 -8.15 19.09 24.96
N GLU B 161 -8.74 20.25 24.75
CA GLU B 161 -9.70 20.76 25.70
C GLU B 161 -10.92 19.83 25.70
N VAL B 162 -11.27 19.25 24.55
CA VAL B 162 -12.44 18.42 24.50
C VAL B 162 -12.27 17.16 25.41
N PHE B 163 -11.09 16.56 25.48
CA PHE B 163 -10.84 15.35 26.29
C PHE B 163 -10.21 15.63 27.70
N GLN B 164 -9.61 16.81 27.86
CA GLN B 164 -9.07 17.23 29.17
C GLN B 164 -10.21 17.17 30.18
N PRO B 165 -9.94 16.56 31.37
CA PRO B 165 -10.96 16.47 32.44
C PRO B 165 -11.56 17.86 32.82
N GLU B 166 -10.72 18.86 33.07
CA GLU B 166 -11.23 20.19 33.35
C GLU B 166 -11.14 21.12 32.12
N GLY B 167 -11.25 20.52 30.92
CA GLY B 167 -11.05 21.25 29.67
C GLY B 167 -12.11 22.30 29.40
N GLU B 168 -11.77 23.20 28.48
CA GLU B 168 -12.61 24.35 28.15
C GLU B 168 -12.71 24.49 26.62
N PRO B 169 -13.67 23.76 26.00
CA PRO B 169 -13.66 23.80 24.54
C PRO B 169 -14.54 24.93 24.02
N GLU B 170 -13.96 26.15 24.07
CA GLU B 170 -14.66 27.38 23.68
C GLU B 170 -13.89 28.08 22.62
N TYR B 171 -14.39 28.03 21.38
CA TYR B 171 -13.70 28.67 20.28
C TYR B 171 -14.60 29.51 19.45
N GLN B 172 -15.37 30.35 20.11
CA GLN B 172 -16.28 31.29 19.45
C GLN B 172 -15.54 32.25 18.60
N ILE B 173 -16.19 32.60 17.49
CA ILE B 173 -15.56 33.41 16.47
C ILE B 173 -15.14 34.80 16.95
N TYR B 174 -15.90 35.38 17.88
CA TYR B 174 -15.54 36.62 18.61
C TYR B 174 -14.07 36.74 19.05
N ALA B 175 -13.47 35.64 19.54
CA ALA B 175 -12.07 35.67 20.00
C ALA B 175 -11.17 36.22 18.89
N LEU B 176 -11.48 35.95 17.62
CA LEU B 176 -10.60 36.44 16.55
C LEU B 176 -10.71 37.95 16.33
N GLU B 177 -11.92 38.46 16.46
CA GLU B 177 -12.10 39.91 16.51
C GLU B 177 -11.23 40.54 17.59
N LYS B 178 -11.26 39.96 18.79
CA LYS B 178 -10.46 40.43 19.92
C LYS B 178 -8.96 40.32 19.64
N LEU B 179 -8.53 39.18 19.05
CA LEU B 179 -7.09 38.93 18.82
C LEU B 179 -6.54 40.00 17.89
N ARG B 180 -7.33 40.29 16.87
CA ARG B 180 -6.99 41.30 15.86
C ARG B 180 -6.90 42.71 16.46
N ASP B 181 -7.82 43.06 17.35
CA ASP B 181 -7.76 44.34 18.04
C ASP B 181 -6.55 44.37 18.94
N ILE B 182 -6.32 43.29 19.70
CA ILE B 182 -5.13 43.16 20.52
C ILE B 182 -3.82 43.36 19.73
N SER B 183 -3.77 42.79 18.52
CA SER B 183 -2.56 42.80 17.74
C SER B 183 -2.22 44.19 17.31
N LYS B 184 -3.22 45.06 17.24
CA LYS B 184 -3.06 46.50 16.92
C LYS B 184 -2.15 47.22 17.90
N GLU B 185 -2.19 46.78 19.14
CA GLU B 185 -1.71 47.51 20.29
C GLU B 185 -0.45 46.89 20.87
N LEU B 186 -0.15 45.67 20.40
CA LEU B 186 1.02 44.95 20.87
C LEU B 186 2.26 45.47 20.17
N SER B 187 3.40 45.48 20.85
CA SER B 187 4.61 45.87 20.18
C SER B 187 5.40 44.66 19.60
N VAL B 188 4.85 43.46 19.69
CA VAL B 188 5.53 42.26 19.18
C VAL B 188 4.54 41.43 18.36
N PRO B 189 5.02 40.64 17.42
CA PRO B 189 4.06 39.85 16.60
C PRO B 189 3.40 38.68 17.34
N ILE B 190 2.23 38.32 16.87
CA ILE B 190 1.50 37.11 17.30
C ILE B 190 1.76 35.96 16.33
N ILE B 191 2.03 34.80 16.90
CA ILE B 191 2.08 33.53 16.15
C ILE B 191 0.92 32.71 16.66
N VAL B 192 0.21 32.05 15.75
CA VAL B 192 -0.84 31.12 16.14
C VAL B 192 -0.31 29.74 15.89
N LYS B 193 -0.26 28.97 16.99
CA LYS B 193 0.22 27.59 16.92
C LYS B 193 -0.81 26.58 17.36
N GLU B 194 -0.72 25.39 16.80
CA GLU B 194 -1.61 24.33 17.25
C GLU B 194 -0.94 23.60 18.43
N SER B 195 -1.42 22.40 18.75
CA SER B 195 -0.90 21.63 19.83
C SER B 195 -1.03 20.11 19.57
N GLY B 196 -0.44 19.66 18.48
CA GLY B 196 -0.41 18.23 18.14
C GLY B 196 -1.43 17.78 17.13
N ASN B 197 -2.37 18.65 16.74
CA ASN B 197 -3.47 18.25 15.84
C ASN B 197 -3.49 19.09 14.58
N GLY B 198 -2.52 20.01 14.40
CA GLY B 198 -2.23 20.59 13.07
C GLY B 198 -3.19 21.67 12.54
N ILE B 199 -2.68 22.48 11.61
CA ILE B 199 -3.46 23.56 11.04
C ILE B 199 -3.85 23.23 9.60
N SER B 200 -5.16 23.36 9.32
CA SER B 200 -5.73 23.12 8.01
C SER B 200 -5.74 24.38 7.19
N MET B 201 -5.99 24.26 5.91
CA MET B 201 -6.11 25.47 5.09
C MET B 201 -7.25 26.35 5.47
N GLU B 202 -8.41 25.77 5.77
CA GLU B 202 -9.52 26.59 6.29
C GLU B 202 -9.18 27.42 7.56
N THR B 203 -8.54 26.76 8.56
CA THR B 203 -8.19 27.42 9.75
C THR B 203 -7.12 28.51 9.45
N ALA B 204 -6.09 28.17 8.68
CA ALA B 204 -5.09 29.12 8.28
C ALA B 204 -5.73 30.34 7.50
N LYS B 205 -6.61 30.12 6.54
CA LYS B 205 -7.18 31.26 5.77
C LYS B 205 -8.06 32.12 6.69
N LEU B 206 -8.80 31.47 7.61
CA LEU B 206 -9.61 32.19 8.56
C LEU B 206 -8.73 33.09 9.44
N LEU B 207 -7.67 32.54 10.03
CA LEU B 207 -6.78 33.35 10.86
C LEU B 207 -6.15 34.50 10.07
N TYR B 208 -5.71 34.19 8.86
CA TYR B 208 -5.13 35.17 7.95
C TYR B 208 -6.11 36.36 7.70
N SER B 209 -7.40 36.07 7.49
CA SER B 209 -8.40 37.08 7.23
C SER B 209 -8.48 38.00 8.46
N TYR B 210 -7.97 37.55 9.60
CA TYR B 210 -8.01 38.39 10.80
C TYR B 210 -6.67 39.05 11.05
N GLY B 211 -5.78 39.01 10.07
CA GLY B 211 -4.44 39.59 10.16
C GLY B 211 -3.29 38.68 10.69
N ILE B 212 -3.57 37.39 10.95
CA ILE B 212 -2.52 36.49 11.41
C ILE B 212 -1.66 36.04 10.25
N LYS B 213 -0.34 36.28 10.35
CA LYS B 213 0.57 35.92 9.26
C LYS B 213 1.62 34.88 9.70
N ASN B 214 1.69 34.60 10.99
CA ASN B 214 2.72 33.69 11.51
C ASN B 214 2.01 32.48 12.07
N PHE B 215 2.46 31.29 11.63
CA PHE B 215 1.82 30.03 12.02
C PHE B 215 2.85 29.03 12.50
N ASP B 216 2.41 28.15 13.40
CA ASP B 216 3.21 27.00 13.83
C ASP B 216 2.34 25.76 13.73
N THR B 217 2.66 24.84 12.79
CA THR B 217 1.69 23.80 12.42
C THR B 217 1.31 22.85 13.54
N SER B 218 2.27 22.58 14.43
CA SER B 218 2.07 21.56 15.48
C SER B 218 1.08 20.40 15.03
N GLY B 219 1.49 19.68 13.99
CA GLY B 219 0.63 18.62 13.46
C GLY B 219 0.69 17.35 14.28
N GLN B 220 -0.17 16.40 13.92
CA GLN B 220 -0.13 15.09 14.56
C GLN B 220 1.09 14.33 14.07
N GLY B 221 1.54 13.40 14.93
CA GLY B 221 2.63 12.57 14.65
C GLY B 221 3.66 12.67 15.75
N GLY B 222 3.66 13.75 16.51
CA GLY B 222 4.59 13.89 17.58
C GLY B 222 3.82 13.76 18.85
N THR B 223 4.02 14.69 19.80
CA THR B 223 3.32 14.61 21.06
C THR B 223 1.85 14.56 20.82
N ASN B 224 1.21 13.51 21.36
CA ASN B 224 -0.25 13.31 21.20
C ASN B 224 -1.00 13.77 22.46
N TRP B 225 -1.56 14.96 22.38
CA TRP B 225 -2.19 15.64 23.50
C TRP B 225 -3.54 15.03 23.83
N ILE B 226 -4.19 14.48 22.82
CA ILE B 226 -5.41 13.69 23.06
C ILE B 226 -4.99 12.48 23.95
N ALA B 227 -3.84 11.87 23.67
CA ALA B 227 -3.35 10.72 24.43
C ALA B 227 -3.00 11.14 25.85
N ILE B 228 -2.38 12.33 25.99
CA ILE B 228 -2.06 12.84 27.33
C ILE B 228 -3.31 13.02 28.17
N GLU B 229 -4.29 13.65 27.59
CA GLU B 229 -5.55 13.82 28.32
C GLU B 229 -6.28 12.50 28.56
N MET B 230 -6.23 11.58 27.61
CA MET B 230 -6.82 10.26 27.80
C MET B 230 -6.18 9.65 29.08
N ILE B 231 -4.87 9.85 29.21
CA ILE B 231 -4.17 9.22 30.33
C ILE B 231 -4.61 9.88 31.62
N ARG B 232 -4.89 11.18 31.60
CA ARG B 232 -5.29 11.89 32.79
C ARG B 232 -6.71 11.45 33.13
N ASP B 233 -7.54 11.28 32.11
CA ASP B 233 -8.87 10.66 32.24
C ASP B 233 -8.87 9.21 32.87
N ILE B 234 -7.96 8.35 32.45
CA ILE B 234 -7.85 7.00 32.98
C ILE B 234 -7.52 7.12 34.45
N ARG B 235 -6.48 7.93 34.74
CA ARG B 235 -6.07 8.22 36.10
C ARG B 235 -7.20 8.68 37.05
N ARG B 236 -8.15 9.46 36.54
CA ARG B 236 -9.31 9.91 37.37
C ARG B 236 -10.49 8.98 37.27
N GLY B 237 -10.35 7.88 36.52
CA GLY B 237 -11.49 7.08 36.07
C GLY B 237 -12.62 7.89 35.45
N ASN B 238 -12.26 8.87 34.60
CA ASN B 238 -13.22 9.71 33.91
C ASN B 238 -13.57 8.94 32.64
N TRP B 239 -14.87 8.75 32.38
CA TRP B 239 -15.24 7.91 31.20
C TRP B 239 -14.78 8.47 29.81
N LYS B 240 -14.41 9.74 29.73
CA LYS B 240 -13.95 10.33 28.45
C LYS B 240 -12.73 9.61 27.88
N ALA B 241 -12.02 8.85 28.73
CA ALA B 241 -10.84 8.09 28.31
C ALA B 241 -11.07 7.14 27.12
N GLU B 242 -12.14 6.37 27.14
CA GLU B 242 -12.41 5.43 26.05
C GLU B 242 -12.70 6.21 24.75
N SER B 243 -13.41 7.32 24.87
CA SER B 243 -13.72 8.16 23.72
C SER B 243 -12.46 8.79 23.17
N ALA B 244 -11.58 9.28 24.08
CA ALA B 244 -10.30 9.83 23.64
C ALA B 244 -9.56 8.80 22.77
N LYS B 245 -9.59 7.55 23.20
CA LYS B 245 -8.94 6.49 22.45
C LYS B 245 -9.37 6.40 20.98
N ASN B 246 -10.67 6.59 20.71
CA ASN B 246 -11.18 6.66 19.33
C ASN B 246 -10.69 7.85 18.51
N PHE B 247 -10.19 8.87 19.18
CA PHE B 247 -9.66 10.09 18.55
C PHE B 247 -8.13 10.15 18.49
N LEU B 248 -7.44 9.08 18.87
CA LEU B 248 -5.96 9.12 18.91
C LEU B 248 -5.26 9.52 17.60
N ASP B 249 -5.90 9.20 16.45
CA ASP B 249 -5.31 9.53 15.17
C ASP B 249 -5.98 10.73 14.51
N TRP B 250 -6.71 11.52 15.29
CA TRP B 250 -7.36 12.73 14.84
C TRP B 250 -6.31 13.85 14.55
N GLY B 251 -6.52 14.59 13.46
CA GLY B 251 -5.70 15.76 13.21
C GLY B 251 -5.05 15.81 11.83
N VAL B 252 -4.45 16.95 11.49
CA VAL B 252 -3.70 17.05 10.28
C VAL B 252 -2.27 16.64 10.59
N PRO B 253 -1.73 15.66 9.82
CA PRO B 253 -0.29 15.30 9.97
C PRO B 253 0.61 16.49 9.67
N THR B 254 1.71 16.58 10.40
CA THR B 254 2.65 17.71 10.28
C THR B 254 3.01 18.07 8.80
N ALA B 255 3.37 17.05 8.02
CA ALA B 255 3.75 17.29 6.63
C ALA B 255 2.60 17.87 5.82
N ALA B 256 1.40 17.34 5.99
CA ALA B 256 0.23 17.81 5.30
C ALA B 256 -0.14 19.22 5.79
N SER B 257 0.01 19.46 7.08
CA SER B 257 -0.17 20.84 7.61
C SER B 257 0.82 21.86 7.01
N ILE B 258 2.11 21.53 6.98
CA ILE B 258 3.05 22.40 6.32
C ILE B 258 2.61 22.74 4.87
N MET B 259 2.18 21.74 4.11
CA MET B 259 1.80 21.96 2.74
C MET B 259 0.54 22.82 2.71
N GLU B 260 -0.43 22.49 3.55
CA GLU B 260 -1.66 23.29 3.57
C GLU B 260 -1.48 24.77 3.88
N VAL B 261 -0.65 25.05 4.88
CA VAL B 261 -0.47 26.44 5.30
C VAL B 261 0.32 27.21 4.28
N ARG B 262 1.40 26.63 3.79
CA ARG B 262 2.24 27.27 2.78
C ARG B 262 1.43 27.46 1.50
N TYR B 263 0.65 26.46 1.10
CA TYR B 263 -0.19 26.62 -0.09
C TYR B 263 -1.32 27.67 0.05
N SER B 264 -1.98 27.72 1.20
CA SER B 264 -3.13 28.59 1.33
C SER B 264 -2.74 30.00 1.80
N VAL B 265 -1.61 30.11 2.50
CA VAL B 265 -1.05 31.43 2.85
C VAL B 265 0.41 31.59 2.49
N PRO B 266 0.66 31.82 1.19
CA PRO B 266 2.01 31.74 0.63
C PRO B 266 3.00 32.70 1.24
N ASP B 267 2.54 33.82 1.78
CA ASP B 267 3.47 34.75 2.40
C ASP B 267 3.64 34.56 3.90
N SER B 268 3.04 33.48 4.45
CA SER B 268 3.17 33.27 5.92
C SER B 268 4.61 33.04 6.37
N PHE B 269 4.87 33.41 7.60
CA PHE B 269 6.05 32.92 8.25
C PHE B 269 5.56 31.64 8.99
N LEU B 270 6.24 30.53 8.75
CA LEU B 270 5.75 29.19 9.04
C LEU B 270 6.74 28.36 9.86
N VAL B 271 6.33 27.93 11.03
CA VAL B 271 7.11 26.95 11.84
C VAL B 271 6.47 25.59 11.52
N GLY B 272 7.29 24.65 11.14
CA GLY B 272 6.77 23.32 10.92
C GLY B 272 7.17 22.51 12.15
N SER B 273 6.17 22.00 12.84
CA SER B 273 6.46 21.29 14.06
C SER B 273 5.39 20.24 14.31
N GLY B 274 5.71 19.40 15.32
CA GLY B 274 4.87 18.25 15.69
C GLY B 274 5.56 16.99 15.15
N GLY B 275 6.37 16.35 16.01
CA GLY B 275 7.05 15.15 15.61
C GLY B 275 8.37 15.38 14.92
N ILE B 276 8.96 16.57 15.04
CA ILE B 276 10.31 16.77 14.53
C ILE B 276 11.25 16.16 15.57
N ARG B 277 11.91 15.06 15.18
CA ARG B 277 12.79 14.31 16.15
C ARG B 277 14.26 14.26 15.73
N SER B 278 14.61 14.81 14.56
CA SER B 278 15.97 14.73 14.08
C SER B 278 16.22 15.89 13.10
N GLY B 279 17.51 16.14 12.78
CA GLY B 279 17.81 17.25 11.90
C GLY B 279 17.29 16.94 10.54
N LEU B 280 17.18 15.66 10.20
CA LEU B 280 16.62 15.25 8.92
C LEU B 280 15.15 15.59 8.86
N ASP B 281 14.40 15.32 9.94
CA ASP B 281 13.01 15.78 10.03
C ASP B 281 12.91 17.31 9.87
N ALA B 282 13.84 18.04 10.47
CA ALA B 282 13.79 19.49 10.44
C ALA B 282 14.10 19.91 9.00
N ALA B 283 15.07 19.25 8.37
CA ALA B 283 15.35 19.58 6.97
C ALA B 283 14.17 19.34 6.03
N LYS B 284 13.51 18.19 6.20
CA LYS B 284 12.27 17.89 5.44
C LYS B 284 11.24 18.92 5.65
N ALA B 285 10.98 19.29 6.90
CA ALA B 285 9.95 20.30 7.19
C ALA B 285 10.17 21.59 6.46
N ILE B 286 11.45 22.04 6.45
CA ILE B 286 11.80 23.26 5.78
C ILE B 286 11.70 23.07 4.29
N ALA B 287 12.25 21.97 3.78
CA ALA B 287 12.26 21.76 2.33
C ALA B 287 10.82 21.81 1.83
N LEU B 288 9.91 21.15 2.56
CA LEU B 288 8.50 21.14 2.20
C LEU B 288 7.82 22.48 2.22
N GLY B 289 8.29 23.42 3.03
CA GLY B 289 7.69 24.70 3.02
C GLY B 289 7.82 25.56 4.25
N ALA B 290 8.32 24.98 5.33
CA ALA B 290 8.34 25.72 6.57
C ALA B 290 9.51 26.66 6.49
N ASP B 291 9.45 27.77 7.26
CA ASP B 291 10.69 28.62 7.41
C ASP B 291 11.58 28.15 8.54
N ILE B 292 11.00 27.44 9.49
CA ILE B 292 11.77 26.97 10.60
C ILE B 292 11.13 25.69 11.14
N ALA B 293 11.92 24.83 11.79
CA ALA B 293 11.39 23.58 12.32
C ALA B 293 11.26 23.81 13.83
N GLY B 294 10.15 23.42 14.44
CA GLY B 294 10.00 23.49 15.86
C GLY B 294 10.07 22.12 16.55
N MET B 295 10.57 22.12 17.78
CA MET B 295 10.60 20.89 18.60
C MET B 295 10.22 21.22 20.05
N ALA B 296 9.50 20.28 20.70
CA ALA B 296 9.22 20.40 22.12
C ALA B 296 9.61 19.13 22.90
N LEU B 297 8.87 18.02 22.69
CA LEU B 297 9.08 16.80 23.53
C LEU B 297 10.52 16.36 23.70
N PRO B 298 11.27 16.13 22.58
CA PRO B 298 12.59 15.60 22.78
C PRO B 298 13.47 16.59 23.54
N VAL B 299 13.16 17.88 23.42
CA VAL B 299 13.94 18.87 24.16
C VAL B 299 13.63 18.67 25.64
N LEU B 300 12.36 18.44 25.96
CA LEU B 300 11.93 18.26 27.34
C LEU B 300 12.64 17.09 27.92
N LYS B 301 12.73 16.01 27.16
CA LYS B 301 13.26 14.78 27.74
C LYS B 301 14.75 14.95 28.02
N SER B 302 15.49 15.60 27.10
CA SER B 302 16.93 15.81 27.31
C SER B 302 17.21 16.80 28.43
N ALA B 303 16.35 17.81 28.55
CA ALA B 303 16.50 18.82 29.58
C ALA B 303 16.34 18.16 30.93
N ILE B 304 15.39 17.26 31.06
CA ILE B 304 15.28 16.55 32.34
C ILE B 304 16.59 15.79 32.69
N GLU B 305 17.19 15.12 31.72
CA GLU B 305 18.44 14.43 31.91
C GLU B 305 19.62 15.38 32.24
N GLY B 306 19.52 16.64 31.84
CA GLY B 306 20.45 17.67 32.25
C GLY B 306 20.97 18.59 31.14
N LYS B 307 21.73 19.60 31.57
CA LYS B 307 22.34 20.56 30.67
C LYS B 307 23.25 19.91 29.59
N GLU B 308 24.10 19.01 29.99
CA GLU B 308 25.01 18.45 29.00
C GLU B 308 24.28 17.51 28.02
N SER B 309 23.27 16.79 28.49
CA SER B 309 22.50 15.93 27.62
C SER B 309 21.75 16.79 26.59
N LEU B 310 21.26 17.97 27.02
CA LEU B 310 20.55 18.84 26.11
C LEU B 310 21.47 19.49 25.08
N GLU B 311 22.69 19.86 25.53
CA GLU B 311 23.70 20.40 24.64
C GLU B 311 24.03 19.39 23.55
N GLN B 312 24.16 18.14 23.96
CA GLN B 312 24.47 17.07 23.04
C GLN B 312 23.34 16.88 22.07
N PHE B 313 22.10 16.91 22.59
CA PHE B 313 20.92 16.80 21.78
C PHE B 313 20.99 17.80 20.62
N PHE B 314 21.29 19.06 20.94
CA PHE B 314 21.31 20.10 19.91
C PHE B 314 22.41 19.97 18.93
N ARG B 315 23.61 19.58 19.38
CA ARG B 315 24.76 19.34 18.48
C ARG B 315 24.35 18.32 17.41
N LYS B 316 23.76 17.23 17.89
CA LYS B 316 23.26 16.18 17.04
C LYS B 316 22.23 16.70 16.02
N ILE B 317 21.23 17.46 16.45
CA ILE B 317 20.20 17.99 15.55
C ILE B 317 20.80 18.84 14.46
N ILE B 318 21.62 19.80 14.90
CA ILE B 318 22.35 20.69 14.01
C ILE B 318 23.26 19.89 13.03
N PHE B 319 24.04 18.92 13.54
CA PHE B 319 24.79 18.07 12.64
C PHE B 319 23.88 17.41 11.54
N GLU B 320 22.80 16.81 11.98
CA GLU B 320 21.84 16.21 11.11
C GLU B 320 21.26 17.19 10.05
N LEU B 321 20.88 18.37 10.50
CA LEU B 321 20.37 19.34 9.57
C LEU B 321 21.41 19.64 8.49
N LYS B 322 22.64 19.85 8.93
CA LYS B 322 23.67 20.21 7.99
C LYS B 322 24.04 19.07 7.07
N ALA B 323 23.93 17.83 7.56
CA ALA B 323 24.21 16.68 6.73
C ALA B 323 23.18 16.66 5.58
N ALA B 324 21.91 16.89 5.91
CA ALA B 324 20.84 17.00 4.90
C ALA B 324 21.11 18.11 3.91
N MET B 325 21.58 19.24 4.41
CA MET B 325 21.93 20.33 3.48
C MET B 325 23.09 19.91 2.59
N MET B 326 24.09 19.28 3.18
CA MET B 326 25.28 18.90 2.45
C MET B 326 24.80 17.96 1.33
N LEU B 327 23.95 17.01 1.68
CA LEU B 327 23.66 15.92 0.77
C LEU B 327 22.57 16.24 -0.23
N THR B 328 21.95 17.41 -0.16
CA THR B 328 21.10 17.96 -1.22
C THR B 328 21.80 19.13 -1.97
N GLY B 329 23.06 19.39 -1.65
CA GLY B 329 23.76 20.55 -2.23
C GLY B 329 23.21 21.93 -1.81
N SER B 330 22.77 22.08 -0.56
CA SER B 330 22.15 23.32 -0.09
C SER B 330 23.13 24.06 0.79
N LYS B 331 23.65 25.17 0.30
CA LYS B 331 24.68 25.90 1.03
C LYS B 331 24.08 26.67 2.19
N ASP B 332 22.78 26.99 2.08
CA ASP B 332 22.13 27.78 3.07
C ASP B 332 20.65 27.42 3.17
N VAL B 333 19.94 28.13 4.02
CA VAL B 333 18.60 27.77 4.33
C VAL B 333 17.71 28.05 3.10
N ASP B 334 18.00 29.13 2.37
CA ASP B 334 17.18 29.46 1.20
C ASP B 334 17.35 28.41 0.13
N ALA B 335 18.56 27.85 0.05
CA ALA B 335 18.76 26.78 -0.94
C ALA B 335 17.96 25.53 -0.49
N LEU B 336 17.92 25.24 0.80
CA LEU B 336 17.20 24.05 1.31
C LEU B 336 15.71 24.17 1.03
N LYS B 337 15.21 25.41 1.13
CA LYS B 337 13.80 25.70 0.85
C LYS B 337 13.47 25.42 -0.63
N LYS B 338 14.47 25.40 -1.50
CA LYS B 338 14.21 25.08 -2.90
C LYS B 338 14.72 23.74 -3.41
N THR B 339 15.14 22.86 -2.51
CA THR B 339 15.84 21.68 -2.99
C THR B 339 14.81 20.70 -3.54
N SER B 340 15.25 19.84 -4.44
CA SER B 340 14.40 18.79 -5.01
C SER B 340 13.88 17.79 -3.96
N ILE B 341 12.58 17.51 -4.00
CA ILE B 341 11.98 16.48 -3.11
C ILE B 341 11.12 15.49 -3.91
N VAL B 342 10.74 14.41 -3.26
CA VAL B 342 9.71 13.50 -3.78
C VAL B 342 8.62 13.36 -2.74
N ILE B 343 7.38 13.51 -3.17
CA ILE B 343 6.25 13.25 -2.26
C ILE B 343 5.57 12.05 -2.76
N LEU B 344 5.36 11.09 -1.85
CA LEU B 344 4.76 9.80 -2.12
C LEU B 344 3.57 9.45 -1.23
N GLY B 345 2.90 8.36 -1.63
CA GLY B 345 1.96 7.68 -0.74
C GLY B 345 0.82 8.50 -0.20
N LYS B 346 0.59 8.43 1.10
CA LYS B 346 -0.60 9.04 1.66
C LYS B 346 -0.60 10.53 1.59
N LEU B 347 0.58 11.12 1.76
CA LEU B 347 0.70 12.56 1.71
C LEU B 347 0.31 13.09 0.29
N LYS B 348 0.78 12.38 -0.71
CA LYS B 348 0.44 12.67 -2.07
C LYS B 348 -1.11 12.61 -2.24
N GLU B 349 -1.74 11.57 -1.68
CA GLU B 349 -3.19 11.39 -1.87
C GLU B 349 -3.96 12.43 -1.08
N TRP B 350 -3.42 12.80 0.10
CA TRP B 350 -3.95 13.90 0.82
C TRP B 350 -3.93 15.18 -0.03
N ALA B 351 -2.77 15.60 -0.47
CA ALA B 351 -2.65 16.82 -1.27
C ALA B 351 -3.55 16.78 -2.51
N GLU B 352 -3.59 15.66 -3.25
CA GLU B 352 -4.46 15.58 -4.42
C GLU B 352 -5.92 15.79 -4.02
N TYR B 353 -6.36 15.11 -2.94
CA TYR B 353 -7.76 15.21 -2.59
C TYR B 353 -8.09 16.65 -2.18
N ARG B 354 -7.13 17.32 -1.55
CA ARG B 354 -7.41 18.66 -1.02
C ARG B 354 -7.23 19.78 -2.05
N GLY B 355 -6.99 19.41 -3.30
CA GLY B 355 -6.88 20.37 -4.39
C GLY B 355 -5.51 21.03 -4.41
N ILE B 356 -4.51 20.39 -3.80
CA ILE B 356 -3.16 21.00 -3.81
C ILE B 356 -2.49 20.57 -5.09
N ASN B 357 -2.52 21.52 -6.04
CA ASN B 357 -1.89 21.35 -7.33
C ASN B 357 -0.39 21.36 -7.10
N LEU B 358 0.26 20.25 -7.42
CA LEU B 358 1.70 20.10 -7.12
C LEU B 358 2.59 21.10 -7.88
N SER B 359 2.31 21.28 -9.17
CA SER B 359 2.95 22.32 -9.96
C SER B 359 2.94 23.64 -9.25
N ILE B 360 1.75 24.16 -8.96
CA ILE B 360 1.75 25.42 -8.25
C ILE B 360 2.40 25.28 -6.87
N TYR B 361 2.24 24.11 -6.22
CA TYR B 361 2.92 23.83 -4.94
C TYR B 361 4.45 24.13 -4.95
N GLU B 362 5.16 23.46 -5.88
CA GLU B 362 6.60 23.63 -6.10
C GLU B 362 7.02 25.09 -6.37
N LYS B 363 6.26 25.86 -7.16
CA LYS B 363 6.50 27.29 -7.34
C LYS B 363 6.41 28.00 -6.00
N VAL B 364 5.28 27.83 -5.32
CA VAL B 364 5.02 28.49 -4.05
C VAL B 364 6.04 28.23 -2.87
N ARG B 365 6.51 26.99 -2.67
CA ARG B 365 7.53 26.71 -1.59
C ARG B 365 8.93 27.11 -2.15
N LYS B 366 9.04 27.07 -3.49
CA LYS B 366 10.23 27.43 -4.29
C LYS B 366 11.07 26.22 -4.65
N ASP C 3 -39.50 -22.92 15.73
CA ASP C 3 -38.14 -23.30 15.12
C ASP C 3 -37.37 -22.19 14.34
N ILE C 4 -38.12 -21.43 13.54
CA ILE C 4 -37.68 -20.09 13.19
C ILE C 4 -37.29 -19.35 14.49
N VAL C 5 -38.03 -19.58 15.58
CA VAL C 5 -37.65 -19.01 16.89
C VAL C 5 -36.26 -19.44 17.40
N ASN C 6 -35.90 -20.70 17.19
CA ASN C 6 -34.54 -21.15 17.44
C ASN C 6 -33.48 -20.35 16.69
N ARG C 7 -33.76 -20.06 15.42
CA ARG C 7 -32.88 -19.27 14.61
C ARG C 7 -32.72 -17.87 15.20
N LYS C 8 -33.85 -17.26 15.57
CA LYS C 8 -33.84 -15.98 16.22
C LYS C 8 -32.94 -15.95 17.49
N VAL C 9 -33.11 -16.90 18.39
CA VAL C 9 -32.16 -17.04 19.52
C VAL C 9 -30.71 -17.25 19.11
N GLU C 10 -30.46 -18.20 18.18
CA GLU C 10 -29.07 -18.48 17.74
C GLU C 10 -28.44 -17.23 17.17
N HIS C 11 -29.24 -16.44 16.44
CA HIS C 11 -28.75 -15.25 15.85
C HIS C 11 -28.17 -14.31 16.85
N VAL C 12 -28.95 -13.98 17.87
CA VAL C 12 -28.53 -13.14 18.97
C VAL C 12 -27.27 -13.67 19.68
N GLU C 13 -27.28 -14.96 19.93
CA GLU C 13 -26.23 -15.68 20.68
C GLU C 13 -24.89 -15.66 19.91
N ILE C 14 -24.95 -15.86 18.59
CA ILE C 14 -23.73 -15.86 17.84
C ILE C 14 -23.19 -14.43 17.67
N ALA C 15 -24.11 -13.50 17.41
CA ALA C 15 -23.72 -12.13 17.20
C ALA C 15 -23.16 -11.61 18.50
N ALA C 16 -23.79 -11.98 19.61
CA ALA C 16 -23.34 -11.33 20.84
C ALA C 16 -22.03 -11.95 21.31
N PHE C 17 -21.86 -13.26 21.09
CA PHE C 17 -20.75 -13.97 21.74
C PHE C 17 -19.78 -14.63 20.85
N GLU C 18 -20.03 -14.76 19.55
CA GLU C 18 -18.94 -15.25 18.68
C GLU C 18 -18.19 -14.09 18.01
N ASN C 19 -17.13 -14.43 17.31
CA ASN C 19 -16.29 -13.47 16.71
C ASN C 19 -16.79 -13.17 15.26
N VAL C 20 -17.73 -12.24 15.11
CA VAL C 20 -18.32 -11.98 13.81
C VAL C 20 -18.37 -10.53 13.44
N ASP C 21 -17.95 -9.66 14.36
CA ASP C 21 -17.88 -8.23 14.11
C ASP C 21 -16.66 -7.87 13.28
N GLY C 22 -16.91 -7.59 12.00
CA GLY C 22 -15.84 -7.15 11.12
C GLY C 22 -14.91 -8.25 10.70
N LEU C 23 -15.39 -9.50 10.77
CA LEU C 23 -14.60 -10.70 10.45
C LEU C 23 -14.22 -10.73 8.98
N SER C 24 -12.91 -10.57 8.69
CA SER C 24 -12.36 -10.63 7.34
C SER C 24 -12.98 -9.57 6.41
N SER C 25 -13.55 -8.55 7.01
CA SER C 25 -14.30 -7.55 6.25
C SER C 25 -13.91 -6.09 6.72
N SER C 26 -14.37 -5.08 6.02
CA SER C 26 -13.86 -3.74 6.26
C SER C 26 -14.90 -2.73 5.82
N THR C 27 -15.07 -1.66 6.60
CA THR C 27 -16.04 -0.63 6.25
C THR C 27 -15.48 0.34 5.23
N PHE C 28 -14.15 0.41 5.16
CA PHE C 28 -13.43 1.41 4.37
C PHE C 28 -13.46 2.76 5.07
N LEU C 29 -14.03 2.83 6.26
CA LEU C 29 -14.07 4.10 6.99
C LEU C 29 -12.73 4.66 7.41
N ASN C 30 -11.71 3.80 7.51
CA ASN C 30 -10.34 4.26 7.73
C ASN C 30 -9.73 5.01 6.57
N ASP C 31 -10.38 4.97 5.41
CA ASP C 31 -9.95 5.73 4.23
C ASP C 31 -10.62 7.05 4.20
N VAL C 32 -11.38 7.36 5.26
CA VAL C 32 -12.12 8.61 5.30
C VAL C 32 -11.60 9.39 6.47
N ILE C 33 -11.14 10.62 6.21
CA ILE C 33 -10.62 11.47 7.25
C ILE C 33 -11.41 12.78 7.37
N LEU C 34 -11.75 13.15 8.61
CA LEU C 34 -12.43 14.44 8.84
C LEU C 34 -11.35 15.49 9.12
N VAL C 35 -11.40 16.61 8.40
CA VAL C 35 -10.36 17.64 8.52
C VAL C 35 -10.52 18.42 9.81
N HIS C 36 -9.47 18.36 10.63
CA HIS C 36 -9.46 19.00 11.94
C HIS C 36 -9.33 20.53 11.74
N GLN C 37 -10.07 21.30 12.55
CA GLN C 37 -10.05 22.73 12.49
C GLN C 37 -9.60 23.21 13.83
N GLY C 38 -8.36 23.69 13.90
CA GLY C 38 -7.78 24.18 15.16
C GLY C 38 -8.52 25.39 15.69
N PHE C 39 -9.16 26.14 14.79
CA PHE C 39 -10.11 27.16 15.20
C PHE C 39 -11.55 26.82 14.73
N PRO C 40 -12.28 26.07 15.57
CA PRO C 40 -13.67 25.68 15.29
C PRO C 40 -14.66 26.81 15.03
N GLY C 41 -14.58 27.91 15.78
CA GLY C 41 -15.54 29.00 15.54
C GLY C 41 -16.81 28.83 16.36
N ILE C 42 -16.82 27.82 17.22
CA ILE C 42 -18.00 27.52 18.00
C ILE C 42 -17.56 27.07 19.38
N SER C 43 -18.52 27.02 20.28
CA SER C 43 -18.34 26.39 21.55
C SER C 43 -19.02 24.98 21.56
N PHE C 44 -18.48 24.08 22.35
CA PHE C 44 -19.01 22.75 22.54
C PHE C 44 -20.50 22.80 22.94
N SER C 45 -20.80 23.69 23.87
CA SER C 45 -22.13 23.75 24.44
C SER C 45 -23.16 24.24 23.42
N GLU C 46 -22.74 24.91 22.37
CA GLU C 46 -23.70 25.33 21.35
C GLU C 46 -23.99 24.31 20.21
N ILE C 47 -23.24 23.22 20.14
CA ILE C 47 -23.50 22.13 19.18
C ILE C 47 -24.94 21.59 19.29
N ASN C 48 -25.60 21.50 18.15
CA ASN C 48 -26.97 21.09 18.06
C ASN C 48 -27.05 19.80 17.16
N THR C 49 -27.56 18.69 17.75
CA THR C 49 -27.55 17.35 17.12
C THR C 49 -28.96 16.95 16.73
N LYS C 50 -29.91 17.86 16.92
CA LYS C 50 -31.25 17.56 16.46
C LYS C 50 -31.34 17.35 14.94
N THR C 51 -32.26 16.46 14.52
CA THR C 51 -32.51 16.24 13.15
C THR C 51 -33.88 15.63 12.91
N LYS C 52 -34.26 15.56 11.64
CA LYS C 52 -35.56 15.01 11.17
C LYS C 52 -35.48 13.52 10.94
N PHE C 53 -36.51 12.81 11.38
CA PHE C 53 -36.71 11.44 11.02
C PHE C 53 -38.17 11.30 10.59
N PHE C 54 -38.36 11.40 9.27
CA PHE C 54 -39.67 11.54 8.62
C PHE C 54 -40.48 12.68 9.26
N ARG C 55 -41.60 12.41 9.91
CA ARG C 55 -42.38 13.52 10.49
C ARG C 55 -41.99 13.89 11.91
N LYS C 56 -41.10 13.11 12.54
CA LYS C 56 -40.67 13.39 13.91
C LYS C 56 -39.30 14.08 14.00
N GLU C 57 -39.05 14.73 15.13
CA GLU C 57 -37.73 15.21 15.39
C GLU C 57 -37.06 14.19 16.32
N ILE C 58 -35.78 13.95 16.08
CA ILE C 58 -34.96 13.08 16.93
C ILE C 58 -33.80 13.91 17.46
N SER C 59 -33.34 13.53 18.64
CA SER C 59 -32.32 14.23 19.39
C SER C 59 -30.89 14.22 18.78
N VAL C 60 -30.58 13.18 18.00
CA VAL C 60 -29.24 12.83 17.60
C VAL C 60 -29.37 12.12 16.25
N PRO C 61 -28.44 12.35 15.29
CA PRO C 61 -28.64 11.69 13.99
C PRO C 61 -28.17 10.22 13.95
N VAL C 62 -28.70 9.42 14.85
CA VAL C 62 -28.30 8.08 15.00
C VAL C 62 -29.58 7.29 15.16
N MET C 63 -29.63 6.05 14.66
CA MET C 63 -30.74 5.15 15.00
C MET C 63 -30.18 3.77 15.42
N VAL C 64 -30.96 3.00 16.17
CA VAL C 64 -30.68 1.59 16.37
C VAL C 64 -31.44 0.84 15.26
N THR C 65 -30.72 0.07 14.45
CA THR C 65 -31.40 -0.66 13.37
C THR C 65 -31.95 -2.00 13.87
N GLY C 66 -32.80 -2.60 13.08
CA GLY C 66 -33.57 -3.73 13.61
C GLY C 66 -32.69 -4.96 13.88
N MET C 67 -33.11 -5.74 14.86
CA MET C 67 -32.36 -6.91 15.28
C MET C 67 -33.22 -8.08 15.64
N THR C 68 -34.03 -7.94 16.67
CA THR C 68 -34.58 -9.16 17.28
C THR C 68 -36.07 -9.04 17.68
N GLY C 69 -36.56 -10.06 18.36
CA GLY C 69 -37.97 -10.30 18.52
C GLY C 69 -38.23 -11.76 18.16
N GLY C 70 -39.21 -12.35 18.82
CA GLY C 70 -39.59 -13.72 18.52
C GLY C 70 -39.99 -14.58 19.70
N ARG C 71 -39.46 -14.24 20.87
CA ARG C 71 -39.63 -15.03 22.09
C ARG C 71 -39.40 -14.05 23.25
N ASN C 72 -39.84 -14.43 24.44
CA ASN C 72 -39.92 -13.48 25.54
C ASN C 72 -38.59 -12.95 26.07
N GLU C 73 -37.52 -13.74 25.96
CA GLU C 73 -36.21 -13.22 26.33
C GLU C 73 -35.67 -12.27 25.28
N LEU C 74 -36.20 -12.38 24.06
CA LEU C 74 -35.83 -11.46 22.98
C LEU C 74 -36.58 -10.13 23.21
N GLY C 75 -37.84 -10.28 23.63
CA GLY C 75 -38.67 -9.15 24.04
C GLY C 75 -38.01 -8.32 25.15
N ARG C 76 -37.41 -9.01 26.11
CA ARG C 76 -36.80 -8.29 27.22
C ARG C 76 -35.57 -7.44 26.76
N ILE C 77 -34.82 -7.93 25.78
CA ILE C 77 -33.79 -7.16 25.08
C ILE C 77 -34.41 -5.98 24.29
N ASN C 78 -35.47 -6.23 23.56
CA ASN C 78 -36.20 -5.18 22.87
C ASN C 78 -36.71 -4.11 23.81
N LYS C 79 -37.14 -4.53 25.01
CA LYS C 79 -37.61 -3.61 26.04
C LYS C 79 -36.51 -2.65 26.50
N ILE C 80 -35.35 -3.22 26.76
CA ILE C 80 -34.26 -2.43 27.30
C ILE C 80 -33.84 -1.41 26.23
N ILE C 81 -33.65 -1.86 25.00
CA ILE C 81 -33.20 -1.00 23.93
C ILE C 81 -34.22 0.15 23.75
N ALA C 82 -35.48 -0.22 23.70
CA ALA C 82 -36.56 0.70 23.50
C ALA C 82 -36.64 1.79 24.59
N GLU C 83 -36.56 1.42 25.85
CA GLU C 83 -36.65 2.44 26.87
C GLU C 83 -35.45 3.39 26.89
N VAL C 84 -34.26 2.91 26.54
CA VAL C 84 -33.11 3.79 26.48
C VAL C 84 -33.25 4.67 25.21
N ALA C 85 -33.73 4.06 24.11
CA ALA C 85 -33.92 4.78 22.87
C ALA C 85 -34.88 5.92 23.12
N GLU C 86 -35.99 5.61 23.77
CA GLU C 86 -36.98 6.63 24.22
C GLU C 86 -36.34 7.70 25.05
N LYS C 87 -35.54 7.30 26.06
CA LYS C 87 -34.86 8.28 26.94
C LYS C 87 -33.93 9.25 26.17
N PHE C 88 -33.18 8.71 25.21
CA PHE C 88 -32.27 9.53 24.39
C PHE C 88 -32.86 10.24 23.15
N GLY C 89 -34.14 9.97 22.89
CA GLY C 89 -34.79 10.54 21.76
C GLY C 89 -34.23 9.98 20.45
N ILE C 90 -33.82 8.72 20.42
CA ILE C 90 -33.43 8.16 19.13
C ILE C 90 -34.36 7.07 18.54
N PRO C 91 -34.41 6.97 17.17
CA PRO C 91 -35.30 5.98 16.54
C PRO C 91 -34.85 4.56 16.79
N MET C 92 -35.81 3.64 16.83
CA MET C 92 -35.45 2.23 16.95
C MET C 92 -36.20 1.34 15.96
N GLY C 93 -35.48 0.52 15.21
CA GLY C 93 -36.13 -0.49 14.37
C GLY C 93 -36.15 -1.79 15.15
N VAL C 94 -37.15 -2.64 14.88
CA VAL C 94 -37.20 -3.96 15.46
C VAL C 94 -36.71 -4.98 14.45
N GLY C 95 -36.39 -6.18 14.93
CA GLY C 95 -36.03 -7.31 14.08
C GLY C 95 -37.16 -7.76 13.19
N SER C 96 -36.87 -8.60 12.21
CA SER C 96 -37.90 -9.14 11.30
C SER C 96 -39.02 -9.72 12.07
N GLN C 97 -40.21 -9.20 11.80
CA GLN C 97 -41.46 -9.61 12.42
C GLN C 97 -42.13 -10.83 11.76
N ARG C 98 -41.50 -11.43 10.74
CA ARG C 98 -42.03 -12.67 10.12
C ARG C 98 -42.45 -13.64 11.23
N VAL C 99 -41.53 -13.90 12.15
CA VAL C 99 -41.77 -14.76 13.29
C VAL C 99 -43.09 -14.52 13.99
N ALA C 100 -43.48 -13.26 14.07
CA ALA C 100 -44.72 -12.91 14.78
C ALA C 100 -45.90 -12.96 13.85
N ILE C 101 -45.66 -12.79 12.55
CA ILE C 101 -46.72 -13.11 11.61
C ILE C 101 -47.01 -14.63 11.70
N GLU C 102 -45.98 -15.45 11.78
CA GLU C 102 -46.17 -16.90 11.82
C GLU C 102 -46.66 -17.45 13.19
N LYS C 103 -46.40 -16.74 14.29
CA LYS C 103 -46.68 -17.25 15.63
C LYS C 103 -47.15 -16.13 16.50
N ALA C 104 -48.44 -16.11 16.83
CA ALA C 104 -49.03 -15.07 17.71
C ALA C 104 -48.31 -14.88 19.08
N GLU C 105 -47.73 -15.93 19.64
CA GLU C 105 -46.98 -15.81 20.94
C GLU C 105 -45.73 -14.91 20.84
N ALA C 106 -45.27 -14.67 19.60
CA ALA C 106 -44.11 -13.84 19.36
C ALA C 106 -44.44 -12.34 19.24
N ARG C 107 -45.73 -11.99 19.14
CA ARG C 107 -46.16 -10.60 18.96
C ARG C 107 -45.73 -9.69 20.10
N GLU C 108 -45.86 -10.18 21.32
CA GLU C 108 -45.64 -9.34 22.51
C GLU C 108 -44.15 -8.92 22.61
N SER C 109 -43.24 -9.76 22.11
CA SER C 109 -41.84 -9.41 22.14
C SER C 109 -41.50 -8.22 21.19
N PHE C 110 -42.41 -7.90 20.28
CA PHE C 110 -42.32 -6.68 19.47
C PHE C 110 -43.12 -5.52 20.05
N ALA C 111 -44.40 -5.75 20.36
CA ALA C 111 -45.28 -4.73 20.88
C ALA C 111 -44.74 -4.00 22.12
N ILE C 112 -43.98 -4.72 22.95
CA ILE C 112 -43.33 -4.14 24.15
C ILE C 112 -42.55 -2.85 23.82
N VAL C 113 -41.98 -2.81 22.63
CA VAL C 113 -41.23 -1.65 22.17
C VAL C 113 -42.04 -0.36 22.27
N ARG C 114 -43.23 -0.36 21.67
CA ARG C 114 -44.11 0.81 21.72
C ARG C 114 -44.66 1.17 23.11
N LYS C 115 -44.90 0.19 23.94
CA LYS C 115 -45.39 0.48 25.31
C LYS C 115 -44.39 1.33 26.11
N VAL C 116 -43.11 1.04 25.93
CA VAL C 116 -42.07 1.61 26.73
C VAL C 116 -41.43 2.82 26.02
N ALA C 117 -41.80 3.01 24.77
CA ALA C 117 -41.27 4.10 24.00
C ALA C 117 -42.38 4.69 23.14
N PRO C 118 -43.24 5.51 23.78
CA PRO C 118 -44.44 6.08 23.15
C PRO C 118 -44.16 7.23 22.20
N THR C 119 -42.96 7.83 22.26
CA THR C 119 -42.76 9.02 21.43
C THR C 119 -41.84 8.87 20.24
N ILE C 120 -40.74 8.11 20.39
CA ILE C 120 -39.74 8.01 19.31
C ILE C 120 -40.22 7.32 18.03
N PRO C 121 -39.49 7.51 16.91
CA PRO C 121 -39.89 6.77 15.76
C PRO C 121 -39.56 5.30 15.98
N ILE C 122 -40.52 4.44 15.59
CA ILE C 122 -40.32 3.00 15.68
C ILE C 122 -40.46 2.40 14.30
N ILE C 123 -39.52 1.55 13.87
CA ILE C 123 -39.55 1.07 12.54
C ILE C 123 -39.74 -0.42 12.46
N ALA C 124 -40.78 -0.84 11.72
CA ALA C 124 -41.13 -2.24 11.59
C ALA C 124 -40.11 -2.92 10.66
N ASN C 125 -40.20 -4.22 10.57
CA ASN C 125 -39.25 -4.97 9.78
C ASN C 125 -39.86 -6.22 9.13
N LEU C 126 -39.68 -6.35 7.83
CA LEU C 126 -39.94 -7.61 7.09
C LEU C 126 -38.89 -7.92 6.01
N GLY C 127 -38.73 -9.18 5.69
CA GLY C 127 -37.76 -9.57 4.71
C GLY C 127 -38.28 -9.60 3.28
N MET C 128 -37.47 -9.17 2.33
CA MET C 128 -37.81 -9.22 0.91
C MET C 128 -38.27 -10.58 0.46
N PRO C 129 -37.64 -11.66 0.96
CA PRO C 129 -38.05 -12.99 0.45
C PRO C 129 -39.50 -13.39 0.79
N GLN C 130 -40.03 -12.84 1.89
CA GLN C 130 -41.38 -13.14 2.26
C GLN C 130 -42.31 -12.47 1.29
N LEU C 131 -41.88 -11.37 0.69
CA LEU C 131 -42.62 -10.68 -0.37
C LEU C 131 -42.74 -11.49 -1.67
N VAL C 132 -41.67 -12.16 -2.09
CA VAL C 132 -41.81 -13.02 -3.28
C VAL C 132 -42.68 -14.23 -2.99
N LYS C 133 -42.72 -14.63 -1.72
CA LYS C 133 -43.35 -15.85 -1.31
C LYS C 133 -44.68 -15.55 -0.66
N GLY C 134 -45.40 -14.53 -1.13
CA GLY C 134 -46.75 -14.39 -0.64
C GLY C 134 -47.23 -13.29 0.28
N TYR C 135 -46.33 -12.61 0.99
CA TYR C 135 -46.78 -11.49 1.81
C TYR C 135 -47.35 -10.42 0.90
N GLY C 136 -48.28 -9.63 1.42
CA GLY C 136 -48.81 -8.50 0.68
C GLY C 136 -49.15 -7.43 1.68
N LEU C 137 -50.04 -6.54 1.27
CA LEU C 137 -50.46 -5.42 2.06
C LEU C 137 -50.76 -5.70 3.54
N LYS C 138 -51.56 -6.74 3.78
CA LYS C 138 -52.09 -7.03 5.12
C LYS C 138 -50.99 -7.39 6.08
N GLU C 139 -50.06 -8.21 5.60
CA GLU C 139 -48.91 -8.56 6.42
C GLU C 139 -48.12 -7.30 6.78
N PHE C 140 -48.02 -6.37 5.82
CA PHE C 140 -47.26 -5.14 6.05
C PHE C 140 -47.93 -4.32 7.11
N GLN C 141 -49.25 -4.19 6.98
CA GLN C 141 -50.07 -3.39 7.94
C GLN C 141 -50.09 -4.00 9.30
N ASP C 142 -50.09 -5.32 9.38
CA ASP C 142 -49.97 -5.98 10.67
C ASP C 142 -48.62 -5.75 11.34
N ALA C 143 -47.53 -5.93 10.63
CA ALA C 143 -46.22 -5.59 11.17
C ALA C 143 -46.22 -4.16 11.69
N ILE C 144 -46.85 -3.24 10.98
CA ILE C 144 -46.88 -1.84 11.39
C ILE C 144 -47.70 -1.57 12.65
N GLN C 145 -48.94 -2.08 12.70
CA GLN C 145 -49.85 -1.78 13.81
C GLN C 145 -49.39 -2.44 15.13
N MET C 146 -48.77 -3.61 15.00
CA MET C 146 -48.19 -4.39 16.11
C MET C 146 -47.32 -3.53 17.01
N ILE C 147 -46.67 -2.51 16.43
CA ILE C 147 -45.83 -1.60 17.20
C ILE C 147 -46.17 -0.13 16.92
N GLU C 148 -47.32 0.14 16.32
CA GLU C 148 -47.68 1.49 15.84
C GLU C 148 -46.49 2.19 15.18
N ALA C 149 -45.90 1.52 14.20
CA ALA C 149 -44.65 1.95 13.59
C ALA C 149 -44.75 3.29 12.86
N ASP C 150 -43.64 4.02 12.77
CA ASP C 150 -43.59 5.25 11.96
C ASP C 150 -43.05 5.02 10.53
N ALA C 151 -42.53 3.80 10.31
CA ALA C 151 -42.05 3.35 9.00
C ALA C 151 -41.88 1.87 9.09
N ILE C 152 -41.68 1.22 7.94
CA ILE C 152 -41.38 -0.17 7.94
C ILE C 152 -40.14 -0.38 7.06
N ALA C 153 -39.22 -1.18 7.58
CA ALA C 153 -38.03 -1.45 6.87
C ALA C 153 -38.25 -2.77 6.17
N VAL C 154 -37.97 -2.82 4.89
CA VAL C 154 -37.79 -4.12 4.28
C VAL C 154 -36.33 -4.48 3.98
N HIS C 155 -35.89 -5.65 4.45
CA HIS C 155 -34.49 -6.02 4.39
C HIS C 155 -34.12 -6.87 3.16
N LEU C 156 -32.93 -6.55 2.63
CA LEU C 156 -32.29 -7.28 1.59
C LEU C 156 -31.25 -8.15 2.30
N ASN C 157 -31.38 -9.47 2.14
CA ASN C 157 -30.38 -10.37 2.76
C ASN C 157 -30.09 -11.62 1.92
N PRO C 158 -29.93 -11.43 0.59
CA PRO C 158 -29.63 -12.60 -0.23
C PRO C 158 -28.36 -13.34 0.15
N ALA C 159 -27.30 -12.61 0.57
CA ALA C 159 -26.05 -13.28 0.92
C ALA C 159 -26.32 -14.19 2.11
N GLN C 160 -26.92 -13.66 3.13
CA GLN C 160 -27.35 -14.44 4.26
C GLN C 160 -28.21 -15.64 3.87
N GLU C 161 -29.22 -15.42 3.03
CA GLU C 161 -30.14 -16.51 2.70
C GLU C 161 -29.39 -17.63 1.95
N VAL C 162 -28.43 -17.25 1.08
CA VAL C 162 -27.67 -18.23 0.33
C VAL C 162 -26.90 -19.16 1.25
N PHE C 163 -26.37 -18.65 2.36
CA PHE C 163 -25.57 -19.52 3.26
C PHE C 163 -26.34 -20.09 4.43
N GLN C 164 -27.43 -19.42 4.79
CA GLN C 164 -28.28 -19.87 5.87
C GLN C 164 -28.72 -21.31 5.60
N PRO C 165 -28.64 -22.19 6.65
CA PRO C 165 -29.03 -23.62 6.46
C PRO C 165 -30.47 -23.76 5.91
N GLU C 166 -31.43 -23.06 6.51
CA GLU C 166 -32.82 -23.06 6.02
C GLU C 166 -33.16 -21.79 5.21
N GLY C 167 -32.15 -21.22 4.54
CA GLY C 167 -32.28 -19.94 3.85
C GLY C 167 -33.14 -20.03 2.61
N GLU C 168 -33.60 -18.86 2.16
CA GLU C 168 -34.57 -18.73 1.05
C GLU C 168 -34.07 -17.66 0.08
N PRO C 169 -33.20 -18.04 -0.87
CA PRO C 169 -32.64 -16.98 -1.72
C PRO C 169 -33.51 -16.74 -2.97
N GLU C 170 -34.65 -16.08 -2.74
CA GLU C 170 -35.60 -15.71 -3.77
C GLU C 170 -35.71 -14.20 -3.86
N TYR C 171 -35.25 -13.64 -4.98
CA TYR C 171 -35.24 -12.18 -5.16
C TYR C 171 -35.74 -11.81 -6.54
N GLN C 172 -36.83 -12.46 -6.93
CA GLN C 172 -37.49 -12.24 -8.23
C GLN C 172 -38.00 -10.82 -8.33
N ILE C 173 -37.78 -10.26 -9.50
CA ILE C 173 -38.13 -8.87 -9.78
C ILE C 173 -39.55 -8.49 -9.43
N TYR C 174 -40.49 -9.42 -9.58
CA TYR C 174 -41.90 -9.25 -9.19
C TYR C 174 -42.07 -8.67 -7.77
N ALA C 175 -41.20 -9.06 -6.83
CA ALA C 175 -41.34 -8.57 -5.47
C ALA C 175 -41.39 -7.03 -5.40
N LEU C 176 -40.67 -6.36 -6.28
CA LEU C 176 -40.60 -4.91 -6.30
C LEU C 176 -41.89 -4.31 -6.87
N GLU C 177 -42.54 -5.02 -7.77
CA GLU C 177 -43.83 -4.57 -8.30
C GLU C 177 -44.81 -4.56 -7.14
N LYS C 178 -44.77 -5.65 -6.37
CA LYS C 178 -45.57 -5.73 -5.17
C LYS C 178 -45.22 -4.67 -4.11
N LEU C 179 -43.94 -4.42 -3.85
CA LEU C 179 -43.58 -3.46 -2.82
C LEU C 179 -44.11 -2.09 -3.23
N ARG C 180 -44.01 -1.81 -4.51
CA ARG C 180 -44.48 -0.54 -5.06
C ARG C 180 -45.98 -0.35 -4.88
N ASP C 181 -46.76 -1.38 -5.18
CA ASP C 181 -48.19 -1.37 -4.97
C ASP C 181 -48.51 -1.24 -3.52
N ILE C 182 -47.81 -2.00 -2.66
CA ILE C 182 -48.06 -1.91 -1.24
C ILE C 182 -47.82 -0.48 -0.70
N SER C 183 -46.77 0.17 -1.17
CA SER C 183 -46.37 1.49 -0.68
C SER C 183 -47.45 2.54 -0.94
N LYS C 184 -48.27 2.27 -1.97
CA LYS C 184 -49.47 3.06 -2.31
C LYS C 184 -50.47 3.19 -1.19
N GLU C 185 -50.58 2.12 -0.45
CA GLU C 185 -51.67 1.83 0.41
C GLU C 185 -51.26 1.99 1.87
N LEU C 186 -49.94 1.97 2.10
CA LEU C 186 -49.38 2.15 3.44
C LEU C 186 -49.57 3.58 3.90
N SER C 187 -49.77 3.80 5.19
CA SER C 187 -49.77 5.20 5.68
C SER C 187 -48.37 5.63 6.24
N VAL C 188 -47.36 4.78 6.14
CA VAL C 188 -45.99 5.16 6.63
C VAL C 188 -44.97 4.86 5.56
N PRO C 189 -43.78 5.52 5.59
CA PRO C 189 -42.81 5.21 4.51
C PRO C 189 -42.09 3.88 4.65
N ILE C 190 -41.57 3.41 3.52
CA ILE C 190 -40.77 2.23 3.44
C ILE C 190 -39.30 2.63 3.31
N ILE C 191 -38.50 1.95 4.12
CA ILE C 191 -37.03 2.01 3.99
C ILE C 191 -36.55 0.65 3.53
N VAL C 192 -35.67 0.65 2.53
CA VAL C 192 -35.01 -0.61 2.14
C VAL C 192 -33.60 -0.62 2.73
N LYS C 193 -33.31 -1.67 3.50
CA LYS C 193 -32.02 -1.77 4.15
C LYS C 193 -31.37 -3.08 3.74
N GLU C 194 -30.06 -3.09 3.72
CA GLU C 194 -29.34 -4.35 3.61
C GLU C 194 -29.12 -4.97 4.99
N SER C 195 -28.17 -5.91 5.04
CA SER C 195 -27.95 -6.70 6.22
C SER C 195 -26.49 -7.16 6.24
N GLY C 196 -25.57 -6.19 6.16
CA GLY C 196 -24.12 -6.49 6.28
C GLY C 196 -23.33 -6.62 4.99
N ASN C 197 -24.02 -6.49 3.83
CA ASN C 197 -23.35 -6.65 2.53
C ASN C 197 -23.54 -5.46 1.58
N GLY C 198 -24.35 -4.48 2.03
CA GLY C 198 -24.21 -3.13 1.46
C GLY C 198 -25.04 -2.89 0.20
N ILE C 199 -25.37 -1.61 -0.06
CA ILE C 199 -26.14 -1.26 -1.24
C ILE C 199 -25.29 -0.56 -2.28
N SER C 200 -25.37 -1.08 -3.52
CA SER C 200 -24.60 -0.64 -4.68
C SER C 200 -25.42 0.36 -5.45
N MET C 201 -24.79 1.06 -6.40
CA MET C 201 -25.60 2.01 -7.18
C MET C 201 -26.62 1.34 -8.07
N GLU C 202 -26.34 0.13 -8.58
CA GLU C 202 -27.35 -0.58 -9.45
C GLU C 202 -28.54 -0.91 -8.61
N THR C 203 -28.27 -1.37 -7.37
CA THR C 203 -29.37 -1.80 -6.53
C THR C 203 -30.21 -0.57 -6.11
N ALA C 204 -29.50 0.47 -5.71
CA ALA C 204 -30.19 1.70 -5.29
C ALA C 204 -31.06 2.30 -6.42
N LYS C 205 -30.54 2.37 -7.64
CA LYS C 205 -31.29 2.94 -8.79
C LYS C 205 -32.48 2.06 -9.15
N LEU C 206 -32.34 0.76 -8.99
CA LEU C 206 -33.41 -0.15 -9.31
C LEU C 206 -34.54 0.08 -8.30
N LEU C 207 -34.18 0.15 -7.03
CA LEU C 207 -35.19 0.36 -6.01
C LEU C 207 -35.90 1.71 -6.19
N TYR C 208 -35.14 2.75 -6.45
CA TYR C 208 -35.63 4.08 -6.75
C TYR C 208 -36.62 4.07 -7.91
N SER C 209 -36.32 3.31 -8.95
CA SER C 209 -37.19 3.25 -10.10
C SER C 209 -38.54 2.65 -9.67
N TYR C 210 -38.58 1.95 -8.55
CA TYR C 210 -39.82 1.47 -8.07
C TYR C 210 -40.41 2.35 -6.97
N GLY C 211 -39.94 3.58 -6.80
CA GLY C 211 -40.51 4.48 -5.79
C GLY C 211 -39.81 4.48 -4.40
N ILE C 212 -38.69 3.77 -4.26
CA ILE C 212 -38.05 3.69 -2.93
C ILE C 212 -37.13 4.88 -2.87
N LYS C 213 -37.25 5.67 -1.79
CA LYS C 213 -36.47 6.89 -1.60
C LYS C 213 -35.66 6.87 -0.31
N ASN C 214 -35.81 5.82 0.50
CA ASN C 214 -35.20 5.73 1.82
C ASN C 214 -34.39 4.45 1.93
N PHE C 215 -33.10 4.60 2.27
CA PHE C 215 -32.14 3.52 2.12
C PHE C 215 -31.33 3.40 3.37
N ASP C 216 -30.92 2.18 3.71
CA ASP C 216 -30.04 1.97 4.87
C ASP C 216 -28.92 1.03 4.39
N THR C 217 -27.69 1.57 4.29
CA THR C 217 -26.63 0.89 3.55
C THR C 217 -26.26 -0.47 4.11
N SER C 218 -26.23 -0.61 5.43
CA SER C 218 -25.79 -1.84 6.09
C SER C 218 -24.71 -2.53 5.27
N GLY C 219 -23.61 -1.80 5.06
CA GLY C 219 -22.50 -2.34 4.33
C GLY C 219 -21.62 -3.36 5.09
N GLN C 220 -20.59 -3.88 4.44
CA GLN C 220 -19.71 -4.83 5.09
C GLN C 220 -18.73 -4.10 6.01
N GLY C 221 -18.20 -4.81 7.00
CA GLY C 221 -17.26 -4.22 7.91
C GLY C 221 -17.74 -4.26 9.32
N GLY C 222 -19.05 -4.40 9.49
CA GLY C 222 -19.58 -4.65 10.82
C GLY C 222 -20.03 -6.07 10.95
N THR C 223 -21.21 -6.24 11.52
CA THR C 223 -21.69 -7.60 11.71
C THR C 223 -21.66 -8.31 10.36
N ASN C 224 -21.03 -9.48 10.38
CA ASN C 224 -20.85 -10.27 9.19
C ASN C 224 -21.88 -11.42 9.17
N TRP C 225 -22.92 -11.24 8.34
CA TRP C 225 -24.02 -12.14 8.38
C TRP C 225 -23.68 -13.46 7.69
N ILE C 226 -22.84 -13.38 6.69
CA ILE C 226 -22.30 -14.57 6.07
C ILE C 226 -21.57 -15.36 7.17
N ALA C 227 -20.83 -14.66 8.06
CA ALA C 227 -20.10 -15.37 9.10
C ALA C 227 -21.03 -16.04 10.12
N ILE C 228 -22.18 -15.41 10.40
CA ILE C 228 -23.12 -15.92 11.37
C ILE C 228 -23.71 -17.21 10.85
N GLU C 229 -24.15 -17.22 9.60
CA GLU C 229 -24.68 -18.40 8.98
C GLU C 229 -23.65 -19.49 8.76
N MET C 230 -22.42 -19.08 8.40
CA MET C 230 -21.30 -19.98 8.34
C MET C 230 -21.19 -20.79 9.65
N ILE C 231 -21.26 -20.05 10.76
CA ILE C 231 -21.21 -20.64 12.07
C ILE C 231 -22.38 -21.53 12.37
N ARG C 232 -23.57 -21.16 11.89
CA ARG C 232 -24.71 -22.04 12.06
C ARG C 232 -24.48 -23.31 11.24
N ASP C 233 -23.93 -23.15 10.03
CA ASP C 233 -23.57 -24.30 9.17
C ASP C 233 -22.50 -25.24 9.84
N ILE C 234 -21.49 -24.68 10.49
CA ILE C 234 -20.49 -25.50 11.21
C ILE C 234 -21.21 -26.33 12.27
N ARG C 235 -22.03 -25.65 13.06
CA ARG C 235 -22.80 -26.26 14.10
C ARG C 235 -23.67 -27.42 13.62
N ARG C 236 -24.25 -27.30 12.44
CA ARG C 236 -25.07 -28.41 11.90
C ARG C 236 -24.27 -29.47 11.12
N GLY C 237 -22.96 -29.26 11.00
CA GLY C 237 -22.15 -29.96 10.02
C GLY C 237 -22.70 -29.85 8.60
N ASN C 238 -23.20 -28.67 8.22
CA ASN C 238 -23.71 -28.45 6.85
C ASN C 238 -22.50 -28.01 6.02
N TRP C 239 -22.27 -28.67 4.87
CA TRP C 239 -21.06 -28.36 4.06
C TRP C 239 -20.95 -26.91 3.52
N LYS C 240 -22.06 -26.18 3.44
CA LYS C 240 -22.03 -24.78 2.99
C LYS C 240 -21.07 -23.90 3.79
N ALA C 241 -20.69 -24.38 4.99
CA ALA C 241 -19.75 -23.69 5.87
C ALA C 241 -18.43 -23.29 5.23
N GLU C 242 -17.82 -24.22 4.47
CA GLU C 242 -16.49 -23.95 3.91
C GLU C 242 -16.66 -22.93 2.79
N SER C 243 -17.80 -23.00 2.10
CA SER C 243 -18.10 -22.14 1.01
C SER C 243 -18.35 -20.76 1.53
N ALA C 244 -19.11 -20.66 2.65
CA ALA C 244 -19.35 -19.36 3.30
C ALA C 244 -18.03 -18.68 3.60
N LYS C 245 -17.06 -19.48 4.00
CA LYS C 245 -15.78 -18.94 4.38
C LYS C 245 -15.08 -18.23 3.22
N ASN C 246 -15.27 -18.71 2.00
CA ASN C 246 -14.77 -18.02 0.82
C ASN C 246 -15.44 -16.70 0.52
N PHE C 247 -16.62 -16.49 1.12
CA PHE C 247 -17.42 -15.29 0.90
C PHE C 247 -17.39 -14.32 2.06
N LEU C 248 -16.53 -14.57 3.07
CA LEU C 248 -16.47 -13.68 4.25
C LEU C 248 -16.25 -12.17 3.95
N ASP C 249 -15.48 -11.89 2.91
CA ASP C 249 -15.22 -10.52 2.53
C ASP C 249 -16.11 -10.03 1.38
N TRP C 250 -17.24 -10.68 1.17
CA TRP C 250 -18.18 -10.30 0.10
C TRP C 250 -18.99 -9.04 0.51
N GLY C 251 -19.17 -8.13 -0.45
CA GLY C 251 -20.06 -6.99 -0.24
C GLY C 251 -19.51 -5.60 -0.50
N VAL C 252 -20.41 -4.61 -0.37
CA VAL C 252 -19.99 -3.25 -0.53
C VAL C 252 -19.65 -2.72 0.84
N PRO C 253 -18.39 -2.27 1.05
CA PRO C 253 -18.05 -1.63 2.36
C PRO C 253 -18.96 -0.45 2.65
N THR C 254 -19.36 -0.30 3.90
CA THR C 254 -20.21 0.80 4.31
C THR C 254 -19.90 2.17 3.67
N ALA C 255 -18.64 2.56 3.71
CA ALA C 255 -18.24 3.92 3.29
C ALA C 255 -18.50 4.06 1.77
N ALA C 256 -18.23 2.99 1.02
CA ALA C 256 -18.46 2.92 -0.42
C ALA C 256 -19.93 2.88 -0.76
N SER C 257 -20.68 2.11 0.00
CA SER C 257 -22.12 2.10 -0.12
C SER C 257 -22.78 3.46 0.11
N ILE C 258 -22.30 4.20 1.13
CA ILE C 258 -22.87 5.50 1.39
C ILE C 258 -22.59 6.39 0.15
N MET C 259 -21.36 6.36 -0.33
CA MET C 259 -21.02 7.16 -1.50
C MET C 259 -21.87 6.76 -2.66
N GLU C 260 -21.93 5.47 -2.97
CA GLU C 260 -22.76 4.97 -4.09
C GLU C 260 -24.26 5.36 -3.99
N VAL C 261 -24.84 5.30 -2.80
CA VAL C 261 -26.25 5.59 -2.71
C VAL C 261 -26.49 7.09 -2.85
N ARG C 262 -25.74 7.89 -2.11
CA ARG C 262 -25.80 9.34 -2.22
C ARG C 262 -25.55 9.83 -3.65
N TYR C 263 -24.58 9.22 -4.34
CA TYR C 263 -24.25 9.63 -5.70
C TYR C 263 -25.36 9.26 -6.69
N SER C 264 -25.93 8.07 -6.52
CA SER C 264 -26.82 7.58 -7.55
C SER C 264 -28.27 8.01 -7.31
N VAL C 265 -28.56 8.36 -6.07
CA VAL C 265 -29.90 8.83 -5.69
C VAL C 265 -29.67 10.02 -4.75
N PRO C 266 -29.38 11.19 -5.34
CA PRO C 266 -28.96 12.36 -4.59
C PRO C 266 -30.00 12.87 -3.65
N ASP C 267 -31.28 12.63 -3.90
CA ASP C 267 -32.36 13.11 -2.98
C ASP C 267 -32.80 12.04 -1.94
N SER C 268 -32.07 10.93 -1.88
CA SER C 268 -32.48 9.88 -0.94
C SER C 268 -32.37 10.34 0.53
N PHE C 269 -33.23 9.79 1.37
CA PHE C 269 -32.98 9.81 2.79
C PHE C 269 -32.16 8.53 3.07
N LEU C 270 -30.98 8.70 3.70
CA LEU C 270 -29.93 7.70 3.78
C LEU C 270 -29.47 7.45 5.22
N VAL C 271 -29.53 6.19 5.65
CA VAL C 271 -28.95 5.75 6.94
C VAL C 271 -27.66 5.11 6.54
N GLY C 272 -26.55 5.53 7.16
CA GLY C 272 -25.29 4.88 6.87
C GLY C 272 -25.04 3.94 8.02
N SER C 273 -24.95 2.64 7.71
CA SER C 273 -24.78 1.66 8.77
C SER C 273 -23.99 0.49 8.30
N GLY C 274 -23.55 -0.31 9.29
CA GLY C 274 -22.73 -1.44 9.04
C GLY C 274 -21.37 -1.12 9.61
N GLY C 275 -21.11 -1.62 10.80
CA GLY C 275 -19.84 -1.33 11.39
C GLY C 275 -19.64 0.06 11.98
N ILE C 276 -20.70 0.79 12.24
CA ILE C 276 -20.57 2.03 12.99
C ILE C 276 -20.38 1.63 14.46
N ARG C 277 -19.20 1.95 15.00
CA ARG C 277 -18.88 1.51 16.40
C ARG C 277 -18.59 2.63 17.38
N SER C 278 -18.57 3.88 16.89
CA SER C 278 -18.26 5.02 17.73
C SER C 278 -18.92 6.24 17.09
N GLY C 279 -19.02 7.32 17.84
CA GLY C 279 -19.56 8.54 17.28
C GLY C 279 -18.66 9.20 16.25
N LEU C 280 -17.37 8.86 16.26
CA LEU C 280 -16.49 9.25 15.16
C LEU C 280 -16.93 8.48 13.91
N ASP C 281 -17.05 7.15 14.00
CA ASP C 281 -17.65 6.50 12.82
C ASP C 281 -18.94 7.19 12.33
N ALA C 282 -19.80 7.56 13.26
CA ALA C 282 -21.10 8.09 12.94
C ALA C 282 -20.90 9.43 12.24
N ALA C 283 -19.97 10.22 12.74
CA ALA C 283 -19.66 11.49 12.12
C ALA C 283 -19.14 11.33 10.71
N LYS C 284 -18.20 10.41 10.52
CA LYS C 284 -17.70 10.10 9.18
C LYS C 284 -18.79 9.70 8.25
N ALA C 285 -19.74 8.87 8.72
CA ALA C 285 -20.82 8.35 7.81
C ALA C 285 -21.71 9.50 7.30
N ILE C 286 -22.06 10.39 8.21
CA ILE C 286 -22.86 11.55 7.90
C ILE C 286 -22.09 12.49 7.03
N ALA C 287 -20.85 12.85 7.43
CA ALA C 287 -19.99 13.71 6.56
C ALA C 287 -19.90 13.19 5.14
N LEU C 288 -19.66 11.90 5.00
CA LEU C 288 -19.60 11.32 3.67
C LEU C 288 -20.88 11.36 2.86
N GLY C 289 -22.05 11.37 3.45
CA GLY C 289 -23.24 11.46 2.60
C GLY C 289 -24.46 10.98 3.30
N ALA C 290 -24.32 10.27 4.44
CA ALA C 290 -25.52 9.78 5.12
C ALA C 290 -26.27 10.91 5.81
N ASP C 291 -27.57 10.70 5.98
CA ASP C 291 -28.36 11.64 6.83
C ASP C 291 -28.36 11.22 8.26
N ILE C 292 -28.21 9.94 8.48
CA ILE C 292 -28.17 9.45 9.84
C ILE C 292 -27.28 8.24 9.90
N ALA C 293 -26.65 7.99 11.03
CA ALA C 293 -25.84 6.78 11.24
C ALA C 293 -26.64 5.71 11.98
N GLY C 294 -26.56 4.47 11.53
CA GLY C 294 -27.30 3.41 12.21
C GLY C 294 -26.36 2.45 12.92
N MET C 295 -26.84 1.84 14.01
CA MET C 295 -26.04 0.83 14.75
C MET C 295 -26.93 -0.32 15.20
N ALA C 296 -26.38 -1.55 15.28
CA ALA C 296 -27.16 -2.67 15.81
C ALA C 296 -26.28 -3.45 16.84
N LEU C 297 -25.30 -4.23 16.35
CA LEU C 297 -24.52 -5.08 17.19
C LEU C 297 -24.03 -4.45 18.54
N PRO C 298 -23.33 -3.28 18.51
CA PRO C 298 -22.85 -2.84 19.80
C PRO C 298 -23.99 -2.43 20.75
N VAL C 299 -25.11 -1.95 20.22
CA VAL C 299 -26.28 -1.74 21.05
C VAL C 299 -26.76 -3.08 21.66
N LEU C 300 -26.72 -4.15 20.86
CA LEU C 300 -27.16 -5.48 21.37
C LEU C 300 -26.27 -5.88 22.52
N LYS C 301 -24.95 -5.75 22.33
CA LYS C 301 -24.04 -6.24 23.36
C LYS C 301 -24.20 -5.45 24.64
N SER C 302 -24.42 -4.14 24.54
CA SER C 302 -24.63 -3.34 25.75
C SER C 302 -25.96 -3.64 26.41
N ALA C 303 -26.96 -3.90 25.60
CA ALA C 303 -28.29 -4.09 26.15
C ALA C 303 -28.26 -5.37 26.97
N ILE C 304 -27.54 -6.37 26.46
CA ILE C 304 -27.45 -7.63 27.16
C ILE C 304 -26.89 -7.44 28.58
N GLU C 305 -25.83 -6.63 28.70
CA GLU C 305 -25.18 -6.22 29.97
C GLU C 305 -26.11 -5.36 30.87
N GLY C 306 -27.08 -4.68 30.28
CA GLY C 306 -28.13 -4.04 31.06
C GLY C 306 -28.46 -2.60 30.67
N LYS C 307 -29.48 -2.04 31.29
CA LYS C 307 -29.98 -0.72 31.00
C LYS C 307 -28.91 0.35 31.24
N GLU C 308 -28.23 0.26 32.36
CA GLU C 308 -27.24 1.28 32.65
C GLU C 308 -26.03 1.20 31.71
N SER C 309 -25.62 -0.01 31.33
CA SER C 309 -24.54 -0.20 30.37
C SER C 309 -24.90 0.41 28.97
N LEU C 310 -26.16 0.26 28.57
CA LEU C 310 -26.64 0.83 27.33
C LEU C 310 -26.79 2.35 27.44
N GLU C 311 -27.23 2.83 28.59
CA GLU C 311 -27.30 4.26 28.73
C GLU C 311 -25.90 4.89 28.57
N GLN C 312 -24.93 4.31 29.25
CA GLN C 312 -23.56 4.74 29.13
C GLN C 312 -23.04 4.66 27.68
N PHE C 313 -23.35 3.56 26.99
CA PHE C 313 -22.96 3.36 25.60
C PHE C 313 -23.39 4.56 24.76
N PHE C 314 -24.65 4.95 24.88
CA PHE C 314 -25.16 6.10 24.14
C PHE C 314 -24.55 7.43 24.55
N ARG C 315 -24.32 7.67 25.86
CA ARG C 315 -23.65 8.91 26.28
C ARG C 315 -22.32 9.03 25.56
N LYS C 316 -21.64 7.92 25.48
CA LYS C 316 -20.35 7.87 24.88
C LYS C 316 -20.46 8.14 23.38
N ILE C 317 -21.40 7.52 22.69
CA ILE C 317 -21.53 7.73 21.22
C ILE C 317 -21.79 9.19 20.90
N ILE C 318 -22.75 9.75 21.61
CA ILE C 318 -23.14 11.13 21.47
C ILE C 318 -21.97 12.05 21.82
N PHE C 319 -21.29 11.80 22.94
CA PHE C 319 -20.11 12.56 23.20
C PHE C 319 -19.13 12.55 21.98
N GLU C 320 -18.77 11.36 21.53
CA GLU C 320 -17.91 11.21 20.39
C GLU C 320 -18.41 11.97 19.12
N LEU C 321 -19.67 11.79 18.80
CA LEU C 321 -20.24 12.53 17.68
C LEU C 321 -19.97 14.06 17.85
N LYS C 322 -20.18 14.55 19.06
CA LYS C 322 -20.17 15.97 19.29
C LYS C 322 -18.74 16.44 19.25
N ALA C 323 -17.80 15.59 19.67
CA ALA C 323 -16.38 15.93 19.62
C ALA C 323 -15.99 16.08 18.17
N ALA C 324 -16.40 15.14 17.32
CA ALA C 324 -16.12 15.27 15.87
C ALA C 324 -16.76 16.53 15.22
N MET C 325 -17.96 16.90 15.66
CA MET C 325 -18.58 18.15 15.23
C MET C 325 -17.77 19.31 15.76
N MET C 326 -17.32 19.23 17.02
CA MET C 326 -16.60 20.35 17.59
C MET C 326 -15.34 20.54 16.78
N LEU C 327 -14.64 19.44 16.52
CA LEU C 327 -13.31 19.54 15.99
C LEU C 327 -13.33 19.73 14.48
N THR C 328 -14.52 19.77 13.85
CA THR C 328 -14.59 20.15 12.44
C THR C 328 -15.24 21.51 12.29
N GLY C 329 -15.57 22.16 13.40
CA GLY C 329 -16.32 23.44 13.37
C GLY C 329 -17.77 23.31 12.87
N SER C 330 -18.41 22.19 13.20
CA SER C 330 -19.76 21.95 12.73
C SER C 330 -20.76 22.22 13.85
N LYS C 331 -21.51 23.33 13.77
CA LYS C 331 -22.50 23.66 14.85
C LYS C 331 -23.72 22.77 14.88
N ASP C 332 -24.00 22.10 13.78
CA ASP C 332 -25.18 21.28 13.69
C ASP C 332 -24.97 20.23 12.60
N VAL C 333 -26.01 19.40 12.38
CA VAL C 333 -25.91 18.23 11.48
C VAL C 333 -25.70 18.65 10.01
N ASP C 334 -26.43 19.66 9.58
CA ASP C 334 -26.27 20.21 8.25
C ASP C 334 -24.87 20.67 8.05
N ALA C 335 -24.27 21.32 9.05
CA ALA C 335 -22.84 21.75 8.88
C ALA C 335 -21.91 20.53 8.78
N LEU C 336 -22.18 19.47 9.53
CA LEU C 336 -21.33 18.26 9.47
C LEU C 336 -21.44 17.55 8.08
N LYS C 337 -22.67 17.50 7.55
CA LYS C 337 -22.87 17.06 6.18
C LYS C 337 -22.00 17.77 5.16
N LYS C 338 -21.55 18.99 5.42
CA LYS C 338 -20.72 19.70 4.42
C LYS C 338 -19.30 19.97 4.88
N THR C 339 -18.85 19.28 5.92
CA THR C 339 -17.51 19.54 6.41
C THR C 339 -16.43 18.96 5.51
N SER C 340 -15.23 19.52 5.59
CA SER C 340 -14.12 19.11 4.78
C SER C 340 -13.63 17.68 5.13
N ILE C 341 -13.46 16.83 4.12
CA ILE C 341 -12.98 15.46 4.33
C ILE C 341 -11.78 15.16 3.43
N VAL C 342 -11.12 14.04 3.67
CA VAL C 342 -10.09 13.56 2.75
C VAL C 342 -10.45 12.11 2.53
N ILE C 343 -10.43 11.68 1.28
CA ILE C 343 -10.67 10.27 0.96
C ILE C 343 -9.40 9.70 0.40
N LEU C 344 -8.97 8.58 0.96
CA LEU C 344 -7.74 7.95 0.54
C LEU C 344 -7.88 6.48 0.11
N GLY C 345 -6.74 5.97 -0.32
CA GLY C 345 -6.54 4.54 -0.41
C GLY C 345 -7.60 3.81 -1.18
N LYS C 346 -7.99 2.65 -0.65
CA LYS C 346 -8.86 1.77 -1.43
C LYS C 346 -10.22 2.38 -1.75
N LEU C 347 -10.77 3.17 -0.81
CA LEU C 347 -12.05 3.82 -1.04
C LEU C 347 -11.96 4.77 -2.23
N LYS C 348 -10.90 5.56 -2.28
CA LYS C 348 -10.56 6.37 -3.45
C LYS C 348 -10.56 5.57 -4.77
N GLU C 349 -9.89 4.43 -4.76
CA GLU C 349 -9.77 3.62 -5.94
C GLU C 349 -11.12 2.97 -6.27
N TRP C 350 -11.90 2.65 -5.24
CA TRP C 350 -13.25 2.14 -5.47
C TRP C 350 -14.04 3.23 -6.21
N ALA C 351 -14.13 4.42 -5.64
CA ALA C 351 -14.89 5.52 -6.23
C ALA C 351 -14.45 5.81 -7.65
N GLU C 352 -13.15 5.91 -7.89
CA GLU C 352 -12.62 6.09 -9.27
C GLU C 352 -13.04 4.99 -10.20
N TYR C 353 -12.88 3.73 -9.80
CA TYR C 353 -13.22 2.68 -10.77
C TYR C 353 -14.73 2.70 -11.13
N ARG C 354 -15.57 3.03 -10.17
CA ARG C 354 -17.01 3.03 -10.36
C ARG C 354 -17.51 4.33 -11.02
N GLY C 355 -16.59 5.20 -11.44
CA GLY C 355 -16.98 6.43 -12.15
C GLY C 355 -17.56 7.49 -11.24
N ILE C 356 -17.20 7.43 -9.96
CA ILE C 356 -17.69 8.46 -9.03
C ILE C 356 -16.75 9.65 -9.15
N ASN C 357 -17.22 10.64 -9.93
CA ASN C 357 -16.49 11.88 -10.12
C ASN C 357 -16.50 12.56 -8.77
N LEU C 358 -15.32 12.74 -8.17
CA LEU C 358 -15.24 13.36 -6.85
C LEU C 358 -15.76 14.79 -6.78
N SER C 359 -15.50 15.59 -7.84
CA SER C 359 -15.99 16.94 -7.92
C SER C 359 -17.50 16.95 -7.79
N ILE C 360 -18.18 16.21 -8.66
CA ILE C 360 -19.61 16.15 -8.51
C ILE C 360 -20.02 15.49 -7.18
N TYR C 361 -19.23 14.52 -6.70
CA TYR C 361 -19.55 13.88 -5.40
C TYR C 361 -19.61 14.89 -4.23
N GLU C 362 -18.54 15.67 -4.13
CA GLU C 362 -18.50 16.83 -3.25
C GLU C 362 -19.76 17.73 -3.31
N LYS C 363 -20.19 18.15 -4.54
CA LYS C 363 -21.33 19.04 -4.70
C LYS C 363 -22.58 18.39 -4.18
N VAL C 364 -22.84 17.15 -4.64
CA VAL C 364 -24.00 16.40 -4.17
C VAL C 364 -24.02 16.13 -2.62
N ARG C 365 -22.89 15.64 -2.04
CA ARG C 365 -22.84 15.37 -0.59
C ARG C 365 -23.04 16.69 0.19
N LYS C 366 -22.38 17.73 -0.36
CA LYS C 366 -22.51 19.16 0.01
C LYS C 366 -21.26 19.72 0.64
N ASP D 3 11.19 -43.22 -17.28
CA ASP D 3 12.03 -42.20 -16.58
C ASP D 3 11.64 -40.70 -16.89
N ILE D 4 11.27 -40.40 -18.14
CA ILE D 4 10.22 -39.37 -18.36
C ILE D 4 9.01 -39.80 -17.49
N VAL D 5 8.78 -41.11 -17.40
CA VAL D 5 7.79 -41.69 -16.47
C VAL D 5 8.05 -41.29 -15.00
N ASN D 6 9.31 -41.28 -14.58
CA ASN D 6 9.69 -40.92 -13.22
C ASN D 6 9.36 -39.47 -12.93
N ARG D 7 9.62 -38.62 -13.93
CA ARG D 7 9.32 -37.19 -13.85
C ARG D 7 7.81 -37.02 -13.72
N LYS D 8 7.05 -37.74 -14.53
CA LYS D 8 5.60 -37.70 -14.42
C LYS D 8 5.13 -38.02 -12.99
N VAL D 9 5.59 -39.15 -12.44
CA VAL D 9 5.32 -39.46 -11.03
C VAL D 9 5.74 -38.34 -10.05
N GLU D 10 6.99 -37.84 -10.22
CA GLU D 10 7.52 -36.85 -9.28
C GLU D 10 6.70 -35.60 -9.29
N HIS D 11 6.29 -35.19 -10.50
CA HIS D 11 5.44 -34.01 -10.65
C HIS D 11 4.17 -34.10 -9.79
N VAL D 12 3.40 -35.17 -9.97
CA VAL D 12 2.24 -35.44 -9.17
C VAL D 12 2.55 -35.41 -7.65
N GLU D 13 3.57 -36.13 -7.25
CA GLU D 13 3.97 -36.27 -5.85
C GLU D 13 4.31 -34.92 -5.21
N ILE D 14 5.11 -34.10 -5.88
CA ILE D 14 5.47 -32.78 -5.36
C ILE D 14 4.26 -31.83 -5.37
N ALA D 15 3.51 -31.87 -6.47
CA ALA D 15 2.36 -30.99 -6.59
C ALA D 15 1.32 -31.36 -5.54
N ALA D 16 1.09 -32.63 -5.36
CA ALA D 16 0.10 -33.06 -4.38
C ALA D 16 0.56 -32.83 -2.95
N PHE D 17 1.86 -32.98 -2.69
CA PHE D 17 2.28 -33.08 -1.28
C PHE D 17 3.28 -32.05 -0.79
N GLU D 18 3.99 -31.36 -1.68
CA GLU D 18 4.89 -30.28 -1.26
C GLU D 18 4.19 -28.93 -1.28
N ASN D 19 4.89 -27.92 -0.77
CA ASN D 19 4.33 -26.61 -0.65
C ASN D 19 4.60 -25.76 -1.93
N VAL D 20 3.77 -25.91 -2.96
CA VAL D 20 4.04 -25.22 -4.24
C VAL D 20 2.84 -24.42 -4.76
N ASP D 21 1.71 -24.47 -4.06
CA ASP D 21 0.51 -23.79 -4.50
C ASP D 21 0.60 -22.33 -4.10
N GLY D 22 0.77 -21.44 -5.07
CA GLY D 22 0.82 -20.00 -4.79
C GLY D 22 2.12 -19.57 -4.07
N LEU D 23 3.16 -20.40 -4.13
CA LEU D 23 4.43 -20.15 -3.43
C LEU D 23 5.16 -18.93 -4.00
N SER D 24 5.26 -17.90 -3.15
CA SER D 24 5.84 -16.60 -3.46
C SER D 24 5.18 -15.89 -4.65
N SER D 25 3.97 -16.29 -5.00
CA SER D 25 3.33 -15.81 -6.23
C SER D 25 1.90 -15.39 -5.94
N SER D 26 1.23 -14.78 -6.93
CA SER D 26 -0.07 -14.17 -6.67
C SER D 26 -0.83 -14.10 -7.97
N THR D 27 -2.14 -14.40 -7.88
CA THR D 27 -3.06 -14.34 -9.02
C THR D 27 -3.53 -12.91 -9.36
N PHE D 28 -3.31 -11.96 -8.43
CA PHE D 28 -3.95 -10.65 -8.43
C PHE D 28 -5.47 -10.69 -8.36
N LEU D 29 -6.09 -11.82 -8.02
CA LEU D 29 -7.55 -11.89 -7.96
C LEU D 29 -8.12 -11.19 -6.77
N ASN D 30 -7.32 -11.03 -5.74
CA ASN D 30 -7.70 -10.19 -4.63
C ASN D 30 -7.86 -8.73 -4.99
N ASP D 31 -7.37 -8.33 -6.17
CA ASP D 31 -7.56 -6.99 -6.62
C ASP D 31 -8.81 -6.84 -7.42
N VAL D 32 -9.58 -7.94 -7.57
CA VAL D 32 -10.82 -7.94 -8.33
C VAL D 32 -11.94 -8.13 -7.37
N ILE D 33 -12.90 -7.22 -7.38
CA ILE D 33 -14.08 -7.36 -6.54
C ILE D 33 -15.32 -7.39 -7.40
N LEU D 34 -16.16 -8.41 -7.21
CA LEU D 34 -17.46 -8.48 -7.83
C LEU D 34 -18.45 -7.63 -7.03
N VAL D 35 -19.18 -6.72 -7.68
CA VAL D 35 -20.11 -5.83 -6.95
C VAL D 35 -21.40 -6.55 -6.49
N HIS D 36 -21.63 -6.54 -5.19
CA HIS D 36 -22.81 -7.13 -4.56
C HIS D 36 -24.10 -6.38 -4.91
N GLN D 37 -25.17 -7.13 -5.17
CA GLN D 37 -26.43 -6.54 -5.51
C GLN D 37 -27.46 -7.04 -4.53
N GLY D 38 -27.89 -6.19 -3.60
CA GLY D 38 -28.74 -6.69 -2.49
C GLY D 38 -30.13 -7.00 -3.00
N PHE D 39 -30.46 -6.46 -4.18
CA PHE D 39 -31.65 -6.92 -4.89
C PHE D 39 -31.25 -7.59 -6.23
N PRO D 40 -30.94 -8.88 -6.18
CA PRO D 40 -30.48 -9.63 -7.35
C PRO D 40 -31.50 -9.67 -8.53
N GLY D 41 -32.80 -9.66 -8.27
CA GLY D 41 -33.79 -9.73 -9.39
C GLY D 41 -34.00 -11.15 -9.91
N ILE D 42 -33.44 -12.13 -9.22
CA ILE D 42 -33.58 -13.53 -9.61
C ILE D 42 -33.68 -14.42 -8.38
N SER D 43 -34.05 -15.65 -8.62
CA SER D 43 -34.04 -16.68 -7.61
C SER D 43 -32.85 -17.61 -7.85
N PHE D 44 -32.32 -18.15 -6.78
CA PHE D 44 -31.21 -19.09 -6.84
C PHE D 44 -31.48 -20.27 -7.78
N SER D 45 -32.69 -20.78 -7.74
CA SER D 45 -33.06 -21.98 -8.50
C SER D 45 -33.09 -21.71 -10.02
N GLU D 46 -33.28 -20.47 -10.44
CA GLU D 46 -33.35 -20.18 -11.84
C GLU D 46 -31.95 -19.93 -12.47
N ILE D 47 -30.91 -19.94 -11.65
CA ILE D 47 -29.57 -19.73 -12.18
C ILE D 47 -29.16 -20.84 -13.15
N ASN D 48 -28.75 -20.42 -14.36
CA ASN D 48 -28.40 -21.36 -15.42
C ASN D 48 -26.88 -21.26 -15.70
N THR D 49 -26.16 -22.35 -15.49
CA THR D 49 -24.68 -22.36 -15.60
C THR D 49 -24.19 -23.03 -16.87
N LYS D 50 -25.12 -23.48 -17.73
CA LYS D 50 -24.76 -24.06 -19.01
C LYS D 50 -23.97 -23.12 -19.93
N THR D 51 -22.98 -23.71 -20.66
CA THR D 51 -22.20 -22.96 -21.61
C THR D 51 -21.65 -23.83 -22.75
N LYS D 52 -21.12 -23.16 -23.76
CA LYS D 52 -20.57 -23.80 -24.97
C LYS D 52 -19.14 -24.12 -24.72
N PHE D 53 -18.72 -25.31 -25.14
CA PHE D 53 -17.31 -25.67 -25.24
C PHE D 53 -17.11 -26.32 -26.63
N PHE D 54 -16.67 -25.50 -27.54
CA PHE D 54 -16.64 -25.82 -28.96
C PHE D 54 -18.00 -26.32 -29.44
N ARG D 55 -18.11 -27.54 -29.96
CA ARG D 55 -19.42 -28.02 -30.46
C ARG D 55 -20.21 -28.76 -29.37
N LYS D 56 -19.68 -28.80 -28.16
CA LYS D 56 -20.44 -29.43 -27.09
C LYS D 56 -21.07 -28.45 -26.13
N GLU D 57 -22.10 -28.90 -25.43
CA GLU D 57 -22.62 -28.10 -24.32
C GLU D 57 -22.06 -28.68 -23.02
N ILE D 58 -21.66 -27.80 -22.11
CA ILE D 58 -21.17 -28.26 -20.81
C ILE D 58 -22.03 -27.70 -19.71
N SER D 59 -22.04 -28.34 -18.54
CA SER D 59 -22.98 -27.99 -17.50
C SER D 59 -22.66 -26.72 -16.69
N VAL D 60 -21.36 -26.36 -16.67
CA VAL D 60 -20.79 -25.38 -15.78
C VAL D 60 -19.59 -24.71 -16.50
N PRO D 61 -19.35 -23.40 -16.34
CA PRO D 61 -18.28 -22.84 -17.16
C PRO D 61 -16.94 -23.08 -16.49
N VAL D 62 -16.62 -24.34 -16.23
CA VAL D 62 -15.42 -24.73 -15.51
C VAL D 62 -14.83 -25.92 -16.29
N MET D 63 -13.50 -26.03 -16.37
CA MET D 63 -12.86 -27.23 -16.91
C MET D 63 -11.76 -27.74 -15.95
N VAL D 64 -11.48 -29.04 -16.00
CA VAL D 64 -10.26 -29.55 -15.37
C VAL D 64 -9.15 -29.47 -16.44
N THR D 65 -8.09 -28.69 -16.17
CA THR D 65 -6.97 -28.59 -17.18
C THR D 65 -5.95 -29.75 -17.09
N GLY D 66 -5.13 -29.95 -18.12
CA GLY D 66 -4.34 -31.19 -18.21
C GLY D 66 -3.31 -31.39 -17.07
N MET D 67 -3.10 -32.65 -16.64
CA MET D 67 -2.15 -32.94 -15.54
C MET D 67 -1.24 -34.13 -15.77
N THR D 68 -1.85 -35.29 -15.95
CA THR D 68 -1.07 -36.48 -15.80
C THR D 68 -1.48 -37.59 -16.77
N GLY D 69 -0.86 -38.74 -16.59
CA GLY D 69 -0.84 -39.83 -17.56
C GLY D 69 0.63 -40.24 -17.65
N GLY D 70 0.87 -41.53 -17.82
CA GLY D 70 2.26 -41.99 -18.08
C GLY D 70 2.53 -43.38 -17.54
N ARG D 71 1.71 -43.81 -16.56
CA ARG D 71 1.94 -45.04 -15.84
C ARG D 71 0.61 -45.38 -15.19
N ASN D 72 0.44 -46.64 -14.78
CA ASN D 72 -0.87 -47.11 -14.41
C ASN D 72 -1.53 -46.47 -13.19
N GLU D 73 -0.71 -46.00 -12.24
CA GLU D 73 -1.27 -45.33 -11.08
C GLU D 73 -1.59 -43.90 -11.43
N LEU D 74 -1.01 -43.40 -12.52
CA LEU D 74 -1.42 -42.10 -13.01
C LEU D 74 -2.74 -42.23 -13.76
N GLY D 75 -2.91 -43.34 -14.45
CA GLY D 75 -4.18 -43.65 -15.14
C GLY D 75 -5.35 -43.81 -14.20
N ARG D 76 -5.08 -44.34 -13.01
CA ARG D 76 -6.15 -44.49 -12.04
C ARG D 76 -6.57 -43.08 -11.54
N ILE D 77 -5.62 -42.16 -11.38
CA ILE D 77 -6.00 -40.78 -11.07
C ILE D 77 -6.82 -40.14 -12.22
N ASN D 78 -6.38 -40.36 -13.46
CA ASN D 78 -7.14 -39.91 -14.62
C ASN D 78 -8.56 -40.47 -14.66
N LYS D 79 -8.68 -41.73 -14.28
CA LYS D 79 -9.97 -42.43 -14.32
C LYS D 79 -10.96 -41.81 -13.35
N ILE D 80 -10.49 -41.51 -12.14
CA ILE D 80 -11.32 -40.86 -11.12
C ILE D 80 -11.78 -39.47 -11.59
N ILE D 81 -10.87 -38.70 -12.17
CA ILE D 81 -11.17 -37.32 -12.55
C ILE D 81 -12.18 -37.35 -13.66
N ALA D 82 -11.92 -38.21 -14.63
CA ALA D 82 -12.77 -38.41 -15.79
C ALA D 82 -14.19 -38.85 -15.48
N GLU D 83 -14.36 -39.82 -14.61
CA GLU D 83 -15.72 -40.26 -14.32
C GLU D 83 -16.51 -39.21 -13.51
N VAL D 84 -15.83 -38.45 -12.66
CA VAL D 84 -16.52 -37.35 -11.95
C VAL D 84 -16.81 -36.23 -12.96
N ALA D 85 -15.83 -35.93 -13.83
CA ALA D 85 -16.01 -34.86 -14.80
C ALA D 85 -17.23 -35.16 -15.64
N GLU D 86 -17.31 -36.42 -16.11
CA GLU D 86 -18.45 -36.92 -16.90
C GLU D 86 -19.77 -36.79 -16.14
N LYS D 87 -19.76 -37.21 -14.90
CA LYS D 87 -20.93 -37.09 -14.06
C LYS D 87 -21.41 -35.62 -14.03
N PHE D 88 -20.47 -34.68 -13.85
CA PHE D 88 -20.84 -33.26 -13.68
C PHE D 88 -21.01 -32.48 -14.99
N GLY D 89 -20.67 -33.12 -16.12
CA GLY D 89 -20.80 -32.46 -17.39
C GLY D 89 -19.69 -31.43 -17.59
N ILE D 90 -18.52 -31.67 -17.01
CA ILE D 90 -17.42 -30.72 -17.28
C ILE D 90 -16.26 -31.22 -18.11
N PRO D 91 -15.67 -30.34 -18.97
CA PRO D 91 -14.56 -30.80 -19.80
C PRO D 91 -13.32 -31.17 -19.00
N MET D 92 -12.52 -32.07 -19.58
CA MET D 92 -11.29 -32.51 -19.00
C MET D 92 -10.18 -32.62 -20.00
N GLY D 93 -9.08 -31.92 -19.72
CA GLY D 93 -7.83 -32.12 -20.41
C GLY D 93 -7.00 -33.17 -19.71
N VAL D 94 -6.19 -33.87 -20.49
CA VAL D 94 -5.23 -34.79 -19.91
C VAL D 94 -3.84 -34.16 -19.92
N GLY D 95 -2.90 -34.76 -19.15
CA GLY D 95 -1.53 -34.27 -19.10
C GLY D 95 -0.80 -34.47 -20.42
N SER D 96 0.45 -34.01 -20.51
CA SER D 96 1.21 -34.19 -21.74
C SER D 96 1.30 -35.63 -22.17
N GLN D 97 0.95 -35.88 -23.42
CA GLN D 97 0.93 -37.22 -23.96
C GLN D 97 2.25 -37.64 -24.62
N ARG D 98 3.28 -36.80 -24.55
CA ARG D 98 4.59 -37.17 -25.06
C ARG D 98 4.96 -38.54 -24.51
N VAL D 99 4.87 -38.69 -23.19
CA VAL D 99 5.19 -39.97 -22.50
C VAL D 99 4.59 -41.19 -23.17
N ALA D 100 3.40 -41.04 -23.73
CA ALA D 100 2.73 -42.17 -24.45
C ALA D 100 3.16 -42.26 -25.91
N ILE D 101 3.52 -41.14 -26.52
CA ILE D 101 4.11 -41.22 -27.83
C ILE D 101 5.44 -42.03 -27.70
N GLU D 102 6.21 -41.76 -26.66
CA GLU D 102 7.51 -42.43 -26.48
C GLU D 102 7.40 -43.90 -25.95
N LYS D 103 6.28 -44.26 -25.34
CA LYS D 103 6.15 -45.56 -24.71
C LYS D 103 4.69 -46.06 -24.80
N ALA D 104 4.47 -47.09 -25.59
CA ALA D 104 3.13 -47.65 -25.79
C ALA D 104 2.45 -48.12 -24.49
N GLU D 105 3.22 -48.58 -23.51
CA GLU D 105 2.63 -48.97 -22.21
C GLU D 105 1.96 -47.79 -21.47
N ALA D 106 2.26 -46.56 -21.89
CA ALA D 106 1.66 -45.36 -21.26
C ALA D 106 0.33 -44.96 -21.86
N ARG D 107 0.00 -45.48 -23.04
CA ARG D 107 -1.25 -45.13 -23.75
C ARG D 107 -2.53 -45.32 -22.93
N GLU D 108 -2.63 -46.49 -22.31
CA GLU D 108 -3.82 -46.88 -21.53
C GLU D 108 -4.07 -45.94 -20.35
N SER D 109 -3.04 -45.35 -19.75
CA SER D 109 -3.30 -44.35 -18.70
C SER D 109 -3.99 -43.08 -19.24
N PHE D 110 -3.92 -42.81 -20.54
CA PHE D 110 -4.71 -41.73 -21.14
C PHE D 110 -6.05 -42.19 -21.70
N ALA D 111 -6.02 -43.24 -22.55
CA ALA D 111 -7.23 -43.85 -23.15
C ALA D 111 -8.36 -44.15 -22.13
N ILE D 112 -7.98 -44.51 -20.89
CA ILE D 112 -8.99 -44.76 -19.82
C ILE D 112 -10.00 -43.62 -19.65
N VAL D 113 -9.54 -42.39 -19.89
CA VAL D 113 -10.37 -41.17 -19.78
C VAL D 113 -11.64 -41.27 -20.65
N ARG D 114 -11.46 -41.62 -21.91
CA ARG D 114 -12.60 -41.64 -22.82
C ARG D 114 -13.54 -42.80 -22.54
N LYS D 115 -13.01 -43.95 -22.11
CA LYS D 115 -13.82 -45.10 -21.76
C LYS D 115 -14.85 -44.75 -20.70
N VAL D 116 -14.45 -43.99 -19.70
CA VAL D 116 -15.25 -43.70 -18.53
C VAL D 116 -16.00 -42.33 -18.65
N ALA D 117 -15.69 -41.58 -19.71
CA ALA D 117 -16.37 -40.31 -19.95
C ALA D 117 -16.62 -40.17 -21.45
N PRO D 118 -17.69 -40.83 -21.94
CA PRO D 118 -17.97 -40.91 -23.37
C PRO D 118 -18.58 -39.63 -23.91
N THR D 119 -19.09 -38.77 -23.05
CA THR D 119 -19.82 -37.65 -23.61
C THR D 119 -19.16 -36.28 -23.53
N ILE D 120 -18.48 -35.98 -22.42
CA ILE D 120 -17.84 -34.65 -22.21
C ILE D 120 -16.71 -34.29 -23.19
N PRO D 121 -16.42 -32.98 -23.36
CA PRO D 121 -15.22 -32.68 -24.13
C PRO D 121 -14.00 -33.23 -23.41
N ILE D 122 -13.09 -33.86 -24.15
CA ILE D 122 -11.80 -34.30 -23.60
C ILE D 122 -10.70 -33.61 -24.42
N ILE D 123 -9.63 -33.17 -23.76
CA ILE D 123 -8.64 -32.30 -24.42
C ILE D 123 -7.26 -32.94 -24.36
N ALA D 124 -6.69 -33.20 -25.53
CA ALA D 124 -5.38 -33.79 -25.69
C ALA D 124 -4.30 -32.77 -25.28
N ASN D 125 -3.07 -33.22 -25.13
CA ASN D 125 -2.03 -32.34 -24.64
C ASN D 125 -0.66 -32.73 -25.22
N LEU D 126 0.02 -31.74 -25.80
CA LEU D 126 1.42 -31.88 -26.17
C LEU D 126 2.16 -30.58 -25.91
N GLY D 127 3.48 -30.68 -25.77
CA GLY D 127 4.28 -29.55 -25.41
C GLY D 127 4.86 -28.89 -26.66
N MET D 128 4.91 -27.55 -26.63
CA MET D 128 5.53 -26.78 -27.69
C MET D 128 6.95 -27.20 -28.03
N PRO D 129 7.80 -27.49 -27.03
CA PRO D 129 9.16 -27.91 -27.33
C PRO D 129 9.25 -29.14 -28.29
N GLN D 130 8.34 -30.09 -28.19
CA GLN D 130 8.36 -31.27 -29.07
C GLN D 130 8.12 -30.84 -30.53
N LEU D 131 7.46 -29.71 -30.70
CA LEU D 131 7.26 -29.19 -32.05
C LEU D 131 8.56 -28.74 -32.72
N VAL D 132 9.46 -28.20 -31.92
CA VAL D 132 10.70 -27.74 -32.52
C VAL D 132 11.60 -28.93 -32.64
N LYS D 133 11.28 -29.97 -31.91
CA LYS D 133 12.09 -31.17 -31.87
C LYS D 133 11.43 -32.31 -32.64
N GLY D 134 10.81 -32.05 -33.78
CA GLY D 134 10.40 -33.19 -34.64
C GLY D 134 8.98 -33.75 -34.59
N TYR D 135 8.12 -33.31 -33.66
CA TYR D 135 6.71 -33.72 -33.76
C TYR D 135 6.05 -33.01 -34.92
N GLY D 136 4.95 -33.56 -35.43
CA GLY D 136 4.21 -32.96 -36.52
C GLY D 136 2.81 -33.53 -36.45
N LEU D 137 2.11 -33.43 -37.57
CA LEU D 137 0.75 -33.89 -37.72
C LEU D 137 0.50 -35.25 -37.06
N LYS D 138 1.37 -36.23 -37.33
CA LYS D 138 1.06 -37.61 -36.95
C LYS D 138 0.97 -37.73 -35.45
N GLU D 139 1.95 -37.16 -34.78
CA GLU D 139 1.95 -37.14 -33.33
C GLU D 139 0.70 -36.42 -32.83
N PHE D 140 0.27 -35.36 -33.53
CA PHE D 140 -0.92 -34.64 -33.07
C PHE D 140 -2.16 -35.53 -33.16
N GLN D 141 -2.31 -36.17 -34.32
CA GLN D 141 -3.49 -37.00 -34.58
C GLN D 141 -3.46 -38.21 -33.67
N ASP D 142 -2.28 -38.64 -33.30
CA ASP D 142 -2.20 -39.77 -32.41
C ASP D 142 -2.63 -39.41 -31.00
N ALA D 143 -2.09 -38.30 -30.51
CA ALA D 143 -2.56 -37.76 -29.23
C ALA D 143 -4.09 -37.62 -29.16
N ILE D 144 -4.68 -37.13 -30.24
CA ILE D 144 -6.10 -36.95 -30.37
C ILE D 144 -6.94 -38.26 -30.43
N GLN D 145 -6.58 -39.19 -31.32
CA GLN D 145 -7.36 -40.42 -31.45
C GLN D 145 -7.26 -41.33 -30.18
N MET D 146 -6.12 -41.26 -29.48
CA MET D 146 -5.84 -42.02 -28.23
C MET D 146 -6.96 -41.86 -27.21
N ILE D 147 -7.65 -40.73 -27.26
CA ILE D 147 -8.68 -40.40 -26.29
C ILE D 147 -9.88 -39.80 -27.02
N GLU D 148 -9.91 -39.96 -28.36
CA GLU D 148 -10.99 -39.37 -29.20
C GLU D 148 -11.29 -37.96 -28.70
N ALA D 149 -10.24 -37.13 -28.68
CA ALA D 149 -10.26 -35.81 -28.06
C ALA D 149 -11.17 -34.88 -28.87
N ASP D 150 -11.70 -33.83 -28.21
CA ASP D 150 -12.50 -32.84 -28.92
C ASP D 150 -11.69 -31.62 -29.27
N ALA D 151 -10.47 -31.54 -28.77
CA ALA D 151 -9.57 -30.39 -29.03
C ALA D 151 -8.22 -30.84 -28.50
N ILE D 152 -7.15 -30.13 -28.84
CA ILE D 152 -5.84 -30.54 -28.32
C ILE D 152 -5.21 -29.29 -27.75
N ALA D 153 -4.64 -29.41 -26.57
CA ALA D 153 -3.92 -28.32 -25.98
C ALA D 153 -2.44 -28.46 -26.30
N VAL D 154 -1.81 -27.36 -26.71
CA VAL D 154 -0.37 -27.29 -26.83
C VAL D 154 0.19 -26.38 -25.72
N HIS D 155 1.01 -26.93 -24.82
CA HIS D 155 1.44 -26.16 -23.64
C HIS D 155 2.72 -25.32 -23.82
N LEU D 156 2.69 -24.11 -23.26
CA LEU D 156 3.86 -23.26 -23.19
C LEU D 156 4.44 -23.46 -21.79
N ASN D 157 5.68 -23.94 -21.74
CA ASN D 157 6.35 -24.11 -20.43
C ASN D 157 7.83 -23.71 -20.39
N PRO D 158 8.18 -22.57 -21.01
CA PRO D 158 9.60 -22.28 -21.09
C PRO D 158 10.27 -22.02 -19.70
N ALA D 159 9.53 -21.42 -18.77
CA ALA D 159 10.04 -21.18 -17.42
C ALA D 159 10.34 -22.53 -16.76
N GLN D 160 9.36 -23.42 -16.77
CA GLN D 160 9.58 -24.79 -16.34
C GLN D 160 10.79 -25.44 -16.99
N GLU D 161 10.86 -25.40 -18.33
CA GLU D 161 11.94 -26.08 -19.04
C GLU D 161 13.25 -25.49 -18.65
N VAL D 162 13.31 -24.18 -18.47
CA VAL D 162 14.58 -23.59 -18.07
C VAL D 162 15.11 -24.15 -16.71
N PHE D 163 14.21 -24.40 -15.74
CA PHE D 163 14.66 -24.83 -14.40
C PHE D 163 14.64 -26.37 -14.24
N GLN D 164 13.93 -27.04 -15.13
CA GLN D 164 13.80 -28.50 -15.12
C GLN D 164 15.16 -29.13 -15.31
N PRO D 165 15.52 -30.10 -14.41
CA PRO D 165 16.86 -30.72 -14.53
C PRO D 165 17.14 -31.22 -15.95
N GLU D 166 16.20 -31.94 -16.56
CA GLU D 166 16.35 -32.47 -17.91
C GLU D 166 15.49 -31.66 -18.92
N GLY D 167 15.32 -30.37 -18.60
CA GLY D 167 14.49 -29.45 -19.40
C GLY D 167 14.99 -29.18 -20.83
N GLU D 168 14.06 -28.76 -21.69
CA GLU D 168 14.34 -28.46 -23.07
C GLU D 168 13.79 -27.08 -23.45
N PRO D 169 14.54 -26.01 -23.14
CA PRO D 169 14.02 -24.67 -23.45
C PRO D 169 14.25 -24.27 -24.94
N GLU D 170 13.48 -24.87 -25.82
CA GLU D 170 13.49 -24.59 -27.25
C GLU D 170 12.19 -24.01 -27.76
N TYR D 171 12.15 -22.73 -28.06
CA TYR D 171 10.93 -22.07 -28.49
C TYR D 171 11.14 -21.26 -29.78
N GLN D 172 11.83 -21.86 -30.74
CA GLN D 172 12.11 -21.19 -32.02
C GLN D 172 10.81 -20.94 -32.72
N ILE D 173 10.79 -19.81 -33.42
CA ILE D 173 9.61 -19.35 -34.11
C ILE D 173 8.99 -20.37 -35.10
N TYR D 174 9.86 -21.16 -35.72
CA TYR D 174 9.42 -22.22 -36.62
C TYR D 174 8.30 -23.12 -36.04
N ALA D 175 8.31 -23.33 -34.73
CA ALA D 175 7.29 -24.15 -34.12
C ALA D 175 5.88 -23.66 -34.37
N LEU D 176 5.72 -22.34 -34.46
CA LEU D 176 4.40 -21.77 -34.77
C LEU D 176 4.06 -21.91 -36.24
N GLU D 177 5.05 -21.88 -37.12
CA GLU D 177 4.81 -22.17 -38.54
C GLU D 177 4.27 -23.60 -38.68
N LYS D 178 4.86 -24.49 -37.92
CA LYS D 178 4.44 -25.86 -37.94
C LYS D 178 3.05 -26.04 -37.35
N LEU D 179 2.78 -25.38 -36.24
CA LEU D 179 1.51 -25.55 -35.56
C LEU D 179 0.37 -25.12 -36.47
N ARG D 180 0.59 -23.98 -37.12
CA ARG D 180 -0.37 -23.42 -38.07
C ARG D 180 -0.64 -24.37 -39.27
N ASP D 181 0.39 -25.03 -39.77
CA ASP D 181 0.21 -26.00 -40.84
C ASP D 181 -0.58 -27.18 -40.32
N ILE D 182 -0.18 -27.70 -39.17
CA ILE D 182 -0.88 -28.82 -38.56
C ILE D 182 -2.35 -28.48 -38.34
N SER D 183 -2.65 -27.25 -37.95
CA SER D 183 -4.04 -26.92 -37.58
C SER D 183 -4.94 -27.03 -38.80
N LYS D 184 -4.35 -26.83 -39.99
CA LYS D 184 -4.99 -27.03 -41.30
C LYS D 184 -5.61 -28.41 -41.48
N GLU D 185 -4.92 -29.39 -40.91
CA GLU D 185 -5.15 -30.78 -41.16
C GLU D 185 -5.90 -31.52 -40.04
N LEU D 186 -5.93 -30.89 -38.88
CA LEU D 186 -6.62 -31.45 -37.71
C LEU D 186 -8.12 -31.31 -37.87
N SER D 187 -8.87 -32.26 -37.34
CA SER D 187 -10.30 -32.10 -37.37
C SER D 187 -10.88 -31.55 -36.03
N VAL D 188 -10.01 -31.10 -35.11
CA VAL D 188 -10.44 -30.49 -33.85
C VAL D 188 -9.63 -29.24 -33.56
N PRO D 189 -10.15 -28.33 -32.72
CA PRO D 189 -9.37 -27.08 -32.50
C PRO D 189 -8.19 -27.23 -31.56
N ILE D 190 -7.30 -26.26 -31.65
CA ILE D 190 -6.11 -26.13 -30.82
C ILE D 190 -6.34 -25.02 -29.80
N ILE D 191 -5.97 -25.33 -28.56
CA ILE D 191 -5.88 -24.36 -27.52
C ILE D 191 -4.38 -24.26 -27.15
N VAL D 192 -3.87 -23.03 -27.06
CA VAL D 192 -2.59 -22.79 -26.46
C VAL D 192 -2.74 -22.39 -24.98
N LYS D 193 -2.09 -23.16 -24.13
CA LYS D 193 -2.18 -22.88 -22.71
C LYS D 193 -0.79 -22.68 -22.13
N GLU D 194 -0.72 -21.88 -21.09
CA GLU D 194 0.54 -21.80 -20.35
C GLU D 194 0.59 -22.83 -19.25
N SER D 195 1.52 -22.60 -18.30
CA SER D 195 1.78 -23.59 -17.26
C SER D 195 2.28 -22.95 -15.98
N GLY D 196 1.51 -21.99 -15.47
CA GLY D 196 1.81 -21.35 -14.21
C GLY D 196 2.44 -20.00 -14.37
N ASN D 197 2.84 -19.65 -15.59
CA ASN D 197 3.51 -18.32 -15.80
C ASN D 197 2.75 -17.25 -16.62
N GLY D 198 1.59 -17.66 -17.14
CA GLY D 198 0.64 -16.74 -17.76
C GLY D 198 0.96 -16.27 -19.18
N ILE D 199 -0.10 -15.84 -19.88
CA ILE D 199 -0.01 -15.35 -21.25
C ILE D 199 -0.15 -13.86 -21.29
N SER D 200 0.84 -13.22 -21.91
CA SER D 200 0.93 -11.77 -22.04
C SER D 200 0.25 -11.28 -23.33
N MET D 201 0.08 -9.99 -23.46
CA MET D 201 -0.43 -9.51 -24.76
C MET D 201 0.41 -9.79 -25.97
N GLU D 202 1.74 -9.66 -25.84
CA GLU D 202 2.65 -9.91 -27.00
C GLU D 202 2.56 -11.38 -27.39
N THR D 203 2.55 -12.30 -26.40
CA THR D 203 2.50 -13.71 -26.72
C THR D 203 1.13 -14.04 -27.34
N ALA D 204 0.07 -13.52 -26.74
CA ALA D 204 -1.30 -13.74 -27.29
C ALA D 204 -1.35 -13.23 -28.76
N LYS D 205 -0.85 -12.01 -29.01
CA LYS D 205 -0.99 -11.49 -30.38
C LYS D 205 -0.12 -12.28 -31.38
N LEU D 206 0.99 -12.82 -30.92
CA LEU D 206 1.85 -13.57 -31.81
C LEU D 206 1.15 -14.90 -32.14
N LEU D 207 0.61 -15.56 -31.13
CA LEU D 207 -0.10 -16.79 -31.37
C LEU D 207 -1.27 -16.51 -32.34
N TYR D 208 -2.04 -15.48 -32.06
CA TYR D 208 -3.15 -15.09 -32.93
C TYR D 208 -2.70 -14.91 -34.40
N SER D 209 -1.57 -14.26 -34.60
CA SER D 209 -1.10 -14.03 -35.94
C SER D 209 -0.79 -15.36 -36.62
N TYR D 210 -0.63 -16.43 -35.87
CA TYR D 210 -0.45 -17.75 -36.51
C TYR D 210 -1.71 -18.58 -36.53
N GLY D 211 -2.85 -18.00 -36.19
CA GLY D 211 -4.11 -18.68 -36.35
C GLY D 211 -4.70 -19.18 -35.01
N ILE D 212 -3.99 -18.98 -33.92
CA ILE D 212 -4.50 -19.49 -32.66
C ILE D 212 -5.62 -18.60 -32.13
N LYS D 213 -6.73 -19.18 -31.71
CA LYS D 213 -7.92 -18.40 -31.30
C LYS D 213 -8.40 -18.74 -29.87
N ASN D 214 -7.80 -19.78 -29.30
CA ASN D 214 -8.23 -20.37 -28.04
C ASN D 214 -7.02 -20.38 -27.13
N PHE D 215 -7.22 -19.85 -25.92
CA PHE D 215 -6.14 -19.52 -25.00
C PHE D 215 -6.51 -19.98 -23.62
N ASP D 216 -5.55 -20.43 -22.85
CA ASP D 216 -5.75 -20.83 -21.44
C ASP D 216 -4.61 -20.13 -20.66
N THR D 217 -4.99 -19.12 -19.85
CA THR D 217 -4.01 -18.17 -19.30
C THR D 217 -2.94 -18.86 -18.44
N SER D 218 -3.37 -19.82 -17.59
CA SER D 218 -2.45 -20.52 -16.65
C SER D 218 -1.44 -19.54 -16.08
N GLY D 219 -1.96 -18.58 -15.35
CA GLY D 219 -1.16 -17.48 -14.85
C GLY D 219 -0.49 -17.92 -13.54
N GLN D 220 0.45 -17.09 -13.08
CA GLN D 220 1.12 -17.34 -11.77
C GLN D 220 0.12 -17.08 -10.62
N GLY D 221 0.40 -17.67 -9.45
CA GLY D 221 -0.54 -17.55 -8.32
C GLY D 221 -1.17 -18.88 -7.88
N GLY D 222 -1.10 -19.87 -8.78
CA GLY D 222 -1.61 -21.21 -8.50
C GLY D 222 -0.40 -22.10 -8.46
N THR D 223 -0.52 -23.29 -9.03
CA THR D 223 0.59 -24.18 -9.01
C THR D 223 1.84 -23.47 -9.56
N ASN D 224 2.92 -23.55 -8.81
CA ASN D 224 4.18 -22.90 -9.20
C ASN D 224 5.14 -23.91 -9.76
N TRP D 225 5.19 -23.95 -11.10
CA TRP D 225 5.96 -24.93 -11.84
C TRP D 225 7.45 -24.70 -11.72
N ILE D 226 7.86 -23.42 -11.55
CA ILE D 226 9.30 -23.14 -11.30
C ILE D 226 9.63 -23.76 -9.91
N ALA D 227 8.68 -23.67 -8.94
CA ALA D 227 8.95 -24.19 -7.58
C ALA D 227 9.05 -25.71 -7.61
N ILE D 228 8.18 -26.36 -8.39
CA ILE D 228 8.24 -27.83 -8.57
C ILE D 228 9.58 -28.31 -9.11
N GLU D 229 10.07 -27.64 -10.16
CA GLU D 229 11.35 -27.96 -10.73
C GLU D 229 12.51 -27.56 -9.79
N MET D 230 12.36 -26.49 -9.05
CA MET D 230 13.30 -26.16 -8.04
C MET D 230 13.49 -27.34 -7.05
N ILE D 231 12.40 -27.93 -6.65
CA ILE D 231 12.42 -29.00 -5.70
C ILE D 231 13.07 -30.20 -6.34
N ARG D 232 12.74 -30.47 -7.59
CA ARG D 232 13.38 -31.59 -8.23
C ARG D 232 14.90 -31.33 -8.34
N ASP D 233 15.28 -30.06 -8.54
CA ASP D 233 16.70 -29.68 -8.55
C ASP D 233 17.37 -29.88 -7.13
N ILE D 234 16.72 -29.44 -6.05
CA ILE D 234 17.26 -29.64 -4.70
C ILE D 234 17.53 -31.17 -4.55
N ARG D 235 16.50 -31.96 -4.81
CA ARG D 235 16.57 -33.41 -4.72
C ARG D 235 17.72 -34.02 -5.51
N ARG D 236 18.05 -33.45 -6.67
CA ARG D 236 19.23 -33.93 -7.37
C ARG D 236 20.53 -33.28 -6.99
N GLY D 237 20.48 -32.29 -6.12
CA GLY D 237 21.65 -31.44 -5.81
C GLY D 237 22.13 -30.72 -7.05
N ASN D 238 21.20 -30.27 -7.88
CA ASN D 238 21.51 -29.55 -9.14
C ASN D 238 21.51 -28.07 -8.82
N TRP D 239 22.58 -27.35 -9.13
CA TRP D 239 22.69 -25.97 -8.63
C TRP D 239 21.60 -25.00 -9.20
N LYS D 240 20.89 -25.42 -10.25
CA LYS D 240 19.83 -24.54 -10.78
C LYS D 240 18.79 -24.14 -9.70
N ALA D 241 18.76 -24.89 -8.59
CA ALA D 241 17.79 -24.77 -7.55
C ALA D 241 17.80 -23.41 -6.89
N GLU D 242 18.98 -22.86 -6.66
CA GLU D 242 19.05 -21.56 -5.96
C GLU D 242 18.62 -20.48 -6.94
N SER D 243 18.88 -20.69 -8.22
CA SER D 243 18.51 -19.71 -9.26
C SER D 243 17.01 -19.71 -9.45
N ALA D 244 16.40 -20.90 -9.43
CA ALA D 244 14.94 -21.00 -9.56
C ALA D 244 14.30 -20.24 -8.45
N LYS D 245 14.93 -20.25 -7.27
CA LYS D 245 14.40 -19.54 -6.14
C LYS D 245 14.25 -18.05 -6.44
N ASN D 246 15.17 -17.47 -7.18
CA ASN D 246 15.04 -16.04 -7.54
C ASN D 246 13.90 -15.76 -8.52
N PHE D 247 13.35 -16.81 -9.13
CA PHE D 247 12.33 -16.67 -10.17
C PHE D 247 10.94 -17.11 -9.69
N LEU D 248 10.78 -17.36 -8.39
CA LEU D 248 9.56 -17.96 -7.90
C LEU D 248 8.33 -17.09 -8.14
N ASP D 249 8.57 -15.78 -8.24
CA ASP D 249 7.46 -14.84 -8.51
C ASP D 249 7.41 -14.39 -9.95
N TRP D 250 8.08 -15.12 -10.84
CA TRP D 250 8.16 -14.82 -12.29
C TRP D 250 6.84 -15.08 -12.96
N GLY D 251 6.41 -14.19 -13.84
CA GLY D 251 5.25 -14.47 -14.67
C GLY D 251 4.12 -13.46 -14.65
N VAL D 252 3.15 -13.64 -15.55
CA VAL D 252 1.95 -12.81 -15.51
C VAL D 252 0.92 -13.41 -14.54
N PRO D 253 0.47 -12.62 -13.56
CA PRO D 253 -0.63 -13.08 -12.69
C PRO D 253 -1.90 -13.44 -13.46
N THR D 254 -2.58 -14.52 -13.06
CA THR D 254 -3.82 -14.94 -13.72
C THR D 254 -4.77 -13.80 -14.13
N ALA D 255 -5.14 -12.94 -13.15
CA ALA D 255 -6.04 -11.81 -13.36
C ALA D 255 -5.55 -10.87 -14.45
N ALA D 256 -4.25 -10.58 -14.42
CA ALA D 256 -3.65 -9.70 -15.42
C ALA D 256 -3.63 -10.42 -16.77
N SER D 257 -3.34 -11.71 -16.76
CA SER D 257 -3.30 -12.44 -18.04
C SER D 257 -4.72 -12.54 -18.67
N ILE D 258 -5.77 -12.65 -17.84
CA ILE D 258 -7.10 -12.71 -18.39
C ILE D 258 -7.38 -11.34 -19.07
N MET D 259 -7.00 -10.23 -18.42
CA MET D 259 -7.21 -8.93 -18.98
C MET D 259 -6.36 -8.80 -20.23
N GLU D 260 -5.10 -9.19 -20.16
CA GLU D 260 -4.26 -9.04 -21.37
C GLU D 260 -4.74 -9.81 -22.63
N VAL D 261 -5.22 -11.02 -22.42
CA VAL D 261 -5.64 -11.84 -23.56
C VAL D 261 -7.00 -11.35 -24.11
N ARG D 262 -7.93 -11.06 -23.20
CA ARG D 262 -9.20 -10.55 -23.63
C ARG D 262 -9.00 -9.23 -24.41
N TYR D 263 -8.18 -8.35 -23.88
CA TYR D 263 -7.97 -7.01 -24.48
C TYR D 263 -7.29 -7.09 -25.84
N SER D 264 -6.28 -7.93 -25.96
CA SER D 264 -5.47 -7.94 -27.16
C SER D 264 -6.03 -8.89 -28.19
N VAL D 265 -6.85 -9.86 -27.80
CA VAL D 265 -7.58 -10.68 -28.73
C VAL D 265 -9.04 -10.84 -28.31
N PRO D 266 -9.83 -9.78 -28.61
CA PRO D 266 -11.19 -9.62 -28.09
C PRO D 266 -12.13 -10.76 -28.49
N ASP D 267 -11.92 -11.42 -29.62
CA ASP D 267 -12.77 -12.51 -30.04
C ASP D 267 -12.23 -13.90 -29.59
N SER D 268 -11.27 -13.94 -28.67
CA SER D 268 -10.70 -15.26 -28.31
C SER D 268 -11.69 -16.04 -27.49
N PHE D 269 -11.63 -17.34 -27.63
CA PHE D 269 -12.14 -18.21 -26.61
C PHE D 269 -11.04 -18.42 -25.51
N LEU D 270 -11.39 -18.08 -24.27
CA LEU D 270 -10.48 -17.89 -23.20
C LEU D 270 -10.82 -18.68 -21.91
N VAL D 271 -9.92 -19.58 -21.55
CA VAL D 271 -9.93 -20.24 -20.23
C VAL D 271 -9.07 -19.42 -19.29
N GLY D 272 -9.65 -18.97 -18.19
CA GLY D 272 -8.92 -18.26 -17.17
C GLY D 272 -8.54 -19.25 -16.07
N SER D 273 -7.26 -19.53 -15.93
CA SER D 273 -6.78 -20.51 -14.97
C SER D 273 -5.40 -20.09 -14.41
N GLY D 274 -4.95 -20.84 -13.40
CA GLY D 274 -3.75 -20.57 -12.60
C GLY D 274 -4.26 -20.06 -11.26
N GLY D 275 -4.34 -20.92 -10.25
CA GLY D 275 -4.74 -20.40 -8.96
C GLY D 275 -6.25 -20.29 -8.78
N ILE D 276 -7.06 -20.96 -9.61
CA ILE D 276 -8.52 -20.94 -9.34
C ILE D 276 -8.80 -21.98 -8.26
N ARG D 277 -9.27 -21.55 -7.08
CA ARG D 277 -9.39 -22.48 -5.93
C ARG D 277 -10.82 -22.56 -5.38
N SER D 278 -11.72 -21.74 -5.90
CA SER D 278 -13.06 -21.71 -5.37
C SER D 278 -13.96 -21.27 -6.50
N GLY D 279 -15.28 -21.46 -6.31
CA GLY D 279 -16.24 -20.94 -7.28
C GLY D 279 -16.34 -19.42 -7.31
N LEU D 280 -15.88 -18.77 -6.23
CA LEU D 280 -15.69 -17.30 -6.27
C LEU D 280 -14.56 -16.91 -7.22
N ASP D 281 -13.40 -17.55 -7.08
CA ASP D 281 -12.31 -17.30 -8.03
C ASP D 281 -12.78 -17.53 -9.48
N ALA D 282 -13.50 -18.63 -9.70
CA ALA D 282 -13.98 -18.94 -11.04
C ALA D 282 -14.93 -17.83 -11.51
N ALA D 283 -15.83 -17.36 -10.64
CA ALA D 283 -16.71 -16.21 -11.03
C ALA D 283 -15.93 -14.93 -11.42
N LYS D 284 -14.89 -14.62 -10.66
CA LYS D 284 -14.07 -13.45 -10.93
C LYS D 284 -13.37 -13.61 -12.23
N ALA D 285 -12.83 -14.83 -12.47
CA ALA D 285 -12.16 -15.09 -13.73
C ALA D 285 -13.03 -14.83 -14.95
N ILE D 286 -14.28 -15.29 -14.87
CA ILE D 286 -15.20 -15.11 -15.95
C ILE D 286 -15.66 -13.66 -16.05
N ALA D 287 -15.99 -13.06 -14.90
CA ALA D 287 -16.44 -11.68 -14.89
C ALA D 287 -15.39 -10.85 -15.53
N LEU D 288 -14.14 -11.11 -15.17
CA LEU D 288 -13.02 -10.33 -15.73
C LEU D 288 -12.80 -10.44 -17.22
N GLY D 289 -13.26 -11.52 -17.84
CA GLY D 289 -13.01 -11.63 -19.28
C GLY D 289 -12.92 -13.04 -19.80
N ALA D 290 -12.74 -14.02 -18.93
CA ALA D 290 -12.66 -15.44 -19.36
C ALA D 290 -14.02 -15.97 -19.76
N ASP D 291 -14.04 -16.96 -20.63
CA ASP D 291 -15.27 -17.65 -20.98
C ASP D 291 -15.49 -18.82 -20.09
N ILE D 292 -14.40 -19.37 -19.58
CA ILE D 292 -14.50 -20.46 -18.66
C ILE D 292 -13.32 -20.40 -17.70
N ALA D 293 -13.52 -20.95 -16.51
CA ALA D 293 -12.47 -21.04 -15.47
C ALA D 293 -11.88 -22.43 -15.47
N GLY D 294 -10.55 -22.56 -15.56
CA GLY D 294 -9.85 -23.86 -15.48
C GLY D 294 -9.21 -24.14 -14.12
N MET D 295 -9.07 -25.41 -13.77
CA MET D 295 -8.46 -25.78 -12.47
C MET D 295 -7.73 -27.04 -12.65
N ALA D 296 -6.60 -27.21 -11.93
CA ALA D 296 -5.88 -28.45 -11.98
C ALA D 296 -5.52 -28.96 -10.58
N LEU D 297 -4.60 -28.29 -9.88
CA LEU D 297 -4.12 -28.79 -8.60
C LEU D 297 -5.21 -29.24 -7.61
N PRO D 298 -6.22 -28.39 -7.30
CA PRO D 298 -7.14 -28.84 -6.26
C PRO D 298 -7.96 -30.05 -6.70
N VAL D 299 -8.16 -30.19 -8.01
CA VAL D 299 -8.77 -31.40 -8.53
C VAL D 299 -7.86 -32.61 -8.30
N LEU D 300 -6.57 -32.45 -8.54
CA LEU D 300 -5.61 -33.53 -8.28
C LEU D 300 -5.67 -33.97 -6.82
N LYS D 301 -5.60 -33.02 -5.91
CA LYS D 301 -5.53 -33.35 -4.50
C LYS D 301 -6.82 -34.06 -4.05
N SER D 302 -7.98 -33.64 -4.52
CA SER D 302 -9.22 -34.35 -4.18
C SER D 302 -9.30 -35.70 -4.80
N ALA D 303 -8.83 -35.84 -6.04
CA ALA D 303 -8.93 -37.11 -6.73
C ALA D 303 -8.14 -38.15 -5.95
N ILE D 304 -7.02 -37.71 -5.40
CA ILE D 304 -6.10 -38.63 -4.75
C ILE D 304 -6.81 -39.17 -3.54
N GLU D 305 -7.59 -38.29 -2.90
CA GLU D 305 -8.36 -38.63 -1.71
C GLU D 305 -9.54 -39.55 -2.05
N GLY D 306 -9.99 -39.54 -3.31
CA GLY D 306 -11.00 -40.51 -3.82
C GLY D 306 -12.16 -39.88 -4.57
N LYS D 307 -12.99 -40.73 -5.20
CA LYS D 307 -14.11 -40.34 -6.01
C LYS D 307 -15.10 -39.45 -5.25
N GLU D 308 -15.43 -39.81 -4.03
CA GLU D 308 -16.41 -39.05 -3.28
C GLU D 308 -15.87 -37.70 -2.83
N SER D 309 -14.59 -37.67 -2.49
CA SER D 309 -13.99 -36.40 -2.12
C SER D 309 -14.06 -35.44 -3.35
N LEU D 310 -13.81 -35.97 -4.54
CA LEU D 310 -13.80 -35.17 -5.76
C LEU D 310 -15.17 -34.73 -6.16
N GLU D 311 -16.14 -35.63 -6.06
CA GLU D 311 -17.54 -35.25 -6.21
C GLU D 311 -17.94 -34.09 -5.30
N GLN D 312 -17.56 -34.21 -4.05
CA GLN D 312 -17.85 -33.13 -3.07
C GLN D 312 -17.18 -31.78 -3.43
N PHE D 313 -15.90 -31.86 -3.83
CA PHE D 313 -15.16 -30.69 -4.27
C PHE D 313 -15.98 -29.99 -5.39
N PHE D 314 -16.50 -30.75 -6.33
CA PHE D 314 -17.18 -30.11 -7.45
C PHE D 314 -18.50 -29.49 -7.01
N ARG D 315 -19.22 -30.16 -6.09
CA ARG D 315 -20.49 -29.61 -5.61
C ARG D 315 -20.24 -28.25 -5.00
N LYS D 316 -19.14 -28.18 -4.27
CA LYS D 316 -18.72 -27.00 -3.58
C LYS D 316 -18.35 -25.88 -4.57
N ILE D 317 -17.59 -26.21 -5.61
CA ILE D 317 -17.16 -25.22 -6.57
C ILE D 317 -18.41 -24.65 -7.21
N ILE D 318 -19.28 -25.54 -7.64
CA ILE D 318 -20.47 -25.15 -8.37
C ILE D 318 -21.41 -24.30 -7.47
N PHE D 319 -21.62 -24.78 -6.24
CA PHE D 319 -22.36 -23.97 -5.30
C PHE D 319 -21.78 -22.54 -5.17
N GLU D 320 -20.46 -22.44 -5.09
CA GLU D 320 -19.84 -21.13 -4.91
C GLU D 320 -20.03 -20.25 -6.14
N LEU D 321 -19.85 -20.84 -7.30
CA LEU D 321 -20.00 -20.11 -8.52
C LEU D 321 -21.42 -19.54 -8.55
N LYS D 322 -22.41 -20.38 -8.23
CA LYS D 322 -23.79 -19.98 -8.29
C LYS D 322 -24.11 -18.94 -7.26
N ALA D 323 -23.44 -19.01 -6.11
CA ALA D 323 -23.64 -18.01 -5.06
C ALA D 323 -23.20 -16.67 -5.58
N ALA D 324 -22.06 -16.63 -6.26
CA ALA D 324 -21.53 -15.38 -6.80
C ALA D 324 -22.46 -14.84 -7.90
N MET D 325 -23.01 -15.74 -8.73
CA MET D 325 -23.98 -15.31 -9.74
C MET D 325 -25.23 -14.79 -9.07
N MET D 326 -25.68 -15.48 -8.02
CA MET D 326 -26.86 -15.01 -7.27
C MET D 326 -26.60 -13.59 -6.80
N LEU D 327 -25.42 -13.39 -6.21
CA LEU D 327 -25.13 -12.16 -5.45
C LEU D 327 -24.70 -11.03 -6.32
N THR D 328 -24.56 -11.28 -7.60
CA THR D 328 -24.34 -10.19 -8.56
C THR D 328 -25.58 -9.99 -9.48
N GLY D 329 -26.67 -10.70 -9.22
CA GLY D 329 -27.84 -10.64 -10.12
C GLY D 329 -27.64 -11.26 -11.50
N SER D 330 -26.81 -12.33 -11.56
CA SER D 330 -26.42 -12.90 -12.88
C SER D 330 -27.16 -14.19 -13.10
N LYS D 331 -28.18 -14.19 -13.98
CA LYS D 331 -29.02 -15.41 -14.17
C LYS D 331 -28.34 -16.46 -14.99
N ASP D 332 -27.27 -16.07 -15.66
CA ASP D 332 -26.57 -17.02 -16.54
C ASP D 332 -25.15 -16.59 -16.78
N VAL D 333 -24.43 -17.38 -17.56
CA VAL D 333 -23.02 -17.13 -17.80
C VAL D 333 -22.79 -15.81 -18.52
N ASP D 334 -23.60 -15.53 -19.53
CA ASP D 334 -23.48 -14.25 -20.25
C ASP D 334 -23.68 -13.07 -19.32
N ALA D 335 -24.66 -13.18 -18.41
CA ALA D 335 -24.88 -12.05 -17.48
C ALA D 335 -23.58 -11.84 -16.55
N LEU D 336 -22.96 -12.92 -16.10
CA LEU D 336 -21.77 -12.83 -15.23
C LEU D 336 -20.61 -12.15 -16.00
N LYS D 337 -20.47 -12.49 -17.29
CA LYS D 337 -19.46 -11.90 -18.12
C LYS D 337 -19.63 -10.36 -18.18
N LYS D 338 -20.83 -9.84 -17.92
CA LYS D 338 -20.99 -8.40 -17.95
C LYS D 338 -21.34 -7.77 -16.61
N THR D 339 -21.14 -8.52 -15.51
CA THR D 339 -21.55 -7.98 -14.25
C THR D 339 -20.54 -6.90 -13.81
N SER D 340 -20.99 -6.01 -12.97
CA SER D 340 -20.21 -4.89 -12.43
C SER D 340 -19.03 -5.36 -11.51
N ILE D 341 -17.81 -4.83 -11.73
CA ILE D 341 -16.65 -5.20 -10.91
C ILE D 341 -15.95 -3.96 -10.44
N VAL D 342 -15.00 -4.15 -9.51
CA VAL D 342 -14.06 -3.08 -9.17
C VAL D 342 -12.67 -3.67 -9.27
N ILE D 343 -11.78 -2.96 -9.92
CA ILE D 343 -10.41 -3.40 -9.98
C ILE D 343 -9.56 -2.38 -9.21
N LEU D 344 -8.71 -2.91 -8.32
CA LEU D 344 -7.94 -2.11 -7.38
C LEU D 344 -6.45 -2.41 -7.42
N GLY D 345 -5.74 -1.65 -6.60
CA GLY D 345 -4.35 -1.94 -6.25
C GLY D 345 -3.40 -2.25 -7.40
N LYS D 346 -2.58 -3.29 -7.21
CA LYS D 346 -1.54 -3.67 -8.20
C LYS D 346 -2.11 -4.09 -9.55
N LEU D 347 -3.23 -4.81 -9.58
CA LEU D 347 -3.82 -5.16 -10.91
C LEU D 347 -4.21 -3.88 -11.68
N LYS D 348 -4.84 -2.93 -10.99
CA LYS D 348 -5.05 -1.60 -11.60
C LYS D 348 -3.71 -0.97 -12.15
N GLU D 349 -2.64 -1.02 -11.36
CA GLU D 349 -1.39 -0.40 -11.82
C GLU D 349 -0.78 -1.16 -12.96
N TRP D 350 -0.87 -2.49 -12.94
CA TRP D 350 -0.43 -3.27 -14.08
C TRP D 350 -1.18 -2.85 -15.36
N ALA D 351 -2.50 -2.91 -15.32
CA ALA D 351 -3.33 -2.54 -16.45
C ALA D 351 -2.99 -1.14 -16.96
N GLU D 352 -2.83 -0.16 -16.05
CA GLU D 352 -2.50 1.20 -16.48
C GLU D 352 -1.14 1.24 -17.16
N TYR D 353 -0.15 0.56 -16.59
CA TYR D 353 1.17 0.66 -17.19
C TYR D 353 1.18 -0.03 -18.58
N ARG D 354 0.36 -1.05 -18.72
CA ARG D 354 0.37 -1.82 -19.95
C ARG D 354 -0.51 -1.17 -21.04
N GLY D 355 -1.07 0.01 -20.75
CA GLY D 355 -1.89 0.74 -21.72
C GLY D 355 -3.28 0.15 -21.82
N ILE D 356 -3.68 -0.65 -20.83
CA ILE D 356 -5.03 -1.18 -20.89
C ILE D 356 -6.01 -0.10 -20.45
N ASN D 357 -6.61 0.54 -21.45
CA ASN D 357 -7.60 1.57 -21.23
C ASN D 357 -8.82 0.88 -20.68
N LEU D 358 -9.19 1.23 -19.45
CA LEU D 358 -10.27 0.58 -18.72
C LEU D 358 -11.62 0.76 -19.38
N SER D 359 -11.88 1.96 -19.89
CA SER D 359 -13.10 2.21 -20.64
C SER D 359 -13.28 1.19 -21.76
N ILE D 360 -12.30 1.13 -22.66
CA ILE D 360 -12.43 0.14 -23.72
C ILE D 360 -12.34 -1.30 -23.17
N TYR D 361 -11.53 -1.54 -22.12
CA TYR D 361 -11.52 -2.85 -21.41
C TYR D 361 -12.95 -3.30 -21.04
N GLU D 362 -13.65 -2.43 -20.29
CA GLU D 362 -15.02 -2.62 -19.82
C GLU D 362 -15.93 -3.04 -20.96
N LYS D 363 -15.87 -2.24 -22.03
CA LYS D 363 -16.65 -2.55 -23.20
C LYS D 363 -16.28 -3.94 -23.83
N VAL D 364 -14.98 -4.24 -24.00
CA VAL D 364 -14.53 -5.54 -24.55
C VAL D 364 -14.89 -6.82 -23.71
N ARG D 365 -14.73 -6.76 -22.39
CA ARG D 365 -15.10 -7.88 -21.51
C ARG D 365 -16.64 -8.11 -21.50
N LYS D 366 -17.33 -6.97 -21.62
CA LYS D 366 -18.77 -6.78 -21.91
C LYS D 366 -19.61 -6.50 -20.65
#